data_1SSE
#
_entry.id   1SSE
#
_cell.length_a   1.000
_cell.length_b   1.000
_cell.length_c   1.000
_cell.angle_alpha   90.00
_cell.angle_beta   90.00
_cell.angle_gamma   90.00
#
_symmetry.space_group_name_H-M   'P 1'
#
loop_
_entity.id
_entity.type
_entity.pdbx_description
1 polymer 'AP-1 like transcription factor YAP1'
2 polymer 'AP-1 like transcription factor YAP1'
#
loop_
_entity_poly.entity_id
_entity_poly.type
_entity_poly.pdbx_seq_one_letter_code
_entity_poly.pdbx_strand_id
1 'polypeptide(L)' NLDSNMFSNDFNFENQFDEQVSEFCSKMNQVCGTR A
2 'polypeptide(L)'
;NGSSLQNADKINNGNDNDNDNDVVPSKEGSLLRCSEIWDRITTHPKYSDIDVDGLCSELMAKAKCSERGVVINAEDVQLA
LNKHMN
;
B
#
# COMPACT_ATOMS: atom_id res chain seq x y z
N ASN A 1 -10.58 -28.15 6.13
CA ASN A 1 -9.22 -27.72 6.56
C ASN A 1 -8.61 -26.81 5.49
N LEU A 2 -8.35 -25.58 5.82
CA LEU A 2 -7.75 -24.64 4.83
C LEU A 2 -6.32 -25.08 4.51
N ASP A 3 -5.46 -24.15 4.20
CA ASP A 3 -4.06 -24.51 3.87
C ASP A 3 -3.15 -23.29 4.08
N SER A 4 -3.73 -22.18 4.47
CA SER A 4 -2.90 -20.96 4.69
C SER A 4 -1.89 -21.22 5.80
N ASN A 5 -1.34 -20.19 6.39
CA ASN A 5 -0.34 -20.37 7.48
C ASN A 5 0.88 -21.11 6.94
N MET A 6 0.75 -22.38 6.67
CA MET A 6 1.91 -23.15 6.14
C MET A 6 2.57 -22.38 5.00
N PHE A 7 3.88 -22.37 4.96
CA PHE A 7 4.58 -21.63 3.88
C PHE A 7 4.44 -22.39 2.56
N SER A 8 4.92 -21.83 1.48
CA SER A 8 4.82 -22.53 0.17
C SER A 8 5.76 -23.74 0.15
N ASN A 9 5.76 -24.48 -0.92
CA ASN A 9 6.66 -25.67 -0.99
C ASN A 9 6.92 -26.02 -2.46
N ASP A 10 7.88 -25.38 -3.07
CA ASP A 10 8.18 -25.67 -4.51
C ASP A 10 9.61 -25.25 -4.83
N PHE A 11 10.58 -25.98 -4.35
CA PHE A 11 12.00 -25.62 -4.63
C PHE A 11 12.32 -25.89 -6.10
N ASN A 12 11.47 -26.63 -6.78
CA ASN A 12 11.73 -26.91 -8.22
C ASN A 12 11.60 -25.63 -9.03
N PHE A 13 11.06 -24.60 -8.43
CA PHE A 13 10.91 -23.31 -9.17
C PHE A 13 12.29 -22.80 -9.58
N GLU A 14 13.28 -22.98 -8.74
CA GLU A 14 14.64 -22.49 -9.09
C GLU A 14 15.65 -23.07 -8.09
N ASN A 15 15.45 -22.81 -6.83
CA ASN A 15 16.41 -23.33 -5.81
C ASN A 15 15.84 -23.09 -4.41
N GLN A 16 15.70 -21.84 -4.02
CA GLN A 16 15.15 -21.55 -2.67
C GLN A 16 13.63 -21.67 -2.70
N PHE A 17 13.01 -21.72 -1.55
CA PHE A 17 11.53 -21.85 -1.50
C PHE A 17 10.90 -20.53 -1.94
N ASP A 18 9.68 -20.57 -2.41
CA ASP A 18 9.01 -19.31 -2.86
C ASP A 18 8.60 -18.49 -1.64
N GLU A 19 8.07 -19.14 -0.63
CA GLU A 19 7.64 -18.40 0.59
C GLU A 19 6.73 -17.24 0.19
N GLN A 20 6.69 -16.21 0.98
CA GLN A 20 5.82 -15.04 0.64
C GLN A 20 6.25 -13.82 1.47
N VAL A 21 7.14 -14.01 2.40
CA VAL A 21 7.62 -12.86 3.23
C VAL A 21 9.08 -13.08 3.61
N SER A 22 9.97 -12.67 2.75
CA SER A 22 11.43 -12.86 3.00
C SER A 22 12.16 -11.52 2.91
N GLU A 23 13.20 -11.45 2.11
CA GLU A 23 13.95 -10.18 1.96
C GLU A 23 12.97 -9.04 1.76
N PHE A 24 11.88 -9.30 1.07
CA PHE A 24 10.87 -8.24 0.84
C PHE A 24 10.32 -7.77 2.19
N CYS A 25 9.64 -8.64 2.90
CA CYS A 25 9.06 -8.25 4.21
C CYS A 25 10.15 -8.19 5.29
N SER A 26 10.95 -9.21 5.36
CA SER A 26 12.02 -9.26 6.41
C SER A 26 12.86 -7.97 6.39
N LYS A 27 12.85 -7.23 5.30
CA LYS A 27 13.64 -5.96 5.26
C LYS A 27 12.69 -4.78 5.43
N MET A 28 11.43 -4.98 5.20
CA MET A 28 10.47 -3.88 5.41
C MET A 28 10.38 -3.64 6.92
N ASN A 29 10.69 -4.64 7.73
CA ASN A 29 10.64 -4.43 9.21
C ASN A 29 12.02 -3.96 9.66
N GLN A 30 13.05 -4.53 9.03
CA GLN A 30 14.47 -4.14 9.35
C GLN A 30 14.52 -2.65 9.64
N VAL A 31 13.77 -1.88 8.91
CA VAL A 31 13.74 -0.40 9.14
C VAL A 31 13.61 -0.11 10.65
N CYS A 32 13.28 -1.11 11.41
CA CYS A 32 13.13 -0.92 12.88
C CYS A 32 14.51 -0.74 13.52
N GLY A 33 15.53 -0.59 12.72
CA GLY A 33 16.90 -0.41 13.29
C GLY A 33 17.05 1.01 13.85
N THR A 34 17.58 1.14 15.03
CA THR A 34 17.74 2.49 15.62
C THR A 34 18.93 3.20 14.97
N ARG A 35 18.70 4.30 14.32
CA ARG A 35 19.82 5.04 13.67
C ARG A 35 20.72 5.65 14.73
N ASN B 1 -34.14 37.31 -8.17
CA ASN B 1 -34.16 37.06 -6.70
C ASN B 1 -32.80 37.45 -6.10
N GLY B 2 -32.09 38.32 -6.75
CA GLY B 2 -30.76 38.76 -6.22
C GLY B 2 -30.12 39.76 -7.18
N SER B 3 -29.34 40.66 -6.67
CA SER B 3 -28.68 41.67 -7.56
C SER B 3 -27.70 40.96 -8.49
N SER B 4 -27.38 39.73 -8.20
CA SER B 4 -26.42 38.97 -9.07
C SER B 4 -25.03 39.60 -8.98
N LEU B 5 -24.92 40.89 -9.16
CA LEU B 5 -23.59 41.55 -9.08
C LEU B 5 -23.16 41.63 -7.61
N GLN B 6 -23.78 40.85 -6.76
CA GLN B 6 -23.39 40.88 -5.32
C GLN B 6 -21.94 40.42 -5.18
N ASN B 7 -21.01 41.30 -5.43
CA ASN B 7 -19.57 40.92 -5.30
C ASN B 7 -19.21 40.82 -3.82
N ALA B 8 -19.02 39.62 -3.32
CA ALA B 8 -18.67 39.45 -1.88
C ALA B 8 -18.28 38.00 -1.62
N ASP B 9 -18.15 37.63 -0.38
CA ASP B 9 -17.77 36.22 -0.05
C ASP B 9 -18.21 35.89 1.38
N LYS B 10 -17.86 34.74 1.87
CA LYS B 10 -18.26 34.36 3.26
C LYS B 10 -17.42 35.15 4.25
N ILE B 11 -18.03 35.66 5.29
CA ILE B 11 -17.26 36.44 6.30
C ILE B 11 -16.57 35.48 7.27
N ASN B 12 -16.30 34.28 6.85
CA ASN B 12 -15.63 33.30 7.74
C ASN B 12 -14.18 33.75 8.00
N ASN B 13 -13.38 33.79 6.97
CA ASN B 13 -11.97 34.22 7.15
C ASN B 13 -11.32 33.39 8.26
N GLY B 14 -11.88 32.25 8.56
CA GLY B 14 -11.29 31.39 9.62
C GLY B 14 -10.04 30.69 9.08
N ASN B 15 -8.89 31.24 9.36
CA ASN B 15 -7.63 30.60 8.85
C ASN B 15 -7.31 29.36 9.70
N ASP B 16 -7.20 29.54 10.99
CA ASP B 16 -6.89 28.37 11.87
C ASP B 16 -5.64 27.66 11.35
N ASN B 17 -4.49 28.29 11.47
CA ASN B 17 -3.24 27.64 10.99
C ASN B 17 -2.80 26.56 11.98
N ASP B 18 -3.62 25.56 12.16
CA ASP B 18 -3.25 24.47 13.12
C ASP B 18 -2.13 23.63 12.51
N ASN B 19 -1.21 23.16 13.33
CA ASN B 19 -0.10 22.32 12.80
C ASN B 19 -0.63 20.93 12.45
N ASP B 20 0.22 20.06 11.98
CA ASP B 20 -0.23 18.69 11.62
C ASP B 20 -0.60 17.92 12.89
N ASN B 21 -1.75 18.19 13.44
CA ASN B 21 -2.16 17.47 14.68
C ASN B 21 -2.64 16.06 14.32
N ASP B 22 -1.73 15.21 13.93
CA ASP B 22 -2.12 13.82 13.57
C ASP B 22 -2.30 12.99 14.84
N VAL B 23 -3.52 12.74 15.22
CA VAL B 23 -3.77 11.94 16.45
C VAL B 23 -5.09 11.15 16.29
N VAL B 24 -5.02 9.86 16.40
CA VAL B 24 -6.25 9.04 16.25
C VAL B 24 -6.98 9.45 14.96
N PRO B 25 -6.39 9.16 13.82
CA PRO B 25 -6.99 9.51 12.52
C PRO B 25 -8.33 8.77 12.36
N SER B 26 -9.06 9.05 11.31
CA SER B 26 -10.36 8.36 11.10
C SER B 26 -10.76 8.49 9.63
N LYS B 27 -9.80 8.50 8.74
CA LYS B 27 -10.12 8.62 7.28
C LYS B 27 -10.19 7.22 6.66
N GLU B 28 -10.50 7.14 5.41
CA GLU B 28 -10.59 5.81 4.74
C GLU B 28 -9.18 5.26 4.53
N GLY B 29 -8.89 4.12 5.10
CA GLY B 29 -7.53 3.52 4.93
C GLY B 29 -7.35 2.39 5.94
N SER B 30 -7.30 1.17 5.49
CA SER B 30 -7.13 0.03 6.43
C SER B 30 -5.66 -0.15 6.77
N LEU B 31 -5.39 -0.88 7.81
CA LEU B 31 -3.99 -1.12 8.24
C LEU B 31 -3.49 -2.43 7.62
N LEU B 32 -2.47 -2.36 6.79
CA LEU B 32 -1.92 -3.60 6.14
C LEU B 32 -0.39 -3.63 6.31
N ARG B 33 0.21 -4.79 6.14
CA ARG B 33 1.70 -4.93 6.32
C ARG B 33 2.39 -5.17 4.97
N CYS B 34 3.56 -5.77 5.01
CA CYS B 34 4.35 -6.02 3.77
C CYS B 34 3.58 -6.89 2.77
N SER B 35 3.95 -8.14 2.64
CA SER B 35 3.25 -9.04 1.67
C SER B 35 1.75 -8.83 1.76
N GLU B 36 1.30 -8.26 2.83
CA GLU B 36 -0.15 -8.01 2.99
C GLU B 36 -0.67 -7.37 1.70
N ILE B 37 0.14 -6.51 1.13
CA ILE B 37 -0.27 -5.84 -0.12
C ILE B 37 -0.29 -6.88 -1.23
N TRP B 38 0.58 -7.87 -1.14
CA TRP B 38 0.62 -8.95 -2.18
C TRP B 38 -0.82 -9.38 -2.43
N ASP B 39 -1.60 -9.40 -1.38
CA ASP B 39 -3.03 -9.74 -1.55
C ASP B 39 -3.69 -8.61 -2.34
N ARG B 40 -3.38 -7.37 -1.99
CA ARG B 40 -3.97 -6.22 -2.74
C ARG B 40 -3.64 -6.39 -4.24
N ILE B 41 -2.39 -6.62 -4.54
CA ILE B 41 -1.96 -6.83 -5.96
C ILE B 41 -2.90 -7.82 -6.64
N THR B 42 -3.21 -8.91 -6.01
CA THR B 42 -4.11 -9.90 -6.68
C THR B 42 -5.53 -9.33 -6.80
N THR B 43 -6.09 -8.83 -5.73
CA THR B 43 -7.49 -8.30 -5.76
C THR B 43 -7.79 -7.40 -6.96
N HIS B 44 -6.83 -7.11 -7.83
CA HIS B 44 -7.15 -6.23 -9.01
C HIS B 44 -6.75 -6.94 -10.34
N PRO B 45 -7.72 -7.54 -11.03
CA PRO B 45 -7.45 -8.22 -12.32
C PRO B 45 -6.89 -7.22 -13.34
N LYS B 46 -6.62 -6.02 -12.94
CA LYS B 46 -6.08 -5.03 -13.90
C LYS B 46 -4.63 -5.37 -14.26
N TYR B 47 -3.67 -4.80 -13.57
CA TYR B 47 -2.25 -5.10 -13.88
C TYR B 47 -1.97 -4.62 -15.31
N SER B 48 -0.78 -4.20 -15.61
CA SER B 48 -0.47 -3.74 -16.99
C SER B 48 1.01 -3.39 -17.08
N ASP B 49 1.44 -2.38 -16.37
CA ASP B 49 2.87 -1.97 -16.41
C ASP B 49 3.24 -1.33 -15.07
N ILE B 50 3.30 -2.12 -14.02
CA ILE B 50 3.65 -1.56 -12.68
C ILE B 50 5.12 -1.89 -12.36
N ASP B 51 5.68 -1.24 -11.37
CA ASP B 51 7.10 -1.50 -10.98
C ASP B 51 7.12 -1.99 -9.53
N VAL B 52 7.57 -3.20 -9.32
CA VAL B 52 7.62 -3.72 -7.92
C VAL B 52 8.82 -3.12 -7.20
N ASP B 53 9.74 -2.58 -7.94
CA ASP B 53 10.95 -1.97 -7.30
C ASP B 53 10.57 -0.63 -6.67
N GLY B 54 9.69 0.11 -7.30
CA GLY B 54 9.29 1.43 -6.73
C GLY B 54 8.52 1.21 -5.44
N LEU B 55 7.72 0.18 -5.36
CA LEU B 55 6.96 -0.05 -4.10
C LEU B 55 7.96 -0.39 -3.00
N CYS B 56 9.07 -0.97 -3.36
CA CYS B 56 10.10 -1.33 -2.35
C CYS B 56 10.68 -0.08 -1.69
N SER B 57 11.15 0.87 -2.45
CA SER B 57 11.74 2.10 -1.82
C SER B 57 10.62 3.07 -1.43
N GLU B 58 9.40 2.74 -1.73
CA GLU B 58 8.25 3.62 -1.35
C GLU B 58 7.58 3.05 -0.09
N LEU B 59 7.37 1.76 -0.02
CA LEU B 59 6.71 1.18 1.21
C LEU B 59 7.78 0.86 2.27
N MET B 60 9.02 0.73 1.89
CA MET B 60 10.08 0.39 2.88
C MET B 60 10.45 1.58 3.77
N ALA B 61 10.31 2.80 3.30
CA ALA B 61 10.65 3.99 4.15
C ALA B 61 9.37 4.61 4.70
N LYS B 62 8.23 4.11 4.29
CA LYS B 62 6.95 4.61 4.87
C LYS B 62 6.60 3.62 5.98
N ALA B 63 7.29 2.52 6.00
CA ALA B 63 7.08 1.45 7.02
C ALA B 63 7.04 2.04 8.43
N LYS B 64 6.22 1.48 9.29
CA LYS B 64 6.12 1.97 10.71
C LYS B 64 6.35 0.77 11.64
N CYS B 65 7.57 0.52 11.99
CA CYS B 65 7.89 -0.64 12.88
C CYS B 65 6.98 -0.67 14.11
N SER B 66 6.25 -1.75 14.24
CA SER B 66 5.33 -1.95 15.41
C SER B 66 5.38 -3.43 15.79
N GLU B 67 4.96 -3.78 16.99
CA GLU B 67 5.00 -5.23 17.36
C GLU B 67 4.08 -6.00 16.43
N ARG B 68 3.10 -5.36 15.86
CA ARG B 68 2.20 -6.06 14.89
C ARG B 68 2.92 -6.13 13.55
N GLY B 69 4.22 -6.23 13.60
CA GLY B 69 5.03 -6.27 12.35
C GLY B 69 5.00 -4.86 11.75
N VAL B 70 5.48 -4.70 10.55
CA VAL B 70 5.46 -3.34 9.93
C VAL B 70 4.03 -3.01 9.51
N VAL B 71 3.58 -1.79 9.71
CA VAL B 71 2.19 -1.43 9.30
C VAL B 71 2.20 -0.09 8.55
N ILE B 72 1.47 -0.03 7.46
CA ILE B 72 1.42 1.23 6.64
C ILE B 72 -0.04 1.52 6.28
N ASN B 73 -0.37 2.76 6.03
CA ASN B 73 -1.78 3.09 5.66
C ASN B 73 -2.03 2.81 4.18
N ALA B 74 -3.11 2.14 3.88
CA ALA B 74 -3.45 1.80 2.47
C ALA B 74 -3.43 3.08 1.62
N GLU B 75 -3.35 4.22 2.22
CA GLU B 75 -3.31 5.49 1.42
C GLU B 75 -1.92 5.67 0.83
N ASP B 76 -0.92 5.04 1.36
CA ASP B 76 0.46 5.17 0.77
C ASP B 76 0.63 4.10 -0.32
N VAL B 77 0.09 2.92 -0.09
CA VAL B 77 0.22 1.85 -1.12
C VAL B 77 -0.76 2.13 -2.26
N GLN B 78 -1.82 2.82 -1.98
CA GLN B 78 -2.81 3.15 -3.05
C GLN B 78 -2.24 4.31 -3.89
N LEU B 79 -1.51 5.19 -3.27
CA LEU B 79 -0.90 6.32 -4.04
C LEU B 79 0.42 5.86 -4.63
N ALA B 80 1.01 4.83 -4.08
CA ALA B 80 2.29 4.32 -4.65
C ALA B 80 1.96 3.34 -5.78
N LEU B 81 0.83 2.70 -5.69
CA LEU B 81 0.43 1.74 -6.75
C LEU B 81 -0.33 2.50 -7.86
N ASN B 82 -0.89 3.64 -7.55
CA ASN B 82 -1.66 4.39 -8.59
C ASN B 82 -0.76 5.44 -9.27
N LYS B 83 0.39 5.73 -8.72
CA LYS B 83 1.29 6.75 -9.35
C LYS B 83 2.25 6.07 -10.33
N HIS B 84 2.29 4.76 -10.32
CA HIS B 84 3.22 4.02 -11.24
C HIS B 84 2.39 3.26 -12.29
N MET B 85 1.15 3.65 -12.47
CA MET B 85 0.29 2.96 -13.48
C MET B 85 0.31 3.75 -14.79
N ASN B 86 1.10 3.32 -15.74
CA ASN B 86 1.16 4.05 -17.04
C ASN B 86 0.00 3.59 -17.94
N ASN A 1 -3.85 -28.10 15.40
CA ASN A 1 -3.97 -29.34 14.60
C ASN A 1 -2.65 -29.60 13.87
N LEU A 2 -2.35 -30.85 13.60
CA LEU A 2 -1.08 -31.16 12.89
C LEU A 2 -1.20 -30.78 11.41
N ASP A 3 -2.11 -29.91 11.08
CA ASP A 3 -2.28 -29.51 9.66
C ASP A 3 -1.04 -28.75 9.19
N SER A 4 -0.08 -28.57 10.07
CA SER A 4 1.16 -27.84 9.67
C SER A 4 0.79 -26.49 9.07
N ASN A 5 1.76 -25.68 8.75
CA ASN A 5 1.46 -24.35 8.16
C ASN A 5 1.11 -24.53 6.67
N MET A 6 1.49 -23.58 5.84
CA MET A 6 1.17 -23.69 4.39
C MET A 6 2.25 -22.96 3.58
N PHE A 7 2.78 -23.60 2.57
CA PHE A 7 3.83 -22.94 1.74
C PHE A 7 3.17 -21.92 0.81
N SER A 8 3.77 -20.76 0.65
CA SER A 8 3.18 -19.74 -0.24
C SER A 8 3.50 -20.08 -1.70
N ASN A 9 2.85 -19.45 -2.63
CA ASN A 9 3.12 -19.74 -4.06
C ASN A 9 4.47 -19.15 -4.44
N ASP A 10 5.54 -19.87 -4.21
CA ASP A 10 6.88 -19.35 -4.57
C ASP A 10 7.09 -19.46 -6.08
N PHE A 11 8.32 -19.44 -6.52
CA PHE A 11 8.58 -19.55 -7.98
C PHE A 11 10.07 -19.85 -8.22
N ASN A 12 10.70 -20.48 -7.26
CA ASN A 12 12.15 -20.81 -7.42
C ASN A 12 12.56 -21.86 -6.39
N PHE A 13 13.74 -21.75 -5.86
CA PHE A 13 14.18 -22.75 -4.84
C PHE A 13 15.49 -22.28 -4.19
N GLU A 14 15.75 -20.99 -4.23
CA GLU A 14 17.00 -20.48 -3.61
C GLU A 14 16.92 -20.64 -2.09
N ASN A 15 15.74 -20.60 -1.54
CA ASN A 15 15.60 -20.76 -0.07
C ASN A 15 14.13 -20.97 0.29
N GLN A 16 13.34 -19.93 0.22
CA GLN A 16 11.89 -20.08 0.55
C GLN A 16 11.75 -20.77 1.90
N PHE A 17 12.01 -20.05 2.97
CA PHE A 17 11.89 -20.68 4.32
C PHE A 17 10.43 -20.67 4.75
N ASP A 18 9.53 -21.03 3.86
CA ASP A 18 8.09 -21.03 4.23
C ASP A 18 7.68 -19.65 4.74
N GLU A 19 7.51 -18.70 3.86
CA GLU A 19 7.12 -17.32 4.28
C GLU A 19 6.11 -16.75 3.28
N GLN A 20 5.78 -15.49 3.41
CA GLN A 20 4.81 -14.88 2.46
C GLN A 20 5.52 -14.48 1.17
N VAL A 21 6.63 -13.79 1.28
CA VAL A 21 7.40 -13.36 0.06
C VAL A 21 8.88 -13.70 0.25
N SER A 22 9.63 -12.84 0.90
CA SER A 22 11.10 -13.12 1.13
C SER A 22 11.82 -11.79 1.36
N GLU A 23 12.61 -11.37 0.42
CA GLU A 23 13.34 -10.09 0.53
C GLU A 23 12.33 -8.97 0.65
N PHE A 24 11.14 -9.19 0.15
CA PHE A 24 10.12 -8.13 0.21
C PHE A 24 9.71 -7.90 1.68
N CYS A 25 9.23 -8.92 2.33
CA CYS A 25 8.82 -8.76 3.75
C CYS A 25 10.05 -8.81 4.67
N SER A 26 10.86 -9.82 4.52
CA SER A 26 12.07 -9.95 5.39
C SER A 26 12.85 -8.62 5.46
N LYS A 27 12.76 -7.79 4.45
CA LYS A 27 13.48 -6.47 4.50
C LYS A 27 12.48 -5.37 4.85
N MET A 28 11.21 -5.64 4.76
CA MET A 28 10.24 -4.60 5.16
C MET A 28 10.28 -4.49 6.69
N ASN A 29 10.65 -5.55 7.39
CA ASN A 29 10.72 -5.44 8.88
C ASN A 29 12.10 -4.92 9.21
N GLN A 30 13.11 -5.37 8.47
CA GLN A 30 14.52 -4.91 8.68
C GLN A 30 14.51 -3.42 9.04
N VAL A 31 13.68 -2.66 8.37
CA VAL A 31 13.61 -1.19 8.68
C VAL A 31 13.53 -1.00 10.19
N CYS A 32 13.20 -2.06 10.89
CA CYS A 32 13.06 -2.01 12.37
C CYS A 32 14.38 -2.42 13.02
N GLY A 33 15.23 -3.11 12.30
CA GLY A 33 16.53 -3.53 12.90
C GLY A 33 17.51 -2.34 12.88
N THR A 34 18.34 -2.23 13.88
CA THR A 34 19.30 -1.09 13.91
C THR A 34 20.47 -1.39 12.97
N ARG A 35 20.54 -0.70 11.86
CA ARG A 35 21.66 -0.94 10.90
C ARG A 35 21.65 0.16 9.83
N ASN B 1 4.08 36.04 18.72
CA ASN B 1 4.08 37.38 19.37
C ASN B 1 5.05 38.31 18.65
N GLY B 2 4.54 39.15 17.80
CA GLY B 2 5.44 40.09 17.05
C GLY B 2 4.60 41.01 16.17
N SER B 3 5.06 42.22 15.94
CA SER B 3 4.29 43.16 15.08
C SER B 3 4.18 42.59 13.67
N SER B 4 2.98 42.41 13.18
CA SER B 4 2.80 41.85 11.81
C SER B 4 1.34 41.98 11.38
N LEU B 5 0.56 40.96 11.60
CA LEU B 5 -0.89 41.03 11.21
C LEU B 5 -0.99 41.45 9.73
N GLN B 6 -0.44 40.66 8.85
CA GLN B 6 -0.48 40.96 7.38
C GLN B 6 -0.47 42.48 7.13
N ASN B 7 -1.54 43.02 6.61
CA ASN B 7 -1.58 44.48 6.36
C ASN B 7 -3.03 44.91 6.10
N ALA B 8 -3.82 44.05 5.51
CA ALA B 8 -5.23 44.41 5.24
C ALA B 8 -6.00 43.16 4.80
N ASP B 9 -7.16 43.34 4.24
CA ASP B 9 -7.96 42.16 3.79
C ASP B 9 -7.29 41.53 2.56
N LYS B 10 -7.21 40.23 2.51
CA LYS B 10 -6.57 39.57 1.35
C LYS B 10 -7.24 40.03 0.06
N ILE B 11 -6.93 39.40 -1.06
CA ILE B 11 -7.54 39.79 -2.36
C ILE B 11 -8.02 38.54 -3.10
N ASN B 12 -7.11 37.81 -3.69
CA ASN B 12 -7.50 36.58 -4.43
C ASN B 12 -6.29 35.66 -4.56
N ASN B 13 -5.48 35.88 -5.56
CA ASN B 13 -4.28 35.01 -5.73
C ASN B 13 -4.70 33.54 -5.72
N GLY B 14 -3.76 32.63 -5.75
CA GLY B 14 -4.10 31.19 -5.73
C GLY B 14 -2.82 30.36 -5.74
N ASN B 15 -2.94 29.09 -6.01
CA ASN B 15 -1.72 28.22 -6.04
C ASN B 15 -0.94 28.40 -4.74
N ASP B 16 -1.62 28.41 -3.63
CA ASP B 16 -0.91 28.58 -2.32
C ASP B 16 0.06 27.41 -2.11
N ASN B 17 -0.19 26.31 -2.78
CA ASN B 17 0.72 25.15 -2.61
C ASN B 17 0.39 24.09 -3.68
N ASP B 18 0.04 24.51 -4.86
CA ASP B 18 -0.29 23.55 -5.94
C ASP B 18 -1.35 22.56 -5.43
N ASN B 19 -2.33 23.04 -4.72
CA ASN B 19 -3.39 22.15 -4.19
C ASN B 19 -4.53 22.98 -3.61
N ASP B 20 -5.60 22.35 -3.20
CA ASP B 20 -6.74 23.11 -2.63
C ASP B 20 -6.37 23.62 -1.23
N ASN B 21 -7.35 23.90 -0.42
CA ASN B 21 -7.05 24.40 0.96
C ASN B 21 -6.29 23.31 1.74
N ASP B 22 -6.35 23.36 3.05
CA ASP B 22 -5.64 22.33 3.85
C ASP B 22 -6.20 20.95 3.53
N VAL B 23 -5.36 19.98 3.29
CA VAL B 23 -5.85 18.62 2.96
C VAL B 23 -6.29 17.92 4.25
N VAL B 24 -6.39 18.68 5.32
CA VAL B 24 -6.80 18.13 6.65
C VAL B 24 -6.36 16.66 6.81
N PRO B 25 -5.06 16.44 6.85
CA PRO B 25 -4.52 15.06 6.99
C PRO B 25 -5.01 14.46 8.32
N SER B 26 -6.04 13.65 8.26
CA SER B 26 -6.56 13.03 9.51
C SER B 26 -7.56 11.93 9.16
N LYS B 27 -7.37 11.27 8.04
CA LYS B 27 -8.31 10.19 7.64
C LYS B 27 -7.82 8.85 8.18
N GLU B 28 -6.54 8.75 8.41
CA GLU B 28 -5.97 7.48 8.96
C GLU B 28 -6.56 6.28 8.21
N GLY B 29 -5.89 5.81 7.20
CA GLY B 29 -6.41 4.63 6.45
C GLY B 29 -6.36 3.41 7.35
N SER B 30 -6.07 2.26 6.80
CA SER B 30 -6.00 1.00 7.62
C SER B 30 -4.55 0.55 7.75
N LEU B 31 -4.30 -0.33 8.68
CA LEU B 31 -2.93 -0.85 8.90
C LEU B 31 -2.75 -2.15 8.13
N LEU B 32 -1.84 -2.19 7.18
CA LEU B 32 -1.63 -3.45 6.38
C LEU B 32 -0.12 -3.80 6.40
N ARG B 33 0.20 -5.07 6.38
CA ARG B 33 1.64 -5.49 6.42
C ARG B 33 2.21 -5.51 4.99
N CYS B 34 3.35 -6.14 4.80
CA CYS B 34 3.97 -6.18 3.45
C CYS B 34 3.14 -7.03 2.48
N SER B 35 3.37 -8.32 2.41
CA SER B 35 2.59 -9.19 1.48
C SER B 35 1.11 -8.83 1.57
N GLU B 36 0.74 -8.22 2.65
CA GLU B 36 -0.67 -7.80 2.83
C GLU B 36 -1.15 -7.11 1.56
N ILE B 37 -0.28 -6.32 0.98
CA ILE B 37 -0.69 -5.58 -0.24
C ILE B 37 -0.82 -6.60 -1.38
N TRP B 38 -0.02 -7.66 -1.33
CA TRP B 38 -0.09 -8.71 -2.39
C TRP B 38 -1.56 -9.03 -2.61
N ASP B 39 -2.31 -9.03 -1.55
CA ASP B 39 -3.77 -9.28 -1.70
C ASP B 39 -4.38 -8.06 -2.42
N ARG B 40 -3.97 -6.88 -2.03
CA ARG B 40 -4.51 -5.66 -2.73
C ARG B 40 -4.24 -5.78 -4.23
N ILE B 41 -3.17 -6.44 -4.58
CA ILE B 41 -2.81 -6.64 -6.02
C ILE B 41 -3.62 -7.79 -6.63
N THR B 42 -3.70 -8.91 -5.94
CA THR B 42 -4.46 -10.08 -6.48
C THR B 42 -5.77 -9.61 -7.11
N THR B 43 -6.41 -8.62 -6.52
CA THR B 43 -7.70 -8.12 -7.09
C THR B 43 -7.54 -7.92 -8.61
N HIS B 44 -6.51 -7.25 -9.03
CA HIS B 44 -6.31 -7.03 -10.49
C HIS B 44 -6.01 -8.37 -11.18
N PRO B 45 -6.44 -8.55 -12.43
CA PRO B 45 -6.18 -9.82 -13.14
C PRO B 45 -4.67 -10.04 -13.29
N LYS B 46 -3.96 -9.05 -13.77
CA LYS B 46 -2.48 -9.20 -13.96
C LYS B 46 -1.79 -7.87 -13.64
N TYR B 47 -0.92 -7.86 -12.66
CA TYR B 47 -0.21 -6.60 -12.28
C TYR B 47 1.21 -6.61 -12.86
N SER B 48 1.44 -5.83 -13.88
CA SER B 48 2.80 -5.78 -14.51
C SER B 48 3.20 -4.34 -14.81
N ASP B 49 2.43 -3.65 -15.61
CA ASP B 49 2.78 -2.24 -15.95
C ASP B 49 2.47 -1.33 -14.76
N ILE B 50 3.17 -1.49 -13.67
CA ILE B 50 2.92 -0.62 -12.47
C ILE B 50 4.26 -0.37 -11.75
N ASP B 51 5.34 -0.86 -12.27
CA ASP B 51 6.65 -0.65 -11.62
C ASP B 51 6.58 -1.20 -10.19
N VAL B 52 6.94 -2.44 -10.02
CA VAL B 52 6.91 -3.06 -8.66
C VAL B 52 8.14 -2.60 -7.88
N ASP B 53 9.12 -2.09 -8.57
CA ASP B 53 10.36 -1.61 -7.89
C ASP B 53 10.06 -0.29 -7.19
N GLY B 54 9.20 0.52 -7.75
CA GLY B 54 8.88 1.82 -7.11
C GLY B 54 8.12 1.58 -5.80
N LEU B 55 7.30 0.57 -5.75
CA LEU B 55 6.55 0.31 -4.49
C LEU B 55 7.54 -0.14 -3.42
N CYS B 56 8.61 -0.76 -3.82
CA CYS B 56 9.61 -1.24 -2.82
C CYS B 56 10.27 -0.04 -2.11
N SER B 57 10.72 0.96 -2.84
CA SER B 57 11.37 2.13 -2.18
C SER B 57 10.32 3.11 -1.67
N GLU B 58 9.06 2.85 -1.91
CA GLU B 58 7.99 3.76 -1.40
C GLU B 58 7.39 3.15 -0.13
N LEU B 59 7.12 1.87 -0.12
CA LEU B 59 6.53 1.23 1.09
C LEU B 59 7.64 0.81 2.08
N MET B 60 8.86 0.66 1.62
CA MET B 60 9.96 0.22 2.52
C MET B 60 10.37 1.32 3.50
N ALA B 61 10.23 2.58 3.13
CA ALA B 61 10.64 3.69 4.07
C ALA B 61 9.39 4.34 4.67
N LYS B 62 8.22 3.94 4.24
CA LYS B 62 6.98 4.49 4.85
C LYS B 62 6.61 3.55 6.01
N ALA B 63 7.24 2.40 6.00
CA ALA B 63 6.99 1.36 7.05
C ALA B 63 6.97 1.98 8.44
N LYS B 64 6.02 1.58 9.26
CA LYS B 64 5.92 2.11 10.66
C LYS B 64 6.20 0.94 11.62
N CYS B 65 7.44 0.77 12.00
CA CYS B 65 7.81 -0.36 12.89
C CYS B 65 6.96 -0.39 14.17
N SER B 66 6.24 -1.47 14.33
CA SER B 66 5.38 -1.69 15.53
C SER B 66 5.47 -3.17 15.92
N GLU B 67 5.14 -3.54 17.12
CA GLU B 67 5.23 -4.99 17.48
C GLU B 67 4.24 -5.79 16.64
N ARG B 68 3.22 -5.16 16.13
CA ARG B 68 2.26 -5.89 15.27
C ARG B 68 2.87 -6.01 13.88
N GLY B 69 4.17 -6.14 13.84
CA GLY B 69 4.88 -6.24 12.53
C GLY B 69 4.87 -4.85 11.90
N VAL B 70 5.27 -4.70 10.66
CA VAL B 70 5.25 -3.37 10.03
C VAL B 70 3.83 -2.99 9.63
N VAL B 71 3.43 -1.76 9.80
CA VAL B 71 2.05 -1.35 9.40
C VAL B 71 2.12 -0.01 8.66
N ILE B 72 1.32 0.14 7.62
CA ILE B 72 1.33 1.40 6.82
C ILE B 72 -0.11 1.84 6.57
N ASN B 73 -0.33 3.11 6.35
CA ASN B 73 -1.72 3.60 6.11
C ASN B 73 -2.07 3.46 4.62
N ALA B 74 -3.18 2.87 4.33
CA ALA B 74 -3.61 2.69 2.92
C ALA B 74 -3.46 3.99 2.13
N GLU B 75 -3.21 5.08 2.79
CA GLU B 75 -3.04 6.37 2.05
C GLU B 75 -1.64 6.44 1.41
N ASP B 76 -0.71 5.64 1.85
CA ASP B 76 0.64 5.67 1.20
C ASP B 76 0.63 4.73 -0.01
N VAL B 77 0.21 3.51 0.17
CA VAL B 77 0.15 2.57 -1.00
C VAL B 77 -0.80 3.15 -2.05
N GLN B 78 -1.96 3.60 -1.64
CA GLN B 78 -2.92 4.18 -2.64
C GLN B 78 -2.27 5.34 -3.38
N LEU B 79 -1.46 6.11 -2.70
CA LEU B 79 -0.77 7.25 -3.39
C LEU B 79 0.49 6.71 -4.07
N ALA B 80 0.98 5.58 -3.66
CA ALA B 80 2.18 5.01 -4.33
C ALA B 80 1.74 4.16 -5.53
N LEU B 81 0.60 3.52 -5.43
CA LEU B 81 0.11 2.69 -6.57
C LEU B 81 -0.64 3.59 -7.56
N ASN B 82 -1.79 4.09 -7.18
CA ASN B 82 -2.57 4.96 -8.12
C ASN B 82 -1.66 6.00 -8.77
N LYS B 83 -0.47 6.19 -8.25
CA LYS B 83 0.47 7.19 -8.84
C LYS B 83 1.46 6.49 -9.78
N HIS B 84 1.47 5.18 -9.76
CA HIS B 84 2.41 4.41 -10.65
C HIS B 84 1.61 3.67 -11.72
N MET B 85 0.35 4.01 -11.88
CA MET B 85 -0.48 3.34 -12.91
C MET B 85 -0.52 4.19 -14.19
N ASN B 86 -0.33 3.59 -15.33
CA ASN B 86 -0.36 4.37 -16.59
C ASN B 86 -0.32 3.41 -17.78
N ASN A 1 -9.37 -18.53 10.61
CA ASN A 1 -8.42 -17.77 9.75
C ASN A 1 -7.22 -18.65 9.42
N LEU A 2 -6.98 -19.66 10.21
CA LEU A 2 -5.82 -20.56 9.93
C LEU A 2 -6.04 -21.28 8.60
N ASP A 3 -5.64 -20.66 7.51
CA ASP A 3 -5.82 -21.30 6.18
C ASP A 3 -5.07 -20.50 5.12
N SER A 4 -5.79 -19.95 4.18
CA SER A 4 -5.13 -19.15 3.11
C SER A 4 -4.16 -20.04 2.31
N ASN A 5 -3.97 -19.76 1.06
CA ASN A 5 -3.04 -20.60 0.25
C ASN A 5 -1.61 -20.42 0.76
N MET A 6 -1.11 -21.38 1.48
CA MET A 6 0.28 -21.27 2.01
C MET A 6 1.27 -21.38 0.85
N PHE A 7 1.45 -22.56 0.32
CA PHE A 7 2.41 -22.72 -0.81
C PHE A 7 1.84 -22.04 -2.06
N SER A 8 2.54 -21.08 -2.59
CA SER A 8 2.05 -20.38 -3.80
C SER A 8 2.08 -21.34 -5.00
N ASN A 9 1.01 -21.40 -5.74
CA ASN A 9 0.97 -22.32 -6.92
C ASN A 9 2.01 -21.87 -7.95
N ASP A 10 2.85 -22.77 -8.40
CA ASP A 10 3.88 -22.39 -9.40
C ASP A 10 4.55 -23.66 -9.94
N PHE A 11 5.05 -24.49 -9.08
CA PHE A 11 5.71 -25.74 -9.54
C PHE A 11 5.96 -26.66 -8.34
N ASN A 12 4.96 -27.36 -7.89
CA ASN A 12 5.14 -28.27 -6.73
C ASN A 12 5.92 -29.51 -7.17
N PHE A 13 5.37 -30.68 -6.98
CA PHE A 13 6.10 -31.92 -7.39
C PHE A 13 7.51 -31.90 -6.82
N GLU A 14 7.68 -31.34 -5.65
CA GLU A 14 9.04 -31.29 -5.03
C GLU A 14 8.92 -30.82 -3.58
N ASN A 15 8.02 -29.92 -3.32
CA ASN A 15 7.84 -29.41 -1.93
C ASN A 15 9.15 -28.77 -1.44
N GLN A 16 9.12 -27.50 -1.17
CA GLN A 16 10.37 -26.82 -0.70
C GLN A 16 10.00 -25.44 -0.13
N PHE A 17 10.54 -25.09 1.00
CA PHE A 17 10.22 -23.76 1.60
C PHE A 17 10.37 -22.67 0.55
N ASP A 18 9.43 -21.76 0.47
CA ASP A 18 9.51 -20.67 -0.54
C ASP A 18 8.64 -19.49 -0.10
N GLU A 19 7.40 -19.49 -0.50
CA GLU A 19 6.49 -18.37 -0.10
C GLU A 19 7.11 -17.04 -0.54
N GLN A 20 6.37 -15.97 -0.41
CA GLN A 20 6.89 -14.63 -0.81
C GLN A 20 7.23 -13.82 0.45
N VAL A 21 6.89 -14.33 1.60
CA VAL A 21 7.19 -13.60 2.88
C VAL A 21 8.61 -13.93 3.32
N SER A 22 9.57 -13.46 2.57
CA SER A 22 10.99 -13.75 2.88
C SER A 22 11.83 -12.47 2.72
N GLU A 23 12.89 -12.54 1.96
CA GLU A 23 13.75 -11.34 1.74
C GLU A 23 12.87 -10.13 1.47
N PHE A 24 11.74 -10.34 0.85
CA PHE A 24 10.84 -9.21 0.54
C PHE A 24 10.32 -8.61 1.84
N CYS A 25 9.66 -9.40 2.65
CA CYS A 25 9.11 -8.88 3.93
C CYS A 25 10.18 -8.92 5.03
N SER A 26 10.93 -9.98 5.10
CA SER A 26 11.99 -10.09 6.16
C SER A 26 12.91 -8.87 6.09
N LYS A 27 13.01 -8.24 4.95
CA LYS A 27 13.88 -7.02 4.83
C LYS A 27 12.96 -5.80 4.99
N MET A 28 11.70 -5.99 4.72
CA MET A 28 10.76 -4.86 4.93
C MET A 28 10.63 -4.66 6.43
N ASN A 29 10.99 -5.66 7.21
CA ASN A 29 10.92 -5.50 8.69
C ASN A 29 12.20 -4.79 9.10
N GLN A 30 13.29 -5.16 8.44
CA GLN A 30 14.63 -4.53 8.71
C GLN A 30 14.42 -3.04 9.00
N VAL A 31 13.55 -2.43 8.24
CA VAL A 31 13.24 -0.97 8.44
C VAL A 31 13.09 -0.71 9.95
N CYS A 32 12.84 -1.74 10.69
CA CYS A 32 12.68 -1.64 12.16
C CYS A 32 13.96 -2.12 12.86
N GLY A 33 14.65 -3.05 12.27
CA GLY A 33 15.91 -3.56 12.90
C GLY A 33 17.02 -2.52 12.73
N THR A 34 17.53 -2.00 13.83
CA THR A 34 18.61 -0.98 13.74
C THR A 34 19.97 -1.67 13.93
N ARG A 35 20.84 -1.57 12.97
CA ARG A 35 22.18 -2.22 13.10
C ARG A 35 23.02 -1.46 14.14
N ASN B 1 -9.95 48.82 -4.10
CA ASN B 1 -10.52 47.68 -4.87
C ASN B 1 -11.38 46.81 -3.95
N GLY B 2 -12.39 46.19 -4.47
CA GLY B 2 -13.27 45.33 -3.62
C GLY B 2 -12.50 44.08 -3.20
N SER B 3 -11.27 44.25 -2.76
CA SER B 3 -10.48 43.06 -2.33
C SER B 3 -11.13 42.42 -1.10
N SER B 4 -11.46 43.21 -0.11
CA SER B 4 -12.10 42.65 1.11
C SER B 4 -13.46 42.05 0.75
N LEU B 5 -14.34 42.85 0.21
CA LEU B 5 -15.69 42.32 -0.18
C LEU B 5 -15.55 41.38 -1.38
N GLN B 6 -14.78 40.34 -1.23
CA GLN B 6 -14.60 39.38 -2.36
C GLN B 6 -15.95 38.77 -2.74
N ASN B 7 -16.26 38.69 -4.00
CA ASN B 7 -17.56 38.10 -4.42
C ASN B 7 -17.55 36.61 -4.13
N ALA B 8 -17.67 36.23 -2.89
CA ALA B 8 -17.67 34.78 -2.55
C ALA B 8 -18.07 34.60 -1.09
N ASP B 9 -19.33 34.37 -0.83
CA ASP B 9 -19.80 34.19 0.58
C ASP B 9 -19.19 32.90 1.14
N LYS B 10 -18.58 32.10 0.31
CA LYS B 10 -17.99 30.83 0.79
C LYS B 10 -16.76 31.14 1.64
N ILE B 11 -16.66 30.56 2.81
CA ILE B 11 -15.48 30.83 3.68
C ILE B 11 -14.21 30.36 2.97
N ASN B 12 -13.08 30.95 3.28
CA ASN B 12 -11.81 30.54 2.62
C ASN B 12 -10.65 30.71 3.60
N ASN B 13 -9.68 29.84 3.55
CA ASN B 13 -8.52 29.95 4.48
C ASN B 13 -7.71 31.21 4.13
N GLY B 14 -7.99 31.82 3.01
CA GLY B 14 -7.23 33.04 2.62
C GLY B 14 -5.82 32.64 2.17
N ASN B 15 -4.91 32.52 3.09
CA ASN B 15 -3.52 32.13 2.72
C ASN B 15 -2.74 31.77 3.99
N ASP B 16 -2.86 32.54 5.02
CA ASP B 16 -2.12 32.25 6.28
C ASP B 16 -2.68 33.10 7.41
N ASN B 17 -3.34 32.49 8.36
CA ASN B 17 -3.91 33.27 9.50
C ASN B 17 -4.46 32.31 10.54
N ASP B 18 -3.64 31.44 11.07
CA ASP B 18 -4.12 30.48 12.11
C ASP B 18 -2.93 29.74 12.70
N ASN B 19 -2.99 29.42 13.97
CA ASN B 19 -1.86 28.69 14.61
C ASN B 19 -1.74 27.30 13.99
N ASP B 20 -1.86 26.27 14.80
CA ASP B 20 -1.76 24.89 14.25
C ASP B 20 -2.84 24.67 13.20
N ASN B 21 -2.45 24.33 12.00
CA ASN B 21 -3.47 24.10 10.93
C ASN B 21 -4.35 22.90 11.29
N ASP B 22 -5.61 22.96 10.98
CA ASP B 22 -6.53 21.83 11.31
C ASP B 22 -6.03 20.56 10.61
N VAL B 23 -6.94 19.66 10.31
CA VAL B 23 -6.54 18.39 9.62
C VAL B 23 -7.51 18.13 8.46
N VAL B 24 -7.03 18.22 7.25
CA VAL B 24 -7.91 17.98 6.06
C VAL B 24 -7.87 16.50 5.61
N PRO B 25 -6.74 15.82 5.73
CA PRO B 25 -6.65 14.42 5.29
C PRO B 25 -7.53 13.54 6.19
N SER B 26 -8.50 12.88 5.62
CA SER B 26 -9.38 12.00 6.42
C SER B 26 -10.11 11.03 5.49
N LYS B 27 -9.80 9.77 5.59
CA LYS B 27 -10.47 8.77 4.70
C LYS B 27 -10.27 7.37 5.28
N GLU B 28 -11.21 6.49 5.08
CA GLU B 28 -11.06 5.11 5.62
C GLU B 28 -9.71 4.55 5.16
N GLY B 29 -8.95 3.99 6.07
CA GLY B 29 -7.63 3.42 5.69
C GLY B 29 -7.23 2.36 6.71
N SER B 30 -7.24 1.11 6.31
CA SER B 30 -6.85 0.03 7.26
C SER B 30 -5.34 -0.08 7.36
N LEU B 31 -4.88 -0.80 8.34
CA LEU B 31 -3.42 -0.98 8.54
C LEU B 31 -3.01 -2.28 7.85
N LEU B 32 -2.04 -2.24 6.97
CA LEU B 32 -1.60 -3.49 6.25
C LEU B 32 -0.09 -3.65 6.38
N ARG B 33 0.40 -4.86 6.30
CA ARG B 33 1.87 -5.13 6.45
C ARG B 33 2.55 -5.35 5.09
N CYS B 34 3.52 -6.22 5.06
CA CYS B 34 4.27 -6.49 3.79
C CYS B 34 3.45 -7.34 2.82
N SER B 35 3.71 -8.63 2.75
CA SER B 35 2.95 -9.52 1.82
C SER B 35 1.47 -9.19 1.90
N GLU B 36 1.07 -8.55 2.95
CA GLU B 36 -0.35 -8.17 3.10
C GLU B 36 -0.81 -7.51 1.80
N ILE B 37 0.05 -6.71 1.23
CA ILE B 37 -0.32 -6.01 -0.02
C ILE B 37 -0.42 -7.05 -1.13
N TRP B 38 0.38 -8.10 -1.04
CA TRP B 38 0.34 -9.17 -2.08
C TRP B 38 -1.13 -9.50 -2.34
N ASP B 39 -1.91 -9.53 -1.30
CA ASP B 39 -3.36 -9.78 -1.49
C ASP B 39 -3.93 -8.60 -2.26
N ARG B 40 -3.53 -7.39 -1.92
CA ARG B 40 -4.03 -6.20 -2.66
C ARG B 40 -3.71 -6.36 -4.17
N ILE B 41 -2.52 -6.80 -4.47
CA ILE B 41 -2.12 -7.01 -5.90
C ILE B 41 -3.06 -8.01 -6.57
N THR B 42 -3.34 -9.11 -5.95
CA THR B 42 -4.24 -10.12 -6.58
C THR B 42 -5.57 -9.47 -6.97
N THR B 43 -6.18 -8.75 -6.08
CA THR B 43 -7.49 -8.11 -6.39
C THR B 43 -7.31 -6.98 -7.41
N HIS B 44 -6.13 -6.84 -7.98
CA HIS B 44 -5.87 -5.75 -8.97
C HIS B 44 -5.50 -6.36 -10.34
N PRO B 45 -6.48 -6.66 -11.18
CA PRO B 45 -6.21 -7.24 -12.50
C PRO B 45 -5.27 -6.31 -13.29
N LYS B 46 -4.52 -6.86 -14.21
CA LYS B 46 -3.57 -6.04 -15.00
C LYS B 46 -2.63 -5.28 -14.06
N TYR B 47 -1.97 -5.98 -13.18
CA TYR B 47 -1.04 -5.31 -12.22
C TYR B 47 0.37 -5.30 -12.80
N SER B 48 0.52 -5.61 -14.07
CA SER B 48 1.88 -5.62 -14.67
C SER B 48 2.30 -4.18 -15.02
N ASP B 49 1.38 -3.38 -15.50
CA ASP B 49 1.74 -1.98 -15.85
C ASP B 49 2.27 -1.21 -14.63
N ILE B 50 2.51 -1.89 -13.53
CA ILE B 50 3.04 -1.20 -12.30
C ILE B 50 4.52 -1.50 -12.15
N ASP B 51 5.20 -0.79 -11.28
CA ASP B 51 6.65 -1.03 -11.04
C ASP B 51 6.82 -1.56 -9.63
N VAL B 52 7.32 -2.75 -9.48
CA VAL B 52 7.50 -3.31 -8.12
C VAL B 52 8.72 -2.66 -7.46
N ASP B 53 9.58 -2.07 -8.25
CA ASP B 53 10.79 -1.42 -7.69
C ASP B 53 10.44 -0.03 -7.15
N GLY B 54 9.63 0.71 -7.86
CA GLY B 54 9.25 2.07 -7.36
C GLY B 54 8.38 1.92 -6.12
N LEU B 55 7.36 1.10 -6.19
CA LEU B 55 6.48 0.92 -5.02
C LEU B 55 7.29 0.29 -3.87
N CYS B 56 8.39 -0.33 -4.19
CA CYS B 56 9.23 -0.95 -3.11
C CYS B 56 9.93 0.16 -2.32
N SER B 57 10.47 1.15 -3.00
CA SER B 57 11.15 2.27 -2.27
C SER B 57 10.09 3.24 -1.77
N GLU B 58 8.85 2.96 -2.05
CA GLU B 58 7.74 3.83 -1.57
C GLU B 58 7.14 3.23 -0.29
N LEU B 59 6.89 1.94 -0.25
CA LEU B 59 6.29 1.33 0.98
C LEU B 59 7.42 0.98 1.97
N MET B 60 8.59 0.70 1.48
CA MET B 60 9.72 0.30 2.38
C MET B 60 10.12 1.42 3.35
N ALA B 61 10.01 2.68 2.96
CA ALA B 61 10.40 3.79 3.89
C ALA B 61 9.15 4.47 4.45
N LYS B 62 7.98 4.11 4.00
CA LYS B 62 6.75 4.70 4.59
C LYS B 62 6.38 3.80 5.77
N ALA B 63 7.04 2.67 5.84
CA ALA B 63 6.80 1.67 6.92
C ALA B 63 6.69 2.34 8.30
N LYS B 64 5.75 1.92 9.10
CA LYS B 64 5.58 2.48 10.47
C LYS B 64 5.85 1.36 11.48
N CYS B 65 7.07 1.24 11.91
CA CYS B 65 7.45 0.15 12.85
C CYS B 65 6.57 0.13 14.11
N SER B 66 5.97 -1.02 14.33
CA SER B 66 5.10 -1.23 15.53
C SER B 66 5.33 -2.68 15.99
N GLU B 67 5.04 -3.01 17.23
CA GLU B 67 5.28 -4.41 17.67
C GLU B 67 4.39 -5.36 16.84
N ARG B 68 3.35 -4.85 16.24
CA ARG B 68 2.49 -5.72 15.40
C ARG B 68 3.16 -5.85 14.03
N GLY B 69 4.47 -5.84 14.04
CA GLY B 69 5.23 -5.93 12.76
C GLY B 69 5.13 -4.58 12.06
N VAL B 70 5.53 -4.46 10.83
CA VAL B 70 5.42 -3.16 10.13
C VAL B 70 3.97 -2.94 9.69
N VAL B 71 3.49 -1.72 9.72
CA VAL B 71 2.08 -1.46 9.28
C VAL B 71 2.04 -0.18 8.44
N ILE B 72 1.25 -0.17 7.39
CA ILE B 72 1.15 1.04 6.51
C ILE B 72 -0.32 1.37 6.27
N ASN B 73 -0.63 2.62 6.04
CA ASN B 73 -2.05 3.01 5.79
C ASN B 73 -2.37 2.84 4.31
N ALA B 74 -3.49 2.22 4.03
CA ALA B 74 -3.91 1.97 2.62
C ALA B 74 -3.80 3.26 1.76
N GLU B 75 -3.59 4.40 2.35
CA GLU B 75 -3.52 5.65 1.53
C GLU B 75 -2.10 5.89 1.00
N ASP B 76 -1.09 5.32 1.60
CA ASP B 76 0.29 5.52 1.06
C ASP B 76 0.50 4.52 -0.09
N VAL B 77 0.00 3.33 0.07
CA VAL B 77 0.13 2.33 -1.02
C VAL B 77 -0.81 2.72 -2.16
N GLN B 78 -2.06 2.97 -1.88
CA GLN B 78 -2.99 3.37 -2.97
C GLN B 78 -2.34 4.49 -3.79
N LEU B 79 -1.54 5.32 -3.17
CA LEU B 79 -0.85 6.39 -3.94
C LEU B 79 0.43 5.81 -4.56
N ALA B 80 0.90 4.68 -4.08
CA ALA B 80 2.13 4.07 -4.68
C ALA B 80 1.71 3.16 -5.84
N LEU B 81 0.57 2.53 -5.76
CA LEU B 81 0.13 1.64 -6.87
C LEU B 81 -0.62 2.45 -7.93
N ASN B 82 -1.18 3.57 -7.57
CA ASN B 82 -1.93 4.38 -8.58
C ASN B 82 -1.00 5.42 -9.23
N LYS B 83 0.17 5.62 -8.68
CA LYS B 83 1.12 6.60 -9.30
C LYS B 83 1.99 5.88 -10.34
N HIS B 84 1.86 4.59 -10.45
CA HIS B 84 2.67 3.81 -11.43
C HIS B 84 1.76 3.24 -12.52
N MET B 85 0.58 3.79 -12.67
CA MET B 85 -0.35 3.28 -13.73
C MET B 85 -0.22 4.15 -14.99
N ASN B 86 0.10 3.56 -16.10
CA ASN B 86 0.24 4.34 -17.36
C ASN B 86 -1.08 5.02 -17.69
N ASN A 1 -0.06 -39.71 7.59
CA ASN A 1 1.21 -38.92 7.51
C ASN A 1 0.90 -37.50 7.04
N LEU A 2 0.26 -37.36 5.92
CA LEU A 2 -0.07 -36.00 5.41
C LEU A 2 -1.13 -35.36 6.31
N ASP A 3 -0.89 -34.16 6.78
CA ASP A 3 -1.89 -33.50 7.66
C ASP A 3 -1.53 -32.02 7.80
N SER A 4 -1.23 -31.37 6.71
CA SER A 4 -0.87 -29.92 6.79
C SER A 4 -0.86 -29.32 5.38
N ASN A 5 -0.41 -28.11 5.24
CA ASN A 5 -0.37 -27.48 3.89
C ASN A 5 0.39 -26.15 3.96
N MET A 6 1.69 -26.21 4.17
CA MET A 6 2.48 -24.96 4.24
C MET A 6 2.66 -24.39 2.83
N PHE A 7 3.16 -23.19 2.72
CA PHE A 7 3.37 -22.59 1.37
C PHE A 7 4.42 -23.39 0.60
N SER A 8 5.23 -22.74 -0.19
CA SER A 8 6.28 -23.48 -0.96
C SER A 8 5.61 -24.49 -1.89
N ASN A 9 6.23 -24.79 -2.99
CA ASN A 9 5.64 -25.77 -3.94
C ASN A 9 5.79 -27.18 -3.36
N ASP A 10 4.71 -27.89 -3.23
CA ASP A 10 4.79 -29.27 -2.67
C ASP A 10 5.30 -30.22 -3.76
N PHE A 11 5.16 -29.84 -5.00
CA PHE A 11 5.63 -30.72 -6.10
C PHE A 11 5.67 -29.93 -7.42
N ASN A 12 4.53 -29.42 -7.84
CA ASN A 12 4.50 -28.65 -9.11
C ASN A 12 3.16 -27.94 -9.24
N PHE A 13 2.19 -28.33 -8.46
CA PHE A 13 0.85 -27.68 -8.55
C PHE A 13 0.92 -26.30 -7.89
N GLU A 14 1.86 -25.48 -8.29
CA GLU A 14 1.98 -24.13 -7.69
C GLU A 14 2.89 -23.25 -8.56
N ASN A 15 2.32 -22.49 -9.45
CA ASN A 15 3.15 -21.62 -10.33
C ASN A 15 3.80 -20.52 -9.49
N GLN A 16 4.84 -20.85 -8.78
CA GLN A 16 5.53 -19.83 -7.94
C GLN A 16 6.82 -20.45 -7.38
N PHE A 17 7.02 -21.72 -7.62
CA PHE A 17 8.24 -22.41 -7.11
C PHE A 17 8.31 -22.27 -5.59
N ASP A 18 8.72 -21.14 -5.08
CA ASP A 18 8.81 -21.01 -3.59
C ASP A 18 8.91 -19.53 -3.19
N GLU A 19 7.83 -18.95 -2.75
CA GLU A 19 7.86 -17.52 -2.30
C GLU A 19 8.09 -17.50 -0.78
N GLN A 20 7.10 -17.90 -0.03
CA GLN A 20 7.26 -17.93 1.45
C GLN A 20 7.47 -16.51 2.00
N VAL A 21 7.62 -15.54 1.14
CA VAL A 21 7.85 -14.15 1.63
C VAL A 21 9.14 -14.12 2.44
N SER A 22 10.16 -13.51 1.92
CA SER A 22 11.48 -13.47 2.62
C SER A 22 12.08 -12.06 2.60
N GLU A 23 13.20 -11.90 1.93
CA GLU A 23 13.87 -10.57 1.83
C GLU A 23 12.80 -9.52 1.60
N PHE A 24 11.70 -9.93 1.04
CA PHE A 24 10.62 -8.97 0.76
C PHE A 24 10.11 -8.40 2.09
N CYS A 25 9.51 -9.24 2.91
CA CYS A 25 8.98 -8.77 4.21
C CYS A 25 10.11 -8.74 5.25
N SER A 26 10.88 -9.79 5.31
CA SER A 26 11.98 -9.85 6.31
C SER A 26 12.81 -8.56 6.26
N LYS A 27 12.83 -7.89 5.13
CA LYS A 27 13.60 -6.60 5.03
C LYS A 27 12.60 -5.45 5.11
N MET A 28 11.34 -5.72 4.93
CA MET A 28 10.36 -4.64 5.07
C MET A 28 10.25 -4.28 6.55
N ASN A 29 10.56 -5.22 7.43
CA ASN A 29 10.49 -4.89 8.88
C ASN A 29 11.86 -4.31 9.27
N GLN A 30 12.91 -4.89 8.70
CA GLN A 30 14.31 -4.39 8.96
C GLN A 30 14.29 -2.87 9.09
N VAL A 31 13.51 -2.21 8.28
CA VAL A 31 13.45 -0.71 8.36
C VAL A 31 13.28 -0.28 9.82
N CYS A 32 12.98 -1.21 10.69
CA CYS A 32 12.82 -0.88 12.13
C CYS A 32 14.18 -0.60 12.74
N GLY A 33 15.14 -1.45 12.50
CA GLY A 33 16.50 -1.23 13.08
C GLY A 33 17.13 0.01 12.44
N THR A 34 17.93 0.74 13.19
CA THR A 34 18.60 1.97 12.65
C THR A 34 20.09 1.90 12.97
N ARG A 35 20.92 2.06 11.98
CA ARG A 35 22.39 2.01 12.21
C ARG A 35 22.82 3.23 13.03
N ASN B 1 -33.14 44.24 3.67
CA ASN B 1 -32.27 45.42 3.40
C ASN B 1 -31.78 45.37 1.94
N GLY B 2 -30.50 45.22 1.74
CA GLY B 2 -29.96 45.16 0.35
C GLY B 2 -28.44 45.21 0.39
N SER B 3 -27.83 44.30 1.09
CA SER B 3 -26.34 44.30 1.16
C SER B 3 -25.76 44.08 -0.24
N SER B 4 -25.07 45.05 -0.77
CA SER B 4 -24.48 44.90 -2.12
C SER B 4 -23.54 46.07 -2.41
N LEU B 5 -23.73 47.18 -1.74
CA LEU B 5 -22.84 48.35 -1.97
C LEU B 5 -21.41 47.98 -1.58
N GLN B 6 -20.44 48.72 -2.06
CA GLN B 6 -19.03 48.42 -1.71
C GLN B 6 -18.73 46.95 -2.02
N ASN B 7 -18.50 46.63 -3.26
CA ASN B 7 -18.20 45.23 -3.63
C ASN B 7 -16.95 44.76 -2.89
N ALA B 8 -16.89 43.49 -2.55
CA ALA B 8 -15.69 42.98 -1.82
C ALA B 8 -15.73 41.46 -1.79
N ASP B 9 -16.88 40.88 -2.01
CA ASP B 9 -16.98 39.39 -1.98
C ASP B 9 -16.22 38.81 -3.17
N LYS B 10 -14.91 38.94 -3.16
CA LYS B 10 -14.10 38.40 -4.29
C LYS B 10 -14.36 36.89 -4.42
N ILE B 11 -15.09 36.48 -5.41
CA ILE B 11 -15.37 35.04 -5.60
C ILE B 11 -14.07 34.29 -5.87
N ASN B 12 -13.63 33.48 -4.94
CA ASN B 12 -12.36 32.73 -5.14
C ASN B 12 -12.58 31.64 -6.19
N ASN B 13 -11.78 31.62 -7.22
CA ASN B 13 -11.94 30.59 -8.28
C ASN B 13 -11.73 29.20 -7.68
N GLY B 14 -12.44 28.21 -8.16
CA GLY B 14 -12.27 26.84 -7.61
C GLY B 14 -13.21 25.88 -8.35
N ASN B 15 -13.04 24.59 -8.15
CA ASN B 15 -13.92 23.61 -8.84
C ASN B 15 -15.36 23.80 -8.36
N ASP B 16 -16.31 23.31 -9.12
CA ASP B 16 -17.73 23.45 -8.71
C ASP B 16 -18.02 24.92 -8.37
N ASN B 17 -17.90 25.28 -7.12
CA ASN B 17 -18.16 26.70 -6.72
C ASN B 17 -17.67 26.92 -5.29
N ASP B 18 -17.36 25.87 -4.58
CA ASP B 18 -16.87 26.03 -3.19
C ASP B 18 -16.36 24.68 -2.68
N ASN B 19 -15.27 24.69 -1.96
CA ASN B 19 -14.72 23.41 -1.43
C ASN B 19 -13.59 23.71 -0.43
N ASP B 20 -13.11 24.92 -0.42
CA ASP B 20 -12.01 25.28 0.52
C ASP B 20 -12.58 25.36 1.95
N ASN B 21 -13.77 24.86 2.15
CA ASN B 21 -14.36 24.92 3.52
C ASN B 21 -13.54 24.02 4.46
N ASP B 22 -14.10 23.69 5.60
CA ASP B 22 -13.39 22.82 6.59
C ASP B 22 -11.92 23.24 6.68
N VAL B 23 -11.08 22.41 7.24
CA VAL B 23 -9.65 22.76 7.36
C VAL B 23 -8.89 21.57 7.95
N VAL B 24 -7.67 21.40 7.53
CA VAL B 24 -6.85 20.24 8.03
C VAL B 24 -7.71 18.97 8.07
N PRO B 25 -8.00 18.42 6.91
CA PRO B 25 -8.83 17.20 6.82
C PRO B 25 -8.10 16.03 7.49
N SER B 26 -8.70 14.87 7.51
CA SER B 26 -8.02 13.70 8.14
C SER B 26 -8.79 12.42 7.78
N LYS B 27 -8.09 11.38 7.45
CA LYS B 27 -8.76 10.10 7.08
C LYS B 27 -7.72 8.99 6.95
N GLU B 28 -7.48 8.27 8.01
CA GLU B 28 -6.47 7.17 7.95
C GLU B 28 -7.12 5.90 7.41
N GLY B 29 -6.43 5.18 6.57
CA GLY B 29 -7.01 3.93 6.01
C GLY B 29 -6.86 2.80 7.03
N SER B 30 -6.64 1.59 6.58
CA SER B 30 -6.47 0.44 7.53
C SER B 30 -5.00 0.09 7.66
N LEU B 31 -4.68 -0.66 8.67
CA LEU B 31 -3.27 -1.08 8.91
C LEU B 31 -3.04 -2.46 8.30
N LEU B 32 -2.14 -2.59 7.37
CA LEU B 32 -1.86 -3.92 6.73
C LEU B 32 -0.36 -4.21 6.79
N ARG B 33 0.00 -5.46 6.75
CA ARG B 33 1.44 -5.85 6.82
C ARG B 33 2.07 -5.87 5.44
N CYS B 34 3.31 -6.30 5.37
CA CYS B 34 4.07 -6.32 4.08
C CYS B 34 3.30 -7.08 2.99
N SER B 35 3.71 -8.29 2.71
CA SER B 35 3.05 -9.08 1.64
C SER B 35 1.53 -8.95 1.71
N GLU B 36 1.02 -8.52 2.82
CA GLU B 36 -0.45 -8.38 2.91
C GLU B 36 -0.94 -7.54 1.74
N ILE B 37 -0.12 -6.61 1.32
CA ILE B 37 -0.52 -5.76 0.18
C ILE B 37 -0.49 -6.62 -1.08
N TRP B 38 0.50 -7.48 -1.19
CA TRP B 38 0.62 -8.38 -2.38
C TRP B 38 -0.77 -8.91 -2.74
N ASP B 39 -1.54 -9.21 -1.74
CA ASP B 39 -2.92 -9.70 -2.03
C ASP B 39 -3.74 -8.51 -2.57
N ARG B 40 -3.58 -7.36 -1.97
CA ARG B 40 -4.33 -6.15 -2.44
C ARG B 40 -4.04 -5.88 -3.91
N ILE B 41 -2.94 -6.37 -4.44
CA ILE B 41 -2.61 -6.09 -5.88
C ILE B 41 -3.23 -7.14 -6.80
N THR B 42 -3.28 -8.36 -6.35
CA THR B 42 -3.85 -9.46 -7.20
C THR B 42 -5.31 -9.15 -7.55
N THR B 43 -6.06 -8.61 -6.62
CA THR B 43 -7.48 -8.30 -6.92
C THR B 43 -7.59 -7.18 -7.96
N HIS B 44 -6.51 -6.89 -8.66
CA HIS B 44 -6.54 -5.80 -9.70
C HIS B 44 -5.90 -6.33 -11.00
N PRO B 45 -6.59 -6.27 -12.13
CA PRO B 45 -6.01 -6.76 -13.40
C PRO B 45 -4.77 -5.94 -13.74
N LYS B 46 -4.79 -4.66 -13.45
CA LYS B 46 -3.62 -3.81 -13.76
C LYS B 46 -2.43 -4.26 -12.90
N TYR B 47 -1.86 -5.41 -13.21
CA TYR B 47 -0.70 -5.92 -12.43
C TYR B 47 0.45 -6.27 -13.40
N SER B 48 0.24 -6.07 -14.67
CA SER B 48 1.31 -6.39 -15.67
C SER B 48 2.32 -5.24 -15.71
N ASP B 49 1.91 -4.10 -16.19
CA ASP B 49 2.84 -2.94 -16.26
C ASP B 49 3.25 -2.51 -14.84
N ILE B 50 3.08 -1.25 -14.52
CA ILE B 50 3.44 -0.76 -13.17
C ILE B 50 4.89 -1.13 -12.80
N ASP B 51 5.43 -0.48 -11.80
CA ASP B 51 6.82 -0.77 -11.35
C ASP B 51 6.75 -1.32 -9.94
N VAL B 52 6.98 -2.60 -9.77
CA VAL B 52 6.92 -3.19 -8.41
C VAL B 52 8.18 -2.78 -7.63
N ASP B 53 9.19 -2.36 -8.33
CA ASP B 53 10.45 -1.95 -7.66
C ASP B 53 10.31 -0.51 -7.12
N GLY B 54 9.68 0.34 -7.87
CA GLY B 54 9.51 1.74 -7.39
C GLY B 54 8.53 1.76 -6.22
N LEU B 55 7.47 1.00 -6.29
CA LEU B 55 6.51 0.98 -5.16
C LEU B 55 7.20 0.32 -3.96
N CYS B 56 8.20 -0.48 -4.22
CA CYS B 56 8.92 -1.17 -3.11
C CYS B 56 9.73 -0.16 -2.30
N SER B 57 10.50 0.69 -2.93
CA SER B 57 11.31 1.68 -2.17
C SER B 57 10.41 2.86 -1.75
N GLU B 58 9.19 2.85 -2.20
CA GLU B 58 8.22 3.92 -1.80
C GLU B 58 7.30 3.37 -0.72
N LEU B 59 6.99 2.10 -0.77
CA LEU B 59 6.10 1.50 0.28
C LEU B 59 6.96 0.98 1.44
N MET B 60 8.16 0.58 1.15
CA MET B 60 9.06 0.00 2.20
C MET B 60 9.68 1.05 3.12
N ALA B 61 9.93 2.26 2.67
CA ALA B 61 10.54 3.28 3.58
C ALA B 61 9.44 4.15 4.18
N LYS B 62 8.22 3.96 3.80
CA LYS B 62 7.11 4.72 4.44
C LYS B 62 6.62 3.85 5.60
N ALA B 63 7.20 2.69 5.71
CA ALA B 63 6.83 1.71 6.78
C ALA B 63 6.87 2.34 8.17
N LYS B 64 6.00 1.88 9.05
CA LYS B 64 5.96 2.38 10.45
C LYS B 64 6.17 1.20 11.39
N CYS B 65 7.41 0.89 11.70
CA CYS B 65 7.70 -0.28 12.57
C CYS B 65 6.89 -0.24 13.87
N SER B 66 6.39 -1.39 14.25
CA SER B 66 5.59 -1.53 15.51
C SER B 66 5.96 -2.88 16.14
N GLU B 67 5.67 -3.09 17.39
CA GLU B 67 6.04 -4.40 18.00
C GLU B 67 5.20 -5.53 17.38
N ARG B 68 3.99 -5.26 16.99
CA ARG B 68 3.17 -6.33 16.36
C ARG B 68 3.71 -6.60 14.96
N GLY B 69 4.51 -5.70 14.45
CA GLY B 69 5.10 -5.85 13.09
C GLY B 69 4.96 -4.53 12.34
N VAL B 70 5.37 -4.46 11.11
CA VAL B 70 5.25 -3.19 10.34
C VAL B 70 3.79 -2.96 9.93
N VAL B 71 3.32 -1.74 10.00
CA VAL B 71 1.91 -1.45 9.59
C VAL B 71 1.90 -0.19 8.74
N ILE B 72 1.09 -0.17 7.70
CA ILE B 72 1.04 1.03 6.80
C ILE B 72 -0.42 1.35 6.48
N ASN B 73 -0.72 2.58 6.19
CA ASN B 73 -2.13 2.95 5.85
C ASN B 73 -2.39 2.67 4.37
N ALA B 74 -3.53 2.12 4.05
CA ALA B 74 -3.84 1.80 2.64
C ALA B 74 -3.82 3.08 1.78
N GLU B 75 -3.76 4.23 2.39
CA GLU B 75 -3.73 5.48 1.58
C GLU B 75 -2.32 5.71 1.05
N ASP B 76 -1.31 5.13 1.64
CA ASP B 76 0.07 5.31 1.10
C ASP B 76 0.30 4.28 0.00
N VAL B 77 -0.26 3.10 0.13
CA VAL B 77 -0.11 2.07 -0.92
C VAL B 77 -1.08 2.38 -2.06
N GLN B 78 -2.22 2.93 -1.75
CA GLN B 78 -3.20 3.29 -2.82
C GLN B 78 -2.59 4.38 -3.70
N LEU B 79 -1.88 5.31 -3.10
CA LEU B 79 -1.23 6.40 -3.88
C LEU B 79 0.12 5.91 -4.42
N ALA B 80 0.70 4.90 -3.82
CA ALA B 80 2.00 4.39 -4.37
C ALA B 80 1.67 3.39 -5.49
N LEU B 81 0.50 2.82 -5.44
CA LEU B 81 0.09 1.85 -6.51
C LEU B 81 -0.60 2.63 -7.66
N ASN B 82 -1.17 3.77 -7.36
CA ASN B 82 -1.85 4.57 -8.41
C ASN B 82 -0.86 5.55 -9.05
N LYS B 83 0.25 5.79 -8.41
CA LYS B 83 1.25 6.75 -8.97
C LYS B 83 2.26 5.98 -9.84
N HIS B 84 3.26 6.67 -10.32
CA HIS B 84 4.29 6.02 -11.17
C HIS B 84 3.60 5.08 -12.18
N MET B 85 2.35 5.32 -12.43
CA MET B 85 1.58 4.46 -13.39
C MET B 85 1.59 5.09 -14.77
N ASN B 86 1.72 4.30 -15.80
CA ASN B 86 1.74 4.86 -17.18
C ASN B 86 1.60 3.71 -18.19
N ASN A 1 -6.93 -10.04 18.60
CA ASN A 1 -6.79 -9.48 17.22
C ASN A 1 -7.97 -9.93 16.37
N LEU A 2 -8.14 -9.33 15.21
CA LEU A 2 -9.28 -9.73 14.33
C LEU A 2 -9.10 -11.18 13.90
N ASP A 3 -7.92 -11.71 14.07
CA ASP A 3 -7.68 -13.14 13.66
C ASP A 3 -8.11 -13.33 12.21
N SER A 4 -7.25 -13.02 11.28
CA SER A 4 -7.61 -13.18 9.85
C SER A 4 -7.74 -14.67 9.51
N ASN A 5 -8.29 -15.00 8.37
CA ASN A 5 -8.44 -16.43 7.99
C ASN A 5 -8.39 -16.57 6.47
N MET A 6 -8.17 -15.49 5.78
CA MET A 6 -8.11 -15.56 4.28
C MET A 6 -6.67 -15.79 3.84
N PHE A 7 -5.94 -16.61 4.56
CA PHE A 7 -4.52 -16.87 4.18
C PHE A 7 -4.47 -17.51 2.80
N SER A 8 -3.33 -18.00 2.40
CA SER A 8 -3.23 -18.64 1.06
C SER A 8 -3.71 -17.66 -0.01
N ASN A 9 -4.40 -18.14 -1.01
CA ASN A 9 -4.91 -17.23 -2.07
C ASN A 9 -6.02 -17.94 -2.86
N ASP A 10 -7.20 -18.00 -2.30
CA ASP A 10 -8.32 -18.68 -3.02
C ASP A 10 -7.92 -20.11 -3.37
N PHE A 11 -8.85 -20.91 -3.78
CA PHE A 11 -8.51 -22.32 -4.14
C PHE A 11 -7.71 -22.96 -3.00
N ASN A 12 -8.10 -22.72 -1.78
CA ASN A 12 -7.35 -23.31 -0.63
C ASN A 12 -7.56 -24.83 -0.62
N PHE A 13 -7.00 -25.52 -1.58
CA PHE A 13 -7.17 -27.00 -1.62
C PHE A 13 -6.37 -27.63 -0.48
N GLU A 14 -5.10 -27.31 -0.38
CA GLU A 14 -4.26 -27.89 0.71
C GLU A 14 -3.26 -26.83 1.18
N ASN A 15 -3.30 -25.66 0.59
CA ASN A 15 -2.35 -24.59 1.00
C ASN A 15 -2.64 -24.20 2.46
N GLN A 16 -1.72 -24.48 3.35
CA GLN A 16 -1.93 -24.13 4.79
C GLN A 16 -0.62 -23.59 5.37
N PHE A 17 0.22 -23.03 4.54
CA PHE A 17 1.51 -22.48 5.05
C PHE A 17 1.27 -21.10 5.67
N ASP A 18 1.65 -20.05 4.99
CA ASP A 18 1.44 -18.69 5.54
C ASP A 18 1.85 -17.65 4.50
N GLU A 19 0.92 -17.19 3.71
CA GLU A 19 1.26 -16.17 2.67
C GLU A 19 2.50 -16.61 1.90
N GLN A 20 3.61 -15.94 2.09
CA GLN A 20 4.86 -16.34 1.37
C GLN A 20 6.07 -15.91 2.19
N VAL A 21 6.12 -14.67 2.58
CA VAL A 21 7.29 -14.18 3.38
C VAL A 21 8.56 -14.37 2.56
N SER A 22 9.19 -13.29 2.25
CA SER A 22 10.44 -13.37 1.45
C SER A 22 11.18 -12.04 1.51
N GLU A 23 12.17 -11.87 0.67
CA GLU A 23 12.94 -10.60 0.67
C GLU A 23 11.99 -9.41 0.70
N PHE A 24 10.74 -9.63 0.37
CA PHE A 24 9.77 -8.51 0.39
C PHE A 24 9.37 -8.26 1.85
N CYS A 25 9.13 -9.32 2.58
CA CYS A 25 8.75 -9.18 4.02
C CYS A 25 10.03 -9.11 4.86
N SER A 26 10.94 -10.00 4.61
CA SER A 26 12.21 -10.03 5.41
C SER A 26 12.91 -8.67 5.42
N LYS A 27 12.78 -7.88 4.37
CA LYS A 27 13.46 -6.53 4.37
C LYS A 27 12.44 -5.42 4.62
N MET A 28 11.18 -5.68 4.44
CA MET A 28 10.20 -4.61 4.76
C MET A 28 10.12 -4.52 6.27
N ASN A 29 10.43 -5.59 6.97
CA ASN A 29 10.40 -5.52 8.46
C ASN A 29 11.74 -4.91 8.89
N GLN A 30 12.81 -5.36 8.26
CA GLN A 30 14.18 -4.83 8.56
C GLN A 30 14.09 -3.34 8.87
N VAL A 31 13.25 -2.64 8.16
CA VAL A 31 13.09 -1.17 8.42
C VAL A 31 12.96 -0.94 9.93
N CYS A 32 12.68 -1.99 10.65
CA CYS A 32 12.54 -1.90 12.14
C CYS A 32 13.91 -2.14 12.78
N GLY A 33 14.97 -2.00 12.02
CA GLY A 33 16.33 -2.23 12.59
C GLY A 33 16.76 -0.99 13.39
N THR A 34 16.99 -1.15 14.67
CA THR A 34 17.41 0.01 15.50
C THR A 34 18.89 0.31 15.26
N ARG A 35 19.19 1.40 14.60
CA ARG A 35 20.63 1.73 14.34
C ARG A 35 20.71 3.14 13.75
N ASN B 1 -15.12 31.21 -26.81
CA ASN B 1 -14.38 29.92 -26.86
C ASN B 1 -12.89 30.18 -26.60
N GLY B 2 -12.57 31.24 -25.93
CA GLY B 2 -11.14 31.54 -25.64
C GLY B 2 -11.04 32.81 -24.78
N SER B 3 -12.16 33.36 -24.41
CA SER B 3 -12.13 34.59 -23.57
C SER B 3 -11.50 34.28 -22.21
N SER B 4 -10.23 34.56 -22.07
CA SER B 4 -9.55 34.27 -20.77
C SER B 4 -10.18 35.14 -19.67
N LEU B 5 -10.69 36.29 -20.01
CA LEU B 5 -11.31 37.17 -19.00
C LEU B 5 -12.61 36.53 -18.48
N GLN B 6 -12.65 36.18 -17.24
CA GLN B 6 -13.89 35.55 -16.69
C GLN B 6 -14.30 34.36 -17.57
N ASN B 7 -15.49 33.86 -17.38
CA ASN B 7 -15.95 32.70 -18.21
C ASN B 7 -14.90 31.60 -18.14
N ALA B 8 -14.46 31.24 -16.97
CA ALA B 8 -13.45 30.16 -16.83
C ALA B 8 -13.29 29.80 -15.36
N ASP B 9 -13.46 28.54 -15.03
CA ASP B 9 -13.33 28.12 -13.60
C ASP B 9 -14.28 28.93 -12.73
N LYS B 10 -15.34 28.33 -12.26
CA LYS B 10 -16.32 29.06 -11.40
C LYS B 10 -16.90 28.10 -10.37
N ILE B 11 -16.75 26.82 -10.58
CA ILE B 11 -17.30 25.84 -9.61
C ILE B 11 -16.45 25.85 -8.34
N ASN B 12 -15.26 26.39 -8.41
CA ASN B 12 -14.39 26.44 -7.21
C ASN B 12 -13.20 27.37 -7.48
N ASN B 13 -12.61 27.91 -6.44
CA ASN B 13 -11.47 28.83 -6.64
C ASN B 13 -10.23 28.03 -7.05
N GLY B 14 -9.39 27.68 -6.11
CA GLY B 14 -8.17 26.90 -6.45
C GLY B 14 -8.58 25.51 -6.94
N ASN B 15 -7.74 24.89 -7.72
CA ASN B 15 -8.08 23.53 -8.23
C ASN B 15 -7.92 22.51 -7.11
N ASP B 16 -8.82 21.56 -7.02
CA ASP B 16 -8.71 20.53 -5.95
C ASP B 16 -7.61 19.54 -6.30
N ASN B 17 -7.33 18.60 -5.43
CA ASN B 17 -6.27 17.59 -5.70
C ASN B 17 -4.90 18.28 -5.75
N ASP B 18 -4.82 19.42 -6.38
CA ASP B 18 -3.51 20.13 -6.45
C ASP B 18 -2.98 20.37 -5.04
N ASN B 19 -3.41 21.45 -4.42
CA ASN B 19 -2.93 21.74 -3.03
C ASN B 19 -3.46 20.67 -2.08
N ASP B 20 -2.60 20.09 -1.29
CA ASP B 20 -3.06 19.04 -0.32
C ASP B 20 -1.92 18.73 0.66
N ASN B 21 -1.31 19.73 1.20
CA ASN B 21 -0.20 19.48 2.17
C ASN B 21 -0.78 18.91 3.47
N ASP B 22 -1.81 19.52 3.98
CA ASP B 22 -2.43 19.01 5.24
C ASP B 22 -3.75 19.73 5.49
N VAL B 23 -4.71 19.54 4.62
CA VAL B 23 -6.03 20.20 4.81
C VAL B 23 -6.82 19.46 5.88
N VAL B 24 -8.09 19.29 5.68
CA VAL B 24 -8.93 18.57 6.68
C VAL B 24 -8.38 17.14 6.86
N PRO B 25 -8.21 16.66 8.08
CA PRO B 25 -7.70 15.28 8.30
C PRO B 25 -8.66 14.28 7.63
N SER B 26 -8.19 13.57 6.64
CA SER B 26 -9.07 12.58 5.97
C SER B 26 -9.13 11.30 6.82
N LYS B 27 -10.19 10.55 6.69
CA LYS B 27 -10.30 9.29 7.49
C LYS B 27 -9.28 8.27 6.98
N GLU B 28 -8.73 7.48 7.86
CA GLU B 28 -7.73 6.46 7.42
C GLU B 28 -8.46 5.30 6.73
N GLY B 29 -7.88 4.13 6.77
CA GLY B 29 -8.53 2.96 6.13
C GLY B 29 -8.09 1.69 6.85
N SER B 30 -7.91 0.60 6.13
CA SER B 30 -7.48 -0.65 6.80
C SER B 30 -5.96 -0.65 7.01
N LEU B 31 -5.50 -1.54 7.83
CA LEU B 31 -4.05 -1.64 8.11
C LEU B 31 -3.46 -2.76 7.26
N LEU B 32 -2.44 -2.47 6.46
CA LEU B 32 -1.83 -3.54 5.59
C LEU B 32 -0.30 -3.54 5.81
N ARG B 33 0.29 -4.72 5.82
CA ARG B 33 1.77 -4.84 6.06
C ARG B 33 2.50 -5.34 4.81
N CYS B 34 3.24 -6.42 4.93
CA CYS B 34 4.02 -6.97 3.77
C CYS B 34 3.09 -7.69 2.77
N SER B 35 3.18 -9.00 2.69
CA SER B 35 2.33 -9.76 1.73
C SER B 35 0.90 -9.24 1.82
N GLU B 36 0.59 -8.63 2.92
CA GLU B 36 -0.76 -8.04 3.12
C GLU B 36 -1.15 -7.26 1.86
N ILE B 37 -0.23 -6.47 1.38
CA ILE B 37 -0.52 -5.64 0.19
C ILE B 37 -0.68 -6.56 -1.01
N TRP B 38 0.02 -7.68 -1.02
CA TRP B 38 -0.11 -8.62 -2.18
C TRP B 38 -1.59 -8.80 -2.46
N ASP B 39 -2.37 -8.89 -1.42
CA ASP B 39 -3.84 -9.00 -1.63
C ASP B 39 -4.30 -7.71 -2.31
N ARG B 40 -3.80 -6.59 -1.87
CA ARG B 40 -4.20 -5.30 -2.51
C ARG B 40 -3.86 -5.38 -4.01
N ILE B 41 -2.74 -5.97 -4.35
CA ILE B 41 -2.32 -6.10 -5.78
C ILE B 41 -3.21 -7.13 -6.49
N THR B 42 -3.42 -8.28 -5.92
CA THR B 42 -4.26 -9.31 -6.59
C THR B 42 -5.53 -8.67 -7.17
N THR B 43 -6.11 -7.72 -6.49
CA THR B 43 -7.34 -7.07 -7.01
C THR B 43 -7.04 -6.40 -8.36
N HIS B 44 -5.81 -6.49 -8.82
CA HIS B 44 -5.43 -5.87 -10.12
C HIS B 44 -5.10 -6.99 -11.13
N PRO B 45 -6.05 -7.36 -11.99
CA PRO B 45 -5.80 -8.45 -12.95
C PRO B 45 -4.61 -8.08 -13.85
N LYS B 46 -4.42 -6.82 -14.11
CA LYS B 46 -3.28 -6.40 -14.98
C LYS B 46 -2.00 -7.07 -14.49
N TYR B 47 -1.36 -6.52 -13.51
CA TYR B 47 -0.10 -7.13 -12.98
C TYR B 47 0.97 -7.08 -14.07
N SER B 48 0.63 -6.62 -15.25
CA SER B 48 1.62 -6.55 -16.35
C SER B 48 2.50 -5.30 -16.19
N ASP B 49 1.98 -4.16 -16.56
CA ASP B 49 2.78 -2.90 -16.42
C ASP B 49 3.11 -2.66 -14.95
N ILE B 50 2.74 -1.52 -14.42
CA ILE B 50 3.01 -1.22 -12.98
C ILE B 50 4.49 -1.40 -12.68
N ASP B 51 4.92 -0.88 -11.55
CA ASP B 51 6.36 -1.00 -11.14
C ASP B 51 6.39 -1.56 -9.72
N VAL B 52 6.83 -2.77 -9.55
CA VAL B 52 6.88 -3.37 -8.20
C VAL B 52 8.11 -2.83 -7.45
N ASP B 53 9.04 -2.29 -8.19
CA ASP B 53 10.28 -1.74 -7.55
C ASP B 53 9.97 -0.41 -6.84
N GLY B 54 9.16 0.41 -7.44
CA GLY B 54 8.85 1.72 -6.79
C GLY B 54 8.08 1.49 -5.49
N LEU B 55 7.27 0.46 -5.44
CA LEU B 55 6.51 0.20 -4.18
C LEU B 55 7.49 -0.26 -3.10
N CYS B 56 8.58 -0.87 -3.51
CA CYS B 56 9.57 -1.35 -2.51
C CYS B 56 10.23 -0.17 -1.79
N SER B 57 10.72 0.82 -2.50
CA SER B 57 11.40 1.97 -1.82
C SER B 57 10.36 2.99 -1.32
N GLU B 58 9.12 2.76 -1.62
CA GLU B 58 8.04 3.68 -1.12
C GLU B 58 7.39 3.04 0.12
N LEU B 59 7.18 1.76 0.11
CA LEU B 59 6.55 1.08 1.29
C LEU B 59 7.62 0.70 2.33
N MET B 60 8.86 0.62 1.94
CA MET B 60 9.91 0.20 2.94
C MET B 60 10.28 1.35 3.90
N ALA B 61 10.15 2.58 3.48
CA ALA B 61 10.50 3.71 4.40
C ALA B 61 9.22 4.36 4.92
N LYS B 62 8.23 4.54 4.11
CA LYS B 62 6.97 5.13 4.66
C LYS B 62 6.48 4.16 5.74
N ALA B 63 7.03 2.97 5.72
CA ALA B 63 6.66 1.92 6.71
C ALA B 63 6.59 2.51 8.12
N LYS B 64 5.58 2.13 8.87
CA LYS B 64 5.44 2.63 10.28
C LYS B 64 5.90 1.49 11.20
N CYS B 65 7.15 1.50 11.56
CA CYS B 65 7.69 0.41 12.41
C CYS B 65 6.98 0.32 13.76
N SER B 66 6.66 -0.90 14.13
CA SER B 66 5.99 -1.19 15.43
C SER B 66 6.59 -2.49 15.97
N GLU B 67 6.46 -2.78 17.24
CA GLU B 67 7.06 -4.05 17.74
C GLU B 67 6.31 -5.25 17.14
N ARG B 68 5.07 -5.08 16.80
CA ARG B 68 4.33 -6.23 16.19
C ARG B 68 4.81 -6.39 14.74
N GLY B 69 5.48 -5.38 14.24
CA GLY B 69 6.00 -5.42 12.84
C GLY B 69 5.66 -4.09 12.16
N VAL B 70 5.93 -3.94 10.90
CA VAL B 70 5.61 -2.66 10.21
C VAL B 70 4.12 -2.61 9.86
N VAL B 71 3.60 -1.46 9.57
CA VAL B 71 2.16 -1.37 9.17
C VAL B 71 1.98 -0.22 8.20
N ILE B 72 1.17 -0.40 7.20
CA ILE B 72 0.94 0.66 6.17
C ILE B 72 -0.53 1.09 6.16
N ASN B 73 -0.80 2.36 6.15
CA ASN B 73 -2.22 2.82 6.10
C ASN B 73 -2.66 2.83 4.64
N ALA B 74 -3.82 2.31 4.36
CA ALA B 74 -4.30 2.24 2.95
C ALA B 74 -4.09 3.58 2.24
N GLU B 75 -3.80 4.63 2.97
CA GLU B 75 -3.60 5.95 2.32
C GLU B 75 -2.18 6.09 1.76
N ASP B 76 -1.24 5.31 2.24
CA ASP B 76 0.14 5.40 1.67
C ASP B 76 0.20 4.49 0.43
N VAL B 77 -0.08 3.23 0.58
CA VAL B 77 -0.08 2.32 -0.61
C VAL B 77 -0.94 2.97 -1.70
N GLN B 78 -2.11 3.43 -1.37
CA GLN B 78 -2.98 4.07 -2.40
C GLN B 78 -2.24 5.24 -3.05
N LEU B 79 -1.45 5.96 -2.29
CA LEU B 79 -0.69 7.10 -2.87
C LEU B 79 0.56 6.56 -3.58
N ALA B 80 1.02 5.40 -3.20
CA ALA B 80 2.22 4.83 -3.88
C ALA B 80 1.76 4.06 -5.13
N LEU B 81 0.77 3.22 -5.00
CA LEU B 81 0.30 2.46 -6.19
C LEU B 81 -0.34 3.43 -7.19
N ASN B 82 -1.48 3.98 -6.86
CA ASN B 82 -2.17 4.92 -7.80
C ASN B 82 -1.18 5.94 -8.37
N LYS B 83 -0.01 6.06 -7.79
CA LYS B 83 1.00 7.05 -8.31
C LYS B 83 2.02 6.36 -9.19
N HIS B 84 2.05 5.05 -9.19
CA HIS B 84 3.04 4.29 -10.03
C HIS B 84 2.30 3.56 -11.15
N MET B 85 1.06 3.89 -11.38
CA MET B 85 0.28 3.22 -12.46
C MET B 85 0.30 4.09 -13.71
N ASN B 86 0.71 3.54 -14.83
CA ASN B 86 0.76 4.33 -16.08
C ASN B 86 0.72 3.39 -17.29
N ASN A 1 6.96 -22.14 17.17
CA ASN A 1 6.80 -23.46 16.50
C ASN A 1 5.73 -23.34 15.41
N LEU A 2 4.85 -22.38 15.53
CA LEU A 2 3.78 -22.21 14.50
C LEU A 2 4.40 -21.63 13.22
N ASP A 3 5.56 -21.04 13.33
CA ASP A 3 6.22 -20.45 12.13
C ASP A 3 7.70 -20.23 12.41
N SER A 4 8.46 -21.28 12.56
CA SER A 4 9.91 -21.13 12.84
C SER A 4 10.60 -22.49 12.75
N ASN A 5 11.06 -22.85 11.58
CA ASN A 5 11.74 -24.17 11.44
C ASN A 5 12.47 -24.22 10.09
N MET A 6 13.48 -25.03 9.98
CA MET A 6 14.23 -25.12 8.70
C MET A 6 14.66 -23.72 8.25
N PHE A 7 15.54 -23.09 8.99
CA PHE A 7 15.99 -21.73 8.60
C PHE A 7 16.95 -21.82 7.43
N SER A 8 17.16 -20.74 6.72
CA SER A 8 18.09 -20.78 5.56
C SER A 8 17.71 -21.93 4.63
N ASN A 9 18.57 -22.28 3.72
CA ASN A 9 18.25 -23.40 2.79
C ASN A 9 19.51 -23.78 2.00
N ASP A 10 20.45 -22.88 1.90
CA ASP A 10 21.69 -23.19 1.14
C ASP A 10 22.49 -24.25 1.89
N PHE A 11 23.65 -24.61 1.39
CA PHE A 11 24.46 -25.64 2.08
C PHE A 11 25.13 -25.04 3.32
N ASN A 12 24.50 -24.06 3.92
CA ASN A 12 25.10 -23.43 5.13
C ASN A 12 25.11 -24.44 6.27
N PHE A 13 26.16 -24.46 7.05
CA PHE A 13 26.24 -25.42 8.18
C PHE A 13 25.23 -25.02 9.25
N GLU A 14 25.14 -23.75 9.55
CA GLU A 14 24.18 -23.30 10.59
C GLU A 14 24.09 -21.78 10.58
N ASN A 15 24.16 -21.18 9.42
CA ASN A 15 24.08 -19.69 9.33
C ASN A 15 22.69 -19.24 9.79
N GLN A 16 22.62 -18.13 10.48
CA GLN A 16 21.29 -17.63 10.95
C GLN A 16 20.45 -17.23 9.74
N PHE A 17 20.17 -15.96 9.58
CA PHE A 17 19.36 -15.51 8.42
C PHE A 17 18.07 -16.34 8.34
N ASP A 18 17.25 -16.29 9.35
CA ASP A 18 15.99 -17.07 9.32
C ASP A 18 15.01 -16.44 8.33
N GLU A 19 15.51 -15.97 7.22
CA GLU A 19 14.61 -15.34 6.22
C GLU A 19 13.97 -16.42 5.34
N GLN A 20 14.77 -17.19 4.65
CA GLN A 20 14.23 -18.26 3.77
C GLN A 20 13.47 -17.63 2.61
N VAL A 21 12.61 -16.70 2.89
CA VAL A 21 11.83 -16.03 1.81
C VAL A 21 11.03 -14.88 2.40
N SER A 22 11.49 -13.70 2.13
CA SER A 22 10.82 -12.48 2.62
C SER A 22 11.82 -11.33 2.56
N GLU A 23 12.83 -11.42 1.72
CA GLU A 23 13.79 -10.28 1.61
C GLU A 23 12.97 -9.02 1.52
N PHE A 24 11.76 -9.19 1.06
CA PHE A 24 10.81 -8.06 0.96
C PHE A 24 10.29 -7.70 2.34
N CYS A 25 9.58 -8.59 2.98
CA CYS A 25 9.05 -8.28 4.34
C CYS A 25 10.21 -8.24 5.33
N SER A 26 11.08 -9.22 5.27
CA SER A 26 12.23 -9.28 6.23
C SER A 26 13.04 -7.97 6.23
N LYS A 27 13.03 -7.22 5.15
CA LYS A 27 13.78 -5.91 5.16
C LYS A 27 12.80 -4.79 5.47
N MET A 28 11.54 -5.07 5.40
CA MET A 28 10.55 -4.02 5.76
C MET A 28 10.60 -3.85 7.27
N ASN A 29 10.99 -4.89 8.00
CA ASN A 29 11.04 -4.74 9.48
C ASN A 29 12.40 -4.11 9.81
N GLN A 30 13.44 -4.55 9.09
CA GLN A 30 14.81 -3.98 9.29
C GLN A 30 14.70 -2.48 9.58
N VAL A 31 13.82 -1.82 8.88
CA VAL A 31 13.64 -0.35 9.10
C VAL A 31 13.54 -0.06 10.60
N CYS A 32 13.38 -1.08 11.40
CA CYS A 32 13.29 -0.89 12.87
C CYS A 32 14.69 -0.64 13.44
N GLY A 33 15.59 -1.56 13.26
CA GLY A 33 16.97 -1.37 13.78
C GLY A 33 17.79 -0.54 12.79
N THR A 34 18.24 0.61 13.20
CA THR A 34 19.04 1.46 12.27
C THR A 34 20.47 0.91 12.18
N ARG A 35 20.71 0.03 11.24
CA ARG A 35 22.08 -0.55 11.10
C ARG A 35 23.05 0.55 10.67
N ASN B 1 -22.47 28.79 -17.92
CA ASN B 1 -23.74 29.57 -18.05
C ASN B 1 -23.56 30.69 -19.07
N GLY B 2 -22.38 31.26 -19.13
CA GLY B 2 -22.13 32.35 -20.10
C GLY B 2 -22.32 31.84 -21.53
N SER B 3 -21.95 30.60 -21.78
CA SER B 3 -22.11 30.04 -23.14
C SER B 3 -21.82 28.53 -23.11
N SER B 4 -21.08 28.08 -22.13
CA SER B 4 -20.76 26.64 -22.04
C SER B 4 -21.99 25.87 -21.55
N LEU B 5 -22.87 25.52 -22.44
CA LEU B 5 -24.10 24.77 -22.03
C LEU B 5 -23.72 23.32 -21.70
N GLN B 6 -22.47 23.06 -21.47
CA GLN B 6 -22.03 21.68 -21.15
C GLN B 6 -22.71 21.22 -19.85
N ASN B 7 -23.47 20.16 -19.92
CA ASN B 7 -24.16 19.67 -18.69
C ASN B 7 -24.95 20.82 -18.05
N ALA B 8 -26.23 20.88 -18.30
CA ALA B 8 -27.06 21.98 -17.71
C ALA B 8 -28.54 21.64 -17.86
N ASP B 9 -28.87 20.38 -17.80
CA ASP B 9 -30.30 19.99 -17.94
C ASP B 9 -31.09 20.51 -16.74
N LYS B 10 -32.38 20.28 -16.72
CA LYS B 10 -33.20 20.77 -15.57
C LYS B 10 -32.91 19.92 -14.33
N ILE B 11 -31.90 19.08 -14.41
CA ILE B 11 -31.57 18.22 -13.24
C ILE B 11 -30.23 17.52 -13.50
N ASN B 12 -29.35 17.53 -12.52
CA ASN B 12 -28.04 16.87 -12.71
C ASN B 12 -28.18 15.36 -12.48
N ASN B 13 -27.61 14.56 -13.35
CA ASN B 13 -27.71 13.09 -13.18
C ASN B 13 -26.81 12.64 -12.03
N GLY B 14 -27.38 12.03 -11.03
CA GLY B 14 -26.56 11.57 -9.87
C GLY B 14 -27.48 10.94 -8.82
N ASN B 15 -27.27 9.69 -8.51
CA ASN B 15 -28.12 9.02 -7.49
C ASN B 15 -27.80 9.58 -6.11
N ASP B 16 -28.30 10.75 -5.80
CA ASP B 16 -28.02 11.34 -4.46
C ASP B 16 -26.51 11.37 -4.23
N ASN B 17 -25.81 12.30 -4.83
CA ASN B 17 -24.34 12.36 -4.62
C ASN B 17 -24.04 12.70 -3.17
N ASP B 18 -22.89 13.27 -2.91
CA ASP B 18 -22.54 13.62 -1.51
C ASP B 18 -21.28 14.50 -1.51
N ASN B 19 -21.00 15.15 -0.41
CA ASN B 19 -19.80 16.03 -0.35
C ASN B 19 -18.54 15.15 -0.28
N ASP B 20 -18.66 13.88 -0.57
CA ASP B 20 -17.48 12.99 -0.53
C ASP B 20 -17.83 11.64 -1.15
N ASN B 21 -18.31 11.64 -2.37
CA ASN B 21 -18.66 10.35 -3.02
C ASN B 21 -17.40 9.50 -3.22
N ASP B 22 -17.56 8.30 -3.71
CA ASP B 22 -16.37 7.43 -3.93
C ASP B 22 -15.63 7.89 -5.19
N VAL B 23 -15.29 9.14 -5.27
CA VAL B 23 -14.56 9.64 -6.47
C VAL B 23 -13.12 9.17 -6.43
N VAL B 24 -12.18 10.07 -6.44
CA VAL B 24 -10.74 9.68 -6.43
C VAL B 24 -10.12 9.61 -5.01
N PRO B 25 -10.69 10.23 -3.99
CA PRO B 25 -10.07 10.16 -2.64
C PRO B 25 -10.11 8.72 -2.13
N SER B 26 -9.65 8.49 -0.93
CA SER B 26 -9.67 7.10 -0.37
C SER B 26 -9.78 7.18 1.15
N LYS B 27 -10.52 8.14 1.65
CA LYS B 27 -10.70 8.30 3.14
C LYS B 27 -9.40 7.95 3.87
N GLU B 28 -9.51 7.59 5.12
CA GLU B 28 -8.28 7.23 5.90
C GLU B 28 -7.60 6.03 5.25
N GLY B 29 -6.93 5.22 6.03
CA GLY B 29 -6.24 4.03 5.44
C GLY B 29 -6.06 2.97 6.53
N SER B 30 -6.50 1.77 6.27
CA SER B 30 -6.35 0.70 7.30
C SER B 30 -4.88 0.31 7.44
N LEU B 31 -4.57 -0.42 8.47
CA LEU B 31 -3.16 -0.85 8.69
C LEU B 31 -2.93 -2.20 8.01
N LEU B 32 -2.04 -2.25 7.04
CA LEU B 32 -1.77 -3.54 6.33
C LEU B 32 -0.25 -3.83 6.36
N ARG B 33 0.12 -5.08 6.42
CA ARG B 33 1.57 -5.43 6.46
C ARG B 33 2.17 -5.34 5.05
N CYS B 34 3.37 -5.83 4.89
CA CYS B 34 4.05 -5.77 3.57
C CYS B 34 3.31 -6.64 2.54
N SER B 35 3.71 -7.87 2.39
CA SER B 35 3.04 -8.77 1.40
C SER B 35 1.52 -8.59 1.50
N GLU B 36 1.06 -8.06 2.60
CA GLU B 36 -0.39 -7.85 2.77
C GLU B 36 -0.95 -7.18 1.51
N ILE B 37 -0.20 -6.24 1.00
CA ILE B 37 -0.66 -5.50 -0.19
C ILE B 37 -0.69 -6.49 -1.37
N TRP B 38 0.25 -7.39 -1.39
CA TRP B 38 0.31 -8.41 -2.50
C TRP B 38 -1.09 -8.93 -2.73
N ASP B 39 -1.82 -9.15 -1.68
CA ASP B 39 -3.22 -9.62 -1.83
C ASP B 39 -4.01 -8.49 -2.50
N ARG B 40 -3.78 -7.27 -2.09
CA ARG B 40 -4.50 -6.12 -2.72
C ARG B 40 -4.20 -6.09 -4.22
N ILE B 41 -3.02 -6.49 -4.59
CA ILE B 41 -2.61 -6.50 -6.02
C ILE B 41 -3.16 -7.73 -6.76
N THR B 42 -3.02 -8.90 -6.21
CA THR B 42 -3.52 -10.10 -6.91
C THR B 42 -5.01 -9.93 -7.30
N THR B 43 -5.77 -9.27 -6.47
CA THR B 43 -7.23 -9.09 -6.80
C THR B 43 -7.40 -7.99 -7.85
N HIS B 44 -6.40 -7.74 -8.66
CA HIS B 44 -6.51 -6.68 -9.72
C HIS B 44 -6.35 -7.30 -11.12
N PRO B 45 -7.44 -7.83 -11.68
CA PRO B 45 -7.39 -8.44 -13.02
C PRO B 45 -7.00 -7.37 -14.06
N LYS B 46 -5.79 -6.87 -13.98
CA LYS B 46 -5.33 -5.84 -14.95
C LYS B 46 -3.87 -5.49 -14.66
N TYR B 47 -3.05 -6.47 -14.38
CA TYR B 47 -1.62 -6.18 -14.09
C TYR B 47 -1.06 -5.24 -15.18
N SER B 48 -1.20 -5.61 -16.42
CA SER B 48 -0.71 -4.76 -17.54
C SER B 48 0.81 -4.55 -17.40
N ASP B 49 1.22 -3.73 -16.47
CA ASP B 49 2.68 -3.49 -16.29
C ASP B 49 2.91 -2.86 -14.91
N ILE B 50 2.89 -3.65 -13.88
CA ILE B 50 3.10 -3.09 -12.51
C ILE B 50 4.59 -2.91 -12.26
N ASP B 51 4.95 -2.19 -11.22
CA ASP B 51 6.38 -1.96 -10.87
C ASP B 51 6.56 -2.27 -9.40
N VAL B 52 7.17 -3.38 -9.09
CA VAL B 52 7.37 -3.74 -7.65
C VAL B 52 8.57 -2.98 -7.10
N ASP B 53 9.39 -2.44 -7.97
CA ASP B 53 10.59 -1.69 -7.50
C ASP B 53 10.17 -0.39 -6.81
N GLY B 54 9.24 0.32 -7.39
CA GLY B 54 8.80 1.60 -6.76
C GLY B 54 8.13 1.33 -5.42
N LEU B 55 7.37 0.27 -5.32
CA LEU B 55 6.72 -0.03 -4.02
C LEU B 55 7.81 -0.30 -2.99
N CYS B 56 8.97 -0.69 -3.44
CA CYS B 56 10.08 -0.98 -2.50
C CYS B 56 10.59 0.30 -1.82
N SER B 57 10.94 1.31 -2.58
CA SER B 57 11.47 2.57 -1.94
C SER B 57 10.30 3.45 -1.48
N GLU B 58 9.08 3.04 -1.72
CA GLU B 58 7.91 3.83 -1.26
C GLU B 58 7.37 3.22 0.04
N LEU B 59 7.18 1.92 0.09
CA LEU B 59 6.64 1.29 1.33
C LEU B 59 7.78 0.98 2.32
N MET B 60 9.01 0.91 1.87
CA MET B 60 10.14 0.57 2.79
C MET B 60 10.46 1.73 3.76
N ALA B 61 10.20 2.96 3.38
CA ALA B 61 10.49 4.11 4.30
C ALA B 61 9.17 4.61 4.91
N LYS B 62 8.07 4.06 4.51
CA LYS B 62 6.77 4.47 5.13
C LYS B 62 6.46 3.44 6.23
N ALA B 63 7.15 2.33 6.19
CA ALA B 63 6.94 1.24 7.19
C ALA B 63 6.95 1.81 8.61
N LYS B 64 6.16 1.22 9.47
CA LYS B 64 6.09 1.68 10.90
C LYS B 64 6.39 0.49 11.82
N CYS B 65 7.65 0.30 12.14
CA CYS B 65 8.04 -0.85 13.01
C CYS B 65 7.15 -0.93 14.26
N SER B 66 6.44 -2.03 14.37
CA SER B 66 5.55 -2.26 15.54
C SER B 66 5.63 -3.76 15.90
N GLU B 67 5.22 -4.14 17.09
CA GLU B 67 5.30 -5.59 17.44
C GLU B 67 4.36 -6.37 16.51
N ARG B 68 3.30 -5.77 16.05
CA ARG B 68 2.39 -6.49 15.12
C ARG B 68 3.03 -6.43 13.73
N GLY B 69 4.33 -6.44 13.69
CA GLY B 69 5.05 -6.35 12.38
C GLY B 69 4.96 -4.91 11.88
N VAL B 70 5.38 -4.65 10.67
CA VAL B 70 5.30 -3.27 10.13
C VAL B 70 3.86 -2.96 9.71
N VAL B 71 3.38 -1.76 9.95
CA VAL B 71 1.99 -1.41 9.51
C VAL B 71 2.03 -0.12 8.70
N ILE B 72 1.36 -0.11 7.58
CA ILE B 72 1.35 1.09 6.68
C ILE B 72 -0.08 1.53 6.40
N ASN B 73 -0.27 2.78 6.06
CA ASN B 73 -1.64 3.27 5.75
C ASN B 73 -1.94 3.07 4.26
N ALA B 74 -2.97 2.33 3.96
CA ALA B 74 -3.34 2.08 2.54
C ALA B 74 -3.35 3.38 1.75
N GLU B 75 -3.24 4.49 2.40
CA GLU B 75 -3.23 5.79 1.66
C GLU B 75 -1.84 6.01 1.03
N ASP B 76 -0.81 5.35 1.51
CA ASP B 76 0.52 5.51 0.88
C ASP B 76 0.66 4.49 -0.26
N VAL B 77 0.26 3.27 -0.04
CA VAL B 77 0.33 2.25 -1.13
C VAL B 77 -0.63 2.65 -2.25
N GLN B 78 -1.74 3.27 -1.90
CA GLN B 78 -2.71 3.68 -2.95
C GLN B 78 -2.13 4.87 -3.72
N LEU B 79 -1.38 5.72 -3.07
CA LEU B 79 -0.77 6.87 -3.78
C LEU B 79 0.52 6.42 -4.46
N ALA B 80 1.11 5.34 -3.99
CA ALA B 80 2.35 4.84 -4.64
C ALA B 80 1.96 3.89 -5.79
N LEU B 81 0.91 3.13 -5.61
CA LEU B 81 0.47 2.20 -6.69
C LEU B 81 -0.28 3.00 -7.76
N ASN B 82 -0.83 4.13 -7.42
CA ASN B 82 -1.56 4.94 -8.43
C ASN B 82 -0.61 5.96 -9.07
N LYS B 83 0.58 6.09 -8.56
CA LYS B 83 1.57 7.06 -9.14
C LYS B 83 2.62 6.29 -9.95
N HIS B 84 2.64 4.98 -9.84
CA HIS B 84 3.64 4.17 -10.59
C HIS B 84 2.92 3.33 -11.66
N MET B 85 1.65 3.56 -11.84
CA MET B 85 0.88 2.79 -12.88
C MET B 85 0.82 3.60 -14.17
N ASN B 86 1.61 3.25 -15.14
CA ASN B 86 1.60 3.99 -16.43
C ASN B 86 0.33 3.64 -17.21
N ASN A 1 12.46 -20.33 9.14
CA ASN A 1 11.19 -21.09 9.29
C ASN A 1 11.47 -22.47 9.87
N LEU A 2 10.48 -23.10 10.43
CA LEU A 2 10.69 -24.46 11.02
C LEU A 2 10.91 -25.47 9.89
N ASP A 3 9.92 -25.63 9.03
CA ASP A 3 10.07 -26.60 7.91
C ASP A 3 11.13 -26.10 6.93
N SER A 4 12.38 -26.33 7.21
CA SER A 4 13.45 -25.87 6.29
C SER A 4 13.30 -26.54 4.93
N ASN A 5 14.01 -26.09 3.94
CA ASN A 5 13.89 -26.72 2.59
C ASN A 5 12.43 -26.72 2.16
N MET A 6 12.05 -25.80 1.32
CA MET A 6 10.62 -25.76 0.86
C MET A 6 10.53 -24.89 -0.40
N PHE A 7 10.52 -25.51 -1.55
CA PHE A 7 10.43 -24.73 -2.82
C PHE A 7 9.15 -23.89 -2.82
N SER A 8 8.92 -23.14 -3.87
CA SER A 8 7.70 -22.30 -3.92
C SER A 8 6.48 -23.13 -3.52
N ASN A 9 6.03 -24.01 -4.38
CA ASN A 9 4.84 -24.84 -4.04
C ASN A 9 4.86 -26.12 -4.89
N ASP A 10 4.32 -26.04 -6.08
CA ASP A 10 4.30 -27.25 -6.97
C ASP A 10 5.74 -27.65 -7.30
N PHE A 11 5.94 -28.89 -7.67
CA PHE A 11 7.32 -29.36 -8.00
C PHE A 11 7.78 -28.67 -9.29
N ASN A 12 7.10 -28.91 -10.38
CA ASN A 12 7.50 -28.27 -11.66
C ASN A 12 6.38 -28.44 -12.69
N PHE A 13 5.94 -27.36 -13.27
CA PHE A 13 4.84 -27.45 -14.27
C PHE A 13 4.69 -26.10 -14.99
N GLU A 14 5.50 -25.14 -14.65
CA GLU A 14 5.41 -23.82 -15.31
C GLU A 14 6.67 -23.00 -14.99
N ASN A 15 7.67 -23.12 -15.80
CA ASN A 15 8.93 -22.34 -15.55
C ASN A 15 9.41 -22.61 -14.12
N GLN A 16 9.59 -21.58 -13.34
CA GLN A 16 10.07 -21.76 -11.94
C GLN A 16 9.95 -20.45 -11.19
N PHE A 17 9.98 -20.50 -9.88
CA PHE A 17 9.86 -19.25 -9.07
C PHE A 17 10.52 -19.46 -7.71
N ASP A 18 10.29 -18.57 -6.78
CA ASP A 18 10.91 -18.73 -5.43
C ASP A 18 10.12 -17.92 -4.41
N GLU A 19 9.10 -18.51 -3.85
CA GLU A 19 8.28 -17.78 -2.84
C GLU A 19 7.89 -16.40 -3.39
N GLN A 20 7.82 -15.41 -2.55
CA GLN A 20 7.44 -14.05 -3.02
C GLN A 20 7.84 -13.01 -1.97
N VAL A 21 7.54 -13.27 -0.73
CA VAL A 21 7.90 -12.30 0.34
C VAL A 21 9.41 -12.30 0.54
N SER A 22 9.88 -12.88 1.60
CA SER A 22 11.35 -12.94 1.83
C SER A 22 11.94 -11.53 1.93
N GLU A 23 12.96 -11.25 1.17
CA GLU A 23 13.60 -9.91 1.19
C GLU A 23 12.50 -8.84 1.19
N PHE A 24 11.37 -9.15 0.62
CA PHE A 24 10.28 -8.16 0.59
C PHE A 24 9.83 -7.85 2.03
N CYS A 25 9.34 -8.84 2.72
CA CYS A 25 8.89 -8.62 4.13
C CYS A 25 10.09 -8.63 5.08
N SER A 26 10.93 -9.62 4.97
CA SER A 26 12.10 -9.72 5.88
C SER A 26 12.84 -8.38 5.96
N LYS A 27 12.75 -7.56 4.93
CA LYS A 27 13.44 -6.22 4.98
C LYS A 27 12.40 -5.14 5.24
N MET A 28 11.14 -5.45 5.08
CA MET A 28 10.12 -4.43 5.40
C MET A 28 10.07 -4.30 6.91
N ASN A 29 10.46 -5.34 7.64
CA ASN A 29 10.46 -5.22 9.12
C ASN A 29 11.79 -4.61 9.51
N GLN A 30 12.86 -5.06 8.85
CA GLN A 30 14.23 -4.52 9.12
C GLN A 30 14.13 -3.03 9.43
N VAL A 31 13.25 -2.33 8.76
CA VAL A 31 13.09 -0.86 9.05
C VAL A 31 13.00 -0.66 10.56
N CYS A 32 12.79 -1.73 11.30
CA CYS A 32 12.69 -1.61 12.78
C CYS A 32 14.10 -1.65 13.39
N GLY A 33 15.08 -2.08 12.64
CA GLY A 33 16.47 -2.12 13.18
C GLY A 33 17.07 -0.71 13.12
N THR A 34 17.96 -0.40 14.02
CA THR A 34 18.59 0.95 14.01
C THR A 34 19.64 1.01 12.89
N ARG A 35 19.35 1.69 11.82
CA ARG A 35 20.34 1.79 10.70
C ARG A 35 21.54 2.63 11.17
N ASN B 1 -28.80 52.15 -19.95
CA ASN B 1 -28.95 53.50 -19.34
C ASN B 1 -27.62 53.93 -18.73
N GLY B 2 -27.64 54.86 -17.80
CA GLY B 2 -26.38 55.32 -17.18
C GLY B 2 -26.68 56.42 -16.16
N SER B 3 -27.87 56.43 -15.62
CA SER B 3 -28.23 57.48 -14.62
C SER B 3 -27.41 57.27 -13.34
N SER B 4 -28.02 56.74 -12.31
CA SER B 4 -27.27 56.52 -11.05
C SER B 4 -26.34 55.31 -11.22
N LEU B 5 -25.57 55.30 -12.27
CA LEU B 5 -24.64 54.15 -12.49
C LEU B 5 -23.60 54.11 -11.36
N GLN B 6 -23.50 53.02 -10.67
CA GLN B 6 -22.51 52.93 -9.57
C GLN B 6 -22.38 51.48 -9.12
N ASN B 7 -23.34 50.98 -8.38
CA ASN B 7 -23.28 49.57 -7.91
C ASN B 7 -23.50 48.63 -9.08
N ALA B 8 -24.73 48.43 -9.47
CA ALA B 8 -25.03 47.52 -10.62
C ALA B 8 -24.34 46.18 -10.38
N ASP B 9 -24.47 45.26 -11.30
CA ASP B 9 -23.84 43.93 -11.13
C ASP B 9 -24.25 43.33 -9.77
N LYS B 10 -25.40 42.72 -9.71
CA LYS B 10 -25.85 42.13 -8.43
C LYS B 10 -24.97 40.92 -8.08
N ILE B 11 -24.51 40.86 -6.86
CA ILE B 11 -23.65 39.70 -6.46
C ILE B 11 -24.46 38.42 -6.51
N ASN B 12 -24.13 37.53 -7.40
CA ASN B 12 -24.89 36.24 -7.50
C ASN B 12 -24.66 35.42 -6.23
N ASN B 13 -25.72 35.00 -5.59
CA ASN B 13 -25.57 34.19 -4.35
C ASN B 13 -24.89 32.87 -4.68
N GLY B 14 -24.43 32.16 -3.69
CA GLY B 14 -23.76 30.86 -3.93
C GLY B 14 -23.32 30.24 -2.61
N ASN B 15 -22.57 29.17 -2.66
CA ASN B 15 -22.12 28.52 -1.41
C ASN B 15 -20.86 27.69 -1.69
N ASP B 16 -20.60 26.69 -0.89
CA ASP B 16 -19.40 25.84 -1.12
C ASP B 16 -18.13 26.70 -1.01
N ASN B 17 -17.85 27.50 -2.00
CA ASN B 17 -16.63 28.36 -1.95
C ASN B 17 -15.41 27.48 -1.71
N ASP B 18 -14.63 27.22 -2.73
CA ASP B 18 -13.42 26.38 -2.54
C ASP B 18 -13.82 25.05 -1.90
N ASN B 19 -13.17 24.68 -0.83
CA ASN B 19 -13.50 23.38 -0.16
C ASN B 19 -12.95 23.40 1.27
N ASP B 20 -13.71 23.87 2.21
CA ASP B 20 -13.22 23.90 3.61
C ASP B 20 -13.06 22.46 4.13
N ASN B 21 -11.90 21.91 3.99
CA ASN B 21 -11.67 20.51 4.47
C ASN B 21 -11.67 20.50 6.00
N ASP B 22 -12.51 19.68 6.59
CA ASP B 22 -12.55 19.61 8.08
C ASP B 22 -11.25 19.02 8.61
N VAL B 23 -11.18 18.76 9.88
CA VAL B 23 -9.93 18.18 10.46
C VAL B 23 -9.83 16.71 10.06
N VAL B 24 -10.63 16.30 9.12
CA VAL B 24 -10.59 14.88 8.67
C VAL B 24 -10.74 13.94 9.87
N PRO B 25 -11.91 13.95 10.49
CA PRO B 25 -12.15 13.09 11.66
C PRO B 25 -12.04 11.61 11.26
N SER B 26 -11.72 10.76 12.20
CA SER B 26 -11.59 9.32 11.87
C SER B 26 -10.62 9.14 10.70
N LYS B 27 -9.40 8.76 10.98
CA LYS B 27 -8.41 8.58 9.88
C LYS B 27 -8.85 7.41 8.99
N GLU B 28 -9.58 7.68 7.94
CA GLU B 28 -10.03 6.58 7.05
C GLU B 28 -8.82 5.91 6.41
N GLY B 29 -8.61 4.64 6.68
CA GLY B 29 -7.45 3.92 6.08
C GLY B 29 -7.07 2.75 6.99
N SER B 30 -7.18 1.55 6.50
CA SER B 30 -6.83 0.37 7.35
C SER B 30 -5.31 0.18 7.38
N LEU B 31 -4.86 -0.63 8.30
CA LEU B 31 -3.41 -0.91 8.43
C LEU B 31 -3.10 -2.20 7.68
N LEU B 32 -2.14 -2.18 6.79
CA LEU B 32 -1.79 -3.43 6.01
C LEU B 32 -0.28 -3.68 6.09
N ARG B 33 0.12 -4.93 6.01
CA ARG B 33 1.57 -5.28 6.10
C ARG B 33 2.18 -5.39 4.69
N CYS B 34 3.31 -6.04 4.57
CA CYS B 34 3.96 -6.17 3.23
C CYS B 34 3.17 -7.13 2.35
N SER B 35 3.40 -8.41 2.46
CA SER B 35 2.66 -9.39 1.62
C SER B 35 1.17 -9.02 1.64
N GLU B 36 0.74 -8.43 2.72
CA GLU B 36 -0.67 -8.03 2.84
C GLU B 36 -1.07 -7.30 1.55
N ILE B 37 -0.15 -6.51 1.03
CA ILE B 37 -0.45 -5.74 -0.20
C ILE B 37 -0.57 -6.75 -1.34
N TRP B 38 0.21 -7.80 -1.30
CA TRP B 38 0.14 -8.83 -2.39
C TRP B 38 -1.33 -9.11 -2.66
N ASP B 39 -2.12 -9.09 -1.63
CA ASP B 39 -3.58 -9.29 -1.83
C ASP B 39 -4.11 -8.05 -2.55
N ARG B 40 -3.69 -6.87 -2.16
CA ARG B 40 -4.16 -5.64 -2.86
C ARG B 40 -3.83 -5.74 -4.35
N ILE B 41 -2.68 -6.26 -4.68
CA ILE B 41 -2.27 -6.41 -6.12
C ILE B 41 -3.19 -7.42 -6.83
N THR B 42 -3.42 -8.57 -6.23
CA THR B 42 -4.30 -9.58 -6.90
C THR B 42 -5.59 -8.91 -7.39
N THR B 43 -6.16 -8.04 -6.61
CA THR B 43 -7.42 -7.36 -7.03
C THR B 43 -7.32 -6.90 -8.49
N HIS B 44 -6.36 -6.06 -8.79
CA HIS B 44 -6.22 -5.57 -10.19
C HIS B 44 -5.99 -6.78 -11.13
N PRO B 45 -6.73 -6.88 -12.24
CA PRO B 45 -6.53 -8.03 -13.16
C PRO B 45 -5.10 -7.98 -13.74
N LYS B 46 -4.88 -7.16 -14.73
CA LYS B 46 -3.52 -7.06 -15.34
C LYS B 46 -2.65 -6.10 -14.52
N TYR B 47 -2.07 -6.58 -13.45
CA TYR B 47 -1.21 -5.70 -12.60
C TYR B 47 0.22 -5.69 -13.15
N SER B 48 0.38 -5.90 -14.42
CA SER B 48 1.76 -5.92 -15.01
C SER B 48 2.18 -4.49 -15.38
N ASP B 49 1.23 -3.66 -15.75
CA ASP B 49 1.58 -2.26 -16.12
C ASP B 49 2.19 -1.49 -14.94
N ILE B 50 2.57 -2.18 -13.88
CA ILE B 50 3.17 -1.50 -12.70
C ILE B 50 4.60 -1.99 -12.49
N ASP B 51 5.30 -1.43 -11.53
CA ASP B 51 6.71 -1.86 -11.25
C ASP B 51 6.80 -2.33 -9.81
N VAL B 52 7.41 -3.46 -9.56
CA VAL B 52 7.51 -3.97 -8.16
C VAL B 52 8.62 -3.21 -7.42
N ASP B 53 9.49 -2.55 -8.15
CA ASP B 53 10.60 -1.80 -7.49
C ASP B 53 10.05 -0.50 -6.87
N GLY B 54 9.05 0.08 -7.46
CA GLY B 54 8.50 1.34 -6.90
C GLY B 54 7.81 1.09 -5.56
N LEU B 55 7.08 0.02 -5.43
CA LEU B 55 6.42 -0.24 -4.12
C LEU B 55 7.50 -0.61 -3.11
N CYS B 56 8.63 -1.08 -3.58
CA CYS B 56 9.72 -1.47 -2.65
C CYS B 56 10.32 -0.21 -1.99
N SER B 57 10.74 0.77 -2.75
CA SER B 57 11.34 1.99 -2.13
C SER B 57 10.26 2.98 -1.69
N GLU B 58 9.02 2.66 -1.93
CA GLU B 58 7.91 3.57 -1.49
C GLU B 58 7.29 3.04 -0.18
N LEU B 59 7.00 1.76 -0.12
CA LEU B 59 6.39 1.20 1.13
C LEU B 59 7.49 0.84 2.15
N MET B 60 8.72 0.71 1.72
CA MET B 60 9.82 0.32 2.67
C MET B 60 10.09 1.46 3.68
N ALA B 61 9.88 2.70 3.32
CA ALA B 61 10.14 3.82 4.28
C ALA B 61 8.81 4.36 4.80
N LYS B 62 7.76 4.31 4.04
CA LYS B 62 6.46 4.77 4.60
C LYS B 62 6.13 3.82 5.75
N ALA B 63 6.83 2.71 5.78
CA ALA B 63 6.62 1.66 6.81
C ALA B 63 6.52 2.25 8.22
N LYS B 64 5.44 2.01 8.89
CA LYS B 64 5.28 2.49 10.30
C LYS B 64 5.72 1.34 11.20
N CYS B 65 6.98 1.27 11.50
CA CYS B 65 7.51 0.15 12.32
C CYS B 65 6.83 0.05 13.69
N SER B 66 6.54 -1.17 14.08
CA SER B 66 5.91 -1.46 15.40
C SER B 66 6.56 -2.75 15.94
N GLU B 67 6.43 -3.03 17.21
CA GLU B 67 7.07 -4.27 17.75
C GLU B 67 6.36 -5.52 17.22
N ARG B 68 5.08 -5.46 17.02
CA ARG B 68 4.36 -6.66 16.51
C ARG B 68 4.74 -6.87 15.04
N GLY B 69 5.28 -5.85 14.43
CA GLY B 69 5.69 -5.95 12.99
C GLY B 69 5.43 -4.61 12.31
N VAL B 70 5.72 -4.48 11.05
CA VAL B 70 5.48 -3.19 10.36
C VAL B 70 3.99 -3.06 9.98
N VAL B 71 3.53 -1.86 9.73
CA VAL B 71 2.12 -1.66 9.32
C VAL B 71 2.05 -0.43 8.43
N ILE B 72 1.21 -0.44 7.42
CA ILE B 72 1.12 0.72 6.49
C ILE B 72 -0.35 1.12 6.30
N ASN B 73 -0.61 2.39 6.10
CA ASN B 73 -2.02 2.85 5.90
C ASN B 73 -2.35 2.78 4.40
N ALA B 74 -3.52 2.30 4.09
CA ALA B 74 -3.93 2.18 2.65
C ALA B 74 -3.67 3.49 1.90
N GLU B 75 -3.35 4.55 2.60
CA GLU B 75 -3.09 5.84 1.90
C GLU B 75 -1.67 5.89 1.33
N ASP B 76 -0.77 5.07 1.81
CA ASP B 76 0.61 5.07 1.22
C ASP B 76 0.65 4.13 0.01
N VAL B 77 0.08 2.98 0.13
CA VAL B 77 0.05 2.03 -1.03
C VAL B 77 -0.84 2.64 -2.13
N GLN B 78 -1.97 3.17 -1.76
CA GLN B 78 -2.88 3.77 -2.79
C GLN B 78 -2.18 4.92 -3.50
N LEU B 79 -1.37 5.68 -2.79
CA LEU B 79 -0.63 6.79 -3.44
C LEU B 79 0.63 6.25 -4.11
N ALA B 80 1.06 5.07 -3.72
CA ALA B 80 2.29 4.49 -4.37
C ALA B 80 1.86 3.72 -5.63
N LEU B 81 0.76 3.02 -5.60
CA LEU B 81 0.31 2.29 -6.81
C LEU B 81 -0.31 3.29 -7.80
N ASN B 82 -1.46 3.84 -7.45
CA ASN B 82 -2.13 4.80 -8.36
C ASN B 82 -1.12 5.82 -8.91
N LYS B 83 0.05 5.91 -8.32
CA LYS B 83 1.07 6.89 -8.82
C LYS B 83 2.02 6.20 -9.80
N HIS B 84 1.97 4.89 -9.85
CA HIS B 84 2.87 4.12 -10.78
C HIS B 84 2.05 3.52 -11.92
N MET B 85 0.86 4.04 -12.13
CA MET B 85 0.00 3.51 -13.23
C MET B 85 0.15 4.38 -14.46
N ASN B 86 0.95 3.96 -15.41
CA ASN B 86 1.15 4.78 -16.64
C ASN B 86 -0.05 4.60 -17.57
N ASN A 1 13.94 -23.71 21.59
CA ASN A 1 13.76 -24.41 20.29
C ASN A 1 12.55 -23.81 19.56
N LEU A 2 12.78 -23.07 18.51
CA LEU A 2 11.65 -22.46 17.76
C LEU A 2 10.93 -23.55 16.96
N ASP A 3 11.19 -24.79 17.27
CA ASP A 3 10.52 -25.89 16.53
C ASP A 3 9.06 -26.01 17.00
N SER A 4 8.50 -24.95 17.49
CA SER A 4 7.08 -25.00 17.96
C SER A 4 6.16 -25.27 16.76
N ASN A 5 5.92 -24.29 15.95
CA ASN A 5 5.02 -24.49 14.78
C ASN A 5 5.09 -23.27 13.87
N MET A 6 5.78 -23.37 12.76
CA MET A 6 5.88 -22.22 11.83
C MET A 6 6.49 -22.67 10.50
N PHE A 7 7.78 -22.89 10.48
CA PHE A 7 8.43 -23.35 9.22
C PHE A 7 7.99 -24.78 8.89
N SER A 8 8.38 -25.29 7.75
CA SER A 8 7.98 -26.68 7.38
C SER A 8 6.45 -26.80 7.46
N ASN A 9 5.95 -27.99 7.59
CA ASN A 9 4.47 -28.18 7.67
C ASN A 9 4.17 -29.50 8.37
N ASP A 10 2.98 -30.03 8.18
CA ASP A 10 2.63 -31.32 8.84
C ASP A 10 1.31 -31.83 8.27
N PHE A 11 0.68 -31.06 7.42
CA PHE A 11 -0.62 -31.51 6.84
C PHE A 11 -0.39 -32.71 5.93
N ASN A 12 0.72 -32.74 5.24
CA ASN A 12 1.01 -33.90 4.34
C ASN A 12 2.46 -33.82 3.87
N PHE A 13 3.01 -32.64 3.80
CA PHE A 13 4.43 -32.50 3.35
C PHE A 13 4.60 -33.20 2.00
N GLU A 14 4.41 -32.48 0.92
CA GLU A 14 4.57 -33.11 -0.43
C GLU A 14 4.78 -32.01 -1.47
N ASN A 15 4.53 -30.78 -1.11
CA ASN A 15 4.73 -29.67 -2.08
C ASN A 15 6.22 -29.40 -2.27
N GLN A 16 6.99 -30.44 -2.43
CA GLN A 16 8.46 -30.25 -2.62
C GLN A 16 9.01 -29.35 -1.50
N PHE A 17 9.83 -28.40 -1.85
CA PHE A 17 10.39 -27.49 -0.81
C PHE A 17 9.26 -26.66 -0.20
N ASP A 18 9.58 -25.58 0.46
CA ASP A 18 8.50 -24.74 1.07
C ASP A 18 9.07 -23.37 1.44
N GLU A 19 9.34 -23.15 2.70
CA GLU A 19 9.88 -21.83 3.12
C GLU A 19 8.98 -20.71 2.60
N GLN A 20 9.49 -19.51 2.50
CA GLN A 20 8.66 -18.39 2.00
C GLN A 20 9.57 -17.21 1.62
N VAL A 21 10.84 -17.30 1.94
CA VAL A 21 11.81 -16.21 1.62
C VAL A 21 11.16 -14.85 1.71
N SER A 22 10.84 -14.46 2.90
CA SER A 22 10.23 -13.14 3.09
C SER A 22 11.33 -12.09 2.98
N GLU A 23 12.36 -12.36 2.19
CA GLU A 23 13.44 -11.35 2.02
C GLU A 23 12.78 -10.00 1.81
N PHE A 24 11.55 -10.06 1.37
CA PHE A 24 10.77 -8.81 1.15
C PHE A 24 10.32 -8.25 2.50
N CYS A 25 9.63 -9.04 3.27
CA CYS A 25 9.17 -8.55 4.60
C CYS A 25 10.34 -8.56 5.58
N SER A 26 11.18 -9.56 5.49
CA SER A 26 12.33 -9.68 6.42
C SER A 26 13.21 -8.41 6.36
N LYS A 27 13.27 -7.76 5.22
CA LYS A 27 14.09 -6.50 5.14
C LYS A 27 13.16 -5.32 5.37
N MET A 28 11.89 -5.54 5.27
CA MET A 28 10.94 -4.44 5.54
C MET A 28 10.94 -4.21 7.05
N ASN A 29 11.31 -5.20 7.83
CA ASN A 29 11.34 -4.99 9.31
C ASN A 29 12.67 -4.31 9.62
N GLN A 30 13.70 -4.75 8.92
CA GLN A 30 15.08 -4.16 9.09
C GLN A 30 14.95 -2.65 9.31
N VAL A 31 14.13 -2.01 8.52
CA VAL A 31 13.94 -0.53 8.68
C VAL A 31 13.77 -0.20 10.17
N CYS A 32 13.49 -1.20 10.95
CA CYS A 32 13.30 -1.02 12.42
C CYS A 32 14.63 -1.30 13.12
N GLY A 33 15.38 -2.27 12.66
CA GLY A 33 16.67 -2.60 13.31
C GLY A 33 17.61 -1.39 13.23
N THR A 34 18.03 -0.89 14.36
CA THR A 34 18.95 0.29 14.35
C THR A 34 20.40 -0.19 14.18
N ARG A 35 21.06 0.25 13.14
CA ARG A 35 22.47 -0.18 12.92
C ARG A 35 23.08 0.64 11.79
N ASN B 1 10.60 37.81 -11.21
CA ASN B 1 10.38 38.42 -9.87
C ASN B 1 11.16 39.74 -9.78
N GLY B 2 10.46 40.85 -9.84
CA GLY B 2 11.15 42.16 -9.76
C GLY B 2 10.13 43.29 -9.88
N SER B 3 10.24 44.10 -10.90
CA SER B 3 9.28 45.21 -11.08
C SER B 3 7.91 44.65 -11.45
N SER B 4 7.45 43.68 -10.72
CA SER B 4 6.12 43.08 -11.03
C SER B 4 5.69 42.15 -9.89
N LEU B 5 5.05 42.68 -8.89
CA LEU B 5 4.61 41.83 -7.74
C LEU B 5 3.48 40.92 -8.20
N GLN B 6 3.18 39.90 -7.44
CA GLN B 6 2.08 38.97 -7.83
C GLN B 6 1.77 38.03 -6.67
N ASN B 7 2.75 37.73 -5.87
CA ASN B 7 2.51 36.81 -4.71
C ASN B 7 1.87 35.52 -5.21
N ALA B 8 1.65 34.58 -4.32
CA ALA B 8 1.02 33.29 -4.74
C ALA B 8 1.86 32.67 -5.86
N ASP B 9 1.60 31.42 -6.17
CA ASP B 9 2.39 30.75 -7.25
C ASP B 9 1.77 29.38 -7.54
N LYS B 10 0.51 29.34 -7.87
CA LYS B 10 -0.16 28.05 -8.17
C LYS B 10 0.63 27.31 -9.26
N ILE B 11 0.79 26.02 -9.13
CA ILE B 11 1.55 25.25 -10.15
C ILE B 11 1.02 23.81 -10.19
N ASN B 12 0.72 23.24 -9.05
CA ASN B 12 0.21 21.85 -9.03
C ASN B 12 -1.04 21.74 -9.90
N ASN B 13 -1.67 20.60 -9.93
CA ASN B 13 -2.90 20.43 -10.76
C ASN B 13 -2.55 20.61 -12.24
N GLY B 14 -2.19 21.79 -12.65
CA GLY B 14 -1.84 22.02 -14.07
C GLY B 14 -3.12 22.14 -14.91
N ASN B 15 -3.51 21.09 -15.55
CA ASN B 15 -4.76 21.13 -16.38
C ASN B 15 -5.13 19.71 -16.84
N ASP B 16 -4.66 18.72 -16.13
CA ASP B 16 -4.99 17.32 -16.52
C ASP B 16 -6.47 17.03 -16.20
N ASN B 17 -6.94 17.49 -15.08
CA ASN B 17 -8.36 17.24 -14.71
C ASN B 17 -8.72 18.06 -13.48
N ASP B 18 -9.82 18.78 -13.52
CA ASP B 18 -10.22 19.60 -12.35
C ASP B 18 -10.39 18.68 -11.12
N ASN B 19 -9.86 19.08 -10.00
CA ASN B 19 -10.00 18.24 -8.78
C ASN B 19 -9.53 19.04 -7.56
N ASP B 20 -9.48 18.41 -6.41
CA ASP B 20 -9.02 19.13 -5.20
C ASP B 20 -8.60 18.11 -4.13
N ASN B 21 -9.40 17.96 -3.10
CA ASN B 21 -9.04 16.97 -2.03
C ASN B 21 -10.20 16.85 -1.05
N ASP B 22 -11.37 16.51 -1.52
CA ASP B 22 -12.54 16.38 -0.61
C ASP B 22 -12.21 15.37 0.49
N VAL B 23 -13.04 15.30 1.50
CA VAL B 23 -12.78 14.33 2.61
C VAL B 23 -14.12 13.86 3.19
N VAL B 24 -14.44 12.60 3.02
CA VAL B 24 -15.73 12.08 3.56
C VAL B 24 -15.49 11.52 4.98
N PRO B 25 -16.50 11.55 5.84
CA PRO B 25 -16.34 11.03 7.21
C PRO B 25 -15.89 9.56 7.15
N SER B 26 -14.61 9.34 6.99
CA SER B 26 -14.11 7.94 6.93
C SER B 26 -12.61 7.96 6.62
N LYS B 27 -11.79 7.88 7.64
CA LYS B 27 -10.31 7.89 7.39
C LYS B 27 -9.92 6.64 6.60
N GLU B 28 -10.23 6.61 5.33
CA GLU B 28 -9.88 5.43 4.50
C GLU B 28 -8.37 5.18 4.60
N GLY B 29 -7.95 4.38 5.55
CA GLY B 29 -6.50 4.11 5.69
C GLY B 29 -6.29 2.96 6.70
N SER B 30 -6.56 1.76 6.29
CA SER B 30 -6.37 0.60 7.22
C SER B 30 -4.90 0.27 7.36
N LEU B 31 -4.59 -0.51 8.36
CA LEU B 31 -3.18 -0.92 8.61
C LEU B 31 -2.94 -2.27 7.95
N LEU B 32 -1.98 -2.36 7.04
CA LEU B 32 -1.71 -3.68 6.36
C LEU B 32 -0.21 -4.00 6.46
N ARG B 33 0.14 -5.27 6.42
CA ARG B 33 1.57 -5.67 6.52
C ARG B 33 2.22 -5.69 5.12
N CYS B 34 3.13 -6.61 4.88
CA CYS B 34 3.83 -6.67 3.57
C CYS B 34 3.03 -7.55 2.58
N SER B 35 3.27 -8.83 2.59
CA SER B 35 2.53 -9.73 1.65
C SER B 35 1.06 -9.37 1.68
N GLU B 36 0.65 -8.73 2.74
CA GLU B 36 -0.76 -8.29 2.87
C GLU B 36 -1.19 -7.64 1.55
N ILE B 37 -0.31 -6.84 1.01
CA ILE B 37 -0.62 -6.12 -0.25
C ILE B 37 -0.70 -7.15 -1.38
N TRP B 38 0.10 -8.20 -1.28
CA TRP B 38 0.06 -9.25 -2.35
C TRP B 38 -1.40 -9.56 -2.64
N ASP B 39 -2.20 -9.55 -1.61
CA ASP B 39 -3.65 -9.79 -1.82
C ASP B 39 -4.22 -8.57 -2.55
N ARG B 40 -3.79 -7.39 -2.18
CA ARG B 40 -4.29 -6.16 -2.88
C ARG B 40 -3.96 -6.27 -4.37
N ILE B 41 -2.80 -6.77 -4.69
CA ILE B 41 -2.40 -6.93 -6.14
C ILE B 41 -3.24 -8.01 -6.81
N THR B 42 -3.37 -9.16 -6.20
CA THR B 42 -4.15 -10.25 -6.84
C THR B 42 -5.50 -9.70 -7.33
N THR B 43 -6.13 -8.85 -6.56
CA THR B 43 -7.44 -8.29 -6.99
C THR B 43 -7.22 -7.18 -8.01
N HIS B 44 -6.03 -7.07 -8.55
CA HIS B 44 -5.73 -6.00 -9.56
C HIS B 44 -5.28 -6.61 -10.89
N PRO B 45 -6.23 -7.02 -11.72
CA PRO B 45 -5.90 -7.61 -13.03
C PRO B 45 -5.07 -6.63 -13.87
N LYS B 46 -4.78 -5.48 -13.33
CA LYS B 46 -3.96 -4.49 -14.09
C LYS B 46 -2.47 -4.83 -13.92
N TYR B 47 -2.13 -6.09 -14.00
CA TYR B 47 -0.70 -6.49 -13.84
C TYR B 47 0.10 -5.96 -15.04
N SER B 48 -0.57 -5.46 -16.04
CA SER B 48 0.13 -4.94 -17.25
C SER B 48 1.15 -3.86 -16.86
N ASP B 49 2.29 -4.29 -16.37
CA ASP B 49 3.35 -3.31 -15.97
C ASP B 49 2.81 -2.36 -14.88
N ILE B 50 3.48 -2.32 -13.76
CA ILE B 50 3.02 -1.42 -12.66
C ILE B 50 4.25 -0.87 -11.90
N ASP B 51 5.42 -1.25 -12.30
CA ASP B 51 6.66 -0.77 -11.61
C ASP B 51 6.67 -1.31 -10.17
N VAL B 52 7.14 -2.51 -10.00
CA VAL B 52 7.19 -3.10 -8.63
C VAL B 52 8.42 -2.59 -7.89
N ASP B 53 9.38 -2.07 -8.61
CA ASP B 53 10.61 -1.55 -7.95
C ASP B 53 10.33 -0.22 -7.25
N GLY B 54 9.51 0.61 -7.85
CA GLY B 54 9.21 1.92 -7.22
C GLY B 54 8.33 1.73 -5.98
N LEU B 55 7.31 0.92 -6.08
CA LEU B 55 6.43 0.71 -4.90
C LEU B 55 7.25 0.01 -3.80
N CYS B 56 8.34 -0.62 -4.16
CA CYS B 56 9.16 -1.31 -3.13
C CYS B 56 9.87 -0.26 -2.27
N SER B 57 10.43 0.75 -2.88
CA SER B 57 11.11 1.82 -2.09
C SER B 57 10.06 2.81 -1.57
N GLU B 58 8.82 2.58 -1.90
CA GLU B 58 7.72 3.45 -1.44
C GLU B 58 7.05 2.82 -0.21
N LEU B 59 6.76 1.54 -0.24
CA LEU B 59 6.11 0.91 0.95
C LEU B 59 7.18 0.47 1.96
N MET B 60 8.37 0.19 1.49
CA MET B 60 9.44 -0.30 2.40
C MET B 60 9.98 0.81 3.33
N ALA B 61 10.00 2.05 2.91
CA ALA B 61 10.53 3.14 3.81
C ALA B 61 9.37 3.92 4.43
N LYS B 62 8.16 3.69 4.01
CA LYS B 62 7.02 4.38 4.66
C LYS B 62 6.65 3.51 5.87
N ALA B 63 7.30 2.39 5.97
CA ALA B 63 7.06 1.42 7.08
C ALA B 63 6.93 2.14 8.43
N LYS B 64 6.01 1.70 9.25
CA LYS B 64 5.81 2.30 10.61
C LYS B 64 6.19 1.24 11.64
N CYS B 65 7.42 1.24 12.07
CA CYS B 65 7.88 0.21 13.06
C CYS B 65 7.00 0.21 14.31
N SER B 66 6.35 -0.91 14.52
CA SER B 66 5.47 -1.10 15.71
C SER B 66 5.62 -2.55 16.18
N GLU B 67 5.28 -2.87 17.40
CA GLU B 67 5.43 -4.28 17.85
C GLU B 67 4.50 -5.17 17.04
N ARG B 68 3.47 -4.62 16.48
CA ARG B 68 2.56 -5.44 15.62
C ARG B 68 3.23 -5.60 14.25
N GLY B 69 4.53 -5.68 14.26
CA GLY B 69 5.29 -5.81 12.98
C GLY B 69 5.20 -4.45 12.27
N VAL B 70 5.62 -4.36 11.04
CA VAL B 70 5.53 -3.06 10.32
C VAL B 70 4.08 -2.85 9.87
N VAL B 71 3.60 -1.63 9.92
CA VAL B 71 2.19 -1.37 9.48
C VAL B 71 2.14 -0.08 8.65
N ILE B 72 1.38 -0.08 7.58
CA ILE B 72 1.28 1.13 6.70
C ILE B 72 -0.20 1.48 6.49
N ASN B 73 -0.50 2.72 6.24
CA ASN B 73 -1.92 3.12 6.02
C ASN B 73 -2.27 2.88 4.54
N ALA B 74 -3.30 2.11 4.30
CA ALA B 74 -3.72 1.80 2.91
C ALA B 74 -3.78 3.08 2.07
N GLU B 75 -3.69 4.24 2.69
CA GLU B 75 -3.74 5.50 1.90
C GLU B 75 -2.37 5.81 1.30
N ASP B 76 -1.31 5.27 1.82
CA ASP B 76 0.02 5.55 1.20
C ASP B 76 0.19 4.61 0.01
N VAL B 77 0.09 3.33 0.22
CA VAL B 77 0.19 2.38 -0.92
C VAL B 77 -0.80 2.81 -2.00
N GLN B 78 -2.05 3.03 -1.65
CA GLN B 78 -3.04 3.47 -2.67
C GLN B 78 -2.44 4.64 -3.46
N LEU B 79 -1.70 5.49 -2.81
CA LEU B 79 -1.05 6.63 -3.53
C LEU B 79 0.18 6.09 -4.25
N ALA B 80 0.70 4.96 -3.83
CA ALA B 80 1.88 4.37 -4.54
C ALA B 80 1.38 3.52 -5.71
N LEU B 81 0.43 2.67 -5.47
CA LEU B 81 -0.11 1.83 -6.59
C LEU B 81 -0.68 2.75 -7.66
N ASN B 82 -1.09 3.93 -7.28
CA ASN B 82 -1.67 4.89 -8.29
C ASN B 82 -0.57 5.82 -8.80
N LYS B 83 0.59 5.77 -8.20
CA LYS B 83 1.70 6.66 -8.65
C LYS B 83 2.28 6.18 -9.97
N HIS B 84 3.18 5.24 -9.93
CA HIS B 84 3.82 4.74 -11.19
C HIS B 84 2.79 3.98 -12.03
N MET B 85 1.53 4.34 -11.94
CA MET B 85 0.49 3.62 -12.75
C MET B 85 0.31 4.35 -14.09
N ASN B 86 0.84 3.81 -15.15
CA ASN B 86 0.71 4.45 -16.49
C ASN B 86 -0.74 4.31 -16.97
N ASN A 1 -4.77 -17.76 2.15
CA ASN A 1 -3.85 -18.87 1.78
C ASN A 1 -3.36 -19.57 3.04
N LEU A 2 -3.48 -20.87 3.11
CA LEU A 2 -3.02 -21.60 4.32
C LEU A 2 -1.49 -21.58 4.38
N ASP A 3 -0.90 -22.44 5.16
CA ASP A 3 0.58 -22.47 5.26
C ASP A 3 1.03 -23.84 5.78
N SER A 4 2.05 -24.40 5.19
CA SER A 4 2.54 -25.73 5.65
C SER A 4 4.02 -25.89 5.28
N ASN A 5 4.58 -27.05 5.53
CA ASN A 5 6.01 -27.26 5.19
C ASN A 5 6.21 -27.16 3.68
N MET A 6 7.16 -26.39 3.24
CA MET A 6 7.40 -26.24 1.78
C MET A 6 8.86 -25.88 1.53
N PHE A 7 9.77 -26.54 2.21
CA PHE A 7 11.22 -26.23 2.03
C PHE A 7 11.56 -26.29 0.54
N SER A 8 11.75 -25.15 -0.08
CA SER A 8 12.10 -25.14 -1.53
C SER A 8 13.56 -25.51 -1.72
N ASN A 9 14.16 -26.09 -0.71
CA ASN A 9 15.60 -26.48 -0.83
C ASN A 9 15.76 -27.50 -1.95
N ASP A 10 16.61 -27.23 -2.90
CA ASP A 10 16.81 -28.18 -4.03
C ASP A 10 18.17 -27.92 -4.69
N PHE A 11 18.27 -26.89 -5.47
CA PHE A 11 19.58 -26.59 -6.14
C PHE A 11 20.56 -26.03 -5.10
N ASN A 12 20.56 -26.58 -3.92
CA ASN A 12 21.49 -26.07 -2.87
C ASN A 12 21.53 -27.07 -1.70
N PHE A 13 20.39 -27.43 -1.18
CA PHE A 13 20.35 -28.40 -0.05
C PHE A 13 21.00 -27.77 1.19
N GLU A 14 22.10 -27.09 1.03
CA GLU A 14 22.77 -26.47 2.20
C GLU A 14 21.92 -25.29 2.69
N ASN A 15 21.66 -24.33 1.84
CA ASN A 15 20.85 -23.17 2.26
C ASN A 15 19.43 -23.62 2.60
N GLN A 16 19.25 -24.22 3.75
CA GLN A 16 17.89 -24.69 4.14
C GLN A 16 17.00 -23.48 4.42
N PHE A 17 16.81 -22.63 3.45
CA PHE A 17 15.96 -21.43 3.66
C PHE A 17 15.71 -20.74 2.32
N ASP A 18 14.61 -21.03 1.67
CA ASP A 18 14.33 -20.38 0.37
C ASP A 18 12.87 -20.64 -0.03
N GLU A 19 12.00 -20.79 0.94
CA GLU A 19 10.57 -21.04 0.61
C GLU A 19 10.04 -19.91 -0.28
N GLN A 20 9.27 -19.02 0.28
CA GLN A 20 8.72 -17.90 -0.55
C GLN A 20 9.75 -16.76 -0.61
N VAL A 21 10.77 -16.83 0.18
CA VAL A 21 11.80 -15.74 0.16
C VAL A 21 11.13 -14.41 0.39
N SER A 22 10.76 -14.16 1.60
CA SER A 22 10.13 -12.87 1.92
C SER A 22 11.21 -11.81 1.97
N GLU A 23 12.26 -11.97 1.19
CA GLU A 23 13.34 -10.93 1.17
C GLU A 23 12.65 -9.57 1.09
N PHE A 24 11.45 -9.62 0.57
CA PHE A 24 10.63 -8.40 0.46
C PHE A 24 10.23 -7.92 1.86
N CYS A 25 9.45 -8.69 2.55
CA CYS A 25 9.03 -8.27 3.92
C CYS A 25 10.25 -8.24 4.84
N SER A 26 11.16 -9.14 4.64
CA SER A 26 12.38 -9.20 5.51
C SER A 26 13.07 -7.84 5.58
N LYS A 27 13.02 -7.04 4.54
CA LYS A 27 13.68 -5.69 4.60
C LYS A 27 12.63 -4.62 4.88
N MET A 28 11.38 -4.94 4.73
CA MET A 28 10.36 -3.92 5.08
C MET A 28 10.31 -3.83 6.59
N ASN A 29 10.71 -4.87 7.29
CA ASN A 29 10.70 -4.78 8.79
C ASN A 29 12.01 -4.13 9.20
N GLN A 30 13.07 -4.48 8.48
CA GLN A 30 14.43 -3.90 8.76
C GLN A 30 14.27 -2.42 9.10
N VAL A 31 13.37 -1.75 8.42
CA VAL A 31 13.12 -0.30 8.72
C VAL A 31 13.04 -0.09 10.24
N CYS A 32 12.90 -1.16 10.98
CA CYS A 32 12.82 -1.03 12.46
C CYS A 32 14.23 -0.91 13.05
N GLY A 33 15.05 -1.91 12.87
CA GLY A 33 16.43 -1.86 13.42
C GLY A 33 17.30 -0.91 12.58
N THR A 34 17.77 0.15 13.18
CA THR A 34 18.63 1.11 12.43
C THR A 34 20.10 0.74 12.61
N ARG A 35 20.81 0.55 11.52
CA ARG A 35 22.25 0.18 11.63
C ARG A 35 23.08 1.44 11.90
N ASN B 1 -25.85 41.07 12.73
CA ASN B 1 -25.12 40.47 11.58
C ASN B 1 -23.90 39.69 12.11
N GLY B 2 -23.86 38.41 11.85
CA GLY B 2 -22.70 37.60 12.34
C GLY B 2 -22.91 36.14 11.95
N SER B 3 -24.15 35.72 11.79
CA SER B 3 -24.42 34.31 11.42
C SER B 3 -23.84 34.03 10.02
N SER B 4 -22.89 33.15 9.93
CA SER B 4 -22.29 32.83 8.60
C SER B 4 -23.33 32.12 7.72
N LEU B 5 -24.40 31.66 8.32
CA LEU B 5 -25.44 30.96 7.51
C LEU B 5 -26.19 31.98 6.65
N GLN B 6 -26.14 31.83 5.36
CA GLN B 6 -26.85 32.78 4.46
C GLN B 6 -26.84 32.25 3.02
N ASN B 7 -26.35 31.05 2.83
CA ASN B 7 -26.31 30.48 1.46
C ASN B 7 -27.74 30.33 0.94
N ALA B 8 -28.22 31.30 0.21
CA ALA B 8 -29.61 31.21 -0.33
C ALA B 8 -29.66 30.14 -1.42
N ASP B 9 -30.51 29.17 -1.28
CA ASP B 9 -30.61 28.08 -2.30
C ASP B 9 -29.23 27.49 -2.55
N LYS B 10 -28.92 26.39 -1.92
CA LYS B 10 -27.59 25.75 -2.13
C LYS B 10 -27.47 25.29 -3.58
N ILE B 11 -26.71 25.99 -4.38
CA ILE B 11 -26.55 25.60 -5.80
C ILE B 11 -25.86 24.23 -5.88
N ASN B 12 -24.70 24.16 -6.45
CA ASN B 12 -23.99 22.85 -6.55
C ASN B 12 -23.80 22.27 -5.15
N ASN B 13 -24.33 21.12 -4.88
CA ASN B 13 -24.16 20.50 -3.53
C ASN B 13 -22.75 19.93 -3.40
N GLY B 14 -22.47 19.28 -2.31
CA GLY B 14 -21.11 18.69 -2.12
C GLY B 14 -20.98 17.42 -2.96
N ASN B 15 -22.05 16.70 -3.12
CA ASN B 15 -21.99 15.44 -3.91
C ASN B 15 -23.41 15.00 -4.26
N ASP B 16 -23.71 14.88 -5.53
CA ASP B 16 -25.08 14.45 -5.94
C ASP B 16 -25.24 12.94 -5.69
N ASN B 17 -25.04 12.13 -6.69
CA ASN B 17 -25.18 10.66 -6.50
C ASN B 17 -24.71 9.95 -7.77
N ASP B 18 -25.06 8.69 -7.92
CA ASP B 18 -24.63 7.95 -9.12
C ASP B 18 -23.11 8.03 -9.27
N ASN B 19 -22.57 7.46 -10.31
CA ASN B 19 -21.10 7.51 -10.52
C ASN B 19 -20.39 7.05 -9.24
N ASP B 20 -19.80 7.96 -8.51
CA ASP B 20 -19.10 7.58 -7.26
C ASP B 20 -20.12 7.10 -6.23
N ASN B 21 -19.67 6.52 -5.14
CA ASN B 21 -20.61 6.03 -4.10
C ASN B 21 -19.87 5.91 -2.77
N ASP B 22 -18.58 6.00 -2.79
CA ASP B 22 -17.80 5.89 -1.51
C ASP B 22 -18.22 7.03 -0.57
N VAL B 23 -17.53 7.18 0.53
CA VAL B 23 -17.87 8.25 1.50
C VAL B 23 -16.59 8.83 2.09
N VAL B 24 -16.61 9.25 3.32
CA VAL B 24 -15.39 9.82 3.97
C VAL B 24 -15.38 9.49 5.48
N PRO B 25 -16.36 9.93 6.26
CA PRO B 25 -16.37 9.60 7.69
C PRO B 25 -16.22 8.08 7.87
N SER B 26 -15.00 7.62 8.03
CA SER B 26 -14.78 6.16 8.20
C SER B 26 -13.31 5.90 8.56
N LYS B 27 -12.93 6.23 9.76
CA LYS B 27 -11.52 6.01 10.17
C LYS B 27 -10.58 6.76 9.21
N GLU B 28 -9.66 6.09 8.57
CA GLU B 28 -8.74 6.80 7.63
C GLU B 28 -7.84 5.77 6.94
N GLY B 29 -8.40 4.96 6.08
CA GLY B 29 -7.55 3.94 5.38
C GLY B 29 -7.21 2.82 6.35
N SER B 30 -7.20 1.60 5.89
CA SER B 30 -6.87 0.46 6.79
C SER B 30 -5.36 0.31 6.93
N LEU B 31 -4.94 -0.45 7.90
CA LEU B 31 -3.50 -0.68 8.13
C LEU B 31 -3.09 -2.00 7.44
N LEU B 32 -2.10 -1.97 6.59
CA LEU B 32 -1.67 -3.22 5.88
C LEU B 32 -0.15 -3.41 6.06
N ARG B 33 0.31 -4.64 6.01
CA ARG B 33 1.77 -4.91 6.20
C ARG B 33 2.46 -5.07 4.84
N CYS B 34 3.36 -6.03 4.73
CA CYS B 34 4.09 -6.24 3.44
C CYS B 34 3.28 -7.15 2.51
N SER B 35 3.54 -8.43 2.53
CA SER B 35 2.79 -9.37 1.64
C SER B 35 1.31 -9.03 1.67
N GLU B 36 0.89 -8.42 2.75
CA GLU B 36 -0.52 -8.02 2.89
C GLU B 36 -0.98 -7.36 1.59
N ILE B 37 -0.11 -6.54 1.05
CA ILE B 37 -0.46 -5.80 -0.17
C ILE B 37 -0.51 -6.79 -1.33
N TRP B 38 0.32 -7.80 -1.29
CA TRP B 38 0.33 -8.82 -2.39
C TRP B 38 -1.11 -9.17 -2.68
N ASP B 39 -1.92 -9.23 -1.65
CA ASP B 39 -3.36 -9.51 -1.87
C ASP B 39 -3.98 -8.30 -2.55
N ARG B 40 -3.65 -7.11 -2.10
CA ARG B 40 -4.22 -5.88 -2.73
C ARG B 40 -3.88 -5.90 -4.24
N ILE B 41 -2.78 -6.50 -4.59
CA ILE B 41 -2.38 -6.59 -6.03
C ILE B 41 -3.15 -7.71 -6.72
N THR B 42 -3.24 -8.86 -6.11
CA THR B 42 -3.97 -9.99 -6.76
C THR B 42 -5.38 -9.54 -7.16
N THR B 43 -6.08 -8.86 -6.30
CA THR B 43 -7.46 -8.42 -6.65
C THR B 43 -7.45 -7.57 -7.93
N HIS B 44 -6.31 -7.39 -8.54
CA HIS B 44 -6.27 -6.59 -9.80
C HIS B 44 -6.65 -7.55 -10.94
N PRO B 45 -7.59 -7.20 -11.80
CA PRO B 45 -7.98 -8.12 -12.87
C PRO B 45 -6.75 -8.45 -13.74
N LYS B 46 -5.94 -9.39 -13.31
CA LYS B 46 -4.72 -9.74 -14.08
C LYS B 46 -3.76 -8.55 -14.06
N TYR B 47 -2.50 -8.80 -13.79
CA TYR B 47 -1.50 -7.70 -13.76
C TYR B 47 -1.59 -6.90 -15.06
N SER B 48 -0.72 -5.93 -15.24
CA SER B 48 -0.76 -5.12 -16.49
C SER B 48 0.63 -4.51 -16.71
N ASP B 49 0.96 -3.49 -15.97
CA ASP B 49 2.30 -2.84 -16.14
C ASP B 49 2.64 -2.03 -14.89
N ILE B 50 2.94 -2.69 -13.79
CA ILE B 50 3.29 -1.96 -12.53
C ILE B 50 4.79 -2.13 -12.24
N ASP B 51 5.27 -1.45 -11.22
CA ASP B 51 6.72 -1.54 -10.85
C ASP B 51 6.79 -1.88 -9.36
N VAL B 52 7.36 -3.01 -9.04
CA VAL B 52 7.48 -3.39 -7.61
C VAL B 52 8.70 -2.70 -6.97
N ASP B 53 9.58 -2.20 -7.80
CA ASP B 53 10.81 -1.53 -7.27
C ASP B 53 10.44 -0.25 -6.51
N GLY B 54 9.59 0.56 -7.06
CA GLY B 54 9.22 1.84 -6.38
C GLY B 54 8.43 1.54 -5.10
N LEU B 55 7.66 0.49 -5.08
CA LEU B 55 6.90 0.17 -3.84
C LEU B 55 7.90 -0.25 -2.76
N CYS B 56 9.08 -0.64 -3.17
CA CYS B 56 10.11 -1.08 -2.19
C CYS B 56 10.69 0.12 -1.44
N SER B 57 11.16 1.13 -2.13
CA SER B 57 11.75 2.32 -1.42
C SER B 57 10.64 3.29 -0.98
N GLU B 58 9.42 2.97 -1.30
CA GLU B 58 8.28 3.84 -0.88
C GLU B 58 7.63 3.26 0.37
N LEU B 59 7.35 1.99 0.39
CA LEU B 59 6.71 1.39 1.61
C LEU B 59 7.77 0.95 2.63
N MET B 60 9.00 0.77 2.22
CA MET B 60 10.05 0.32 3.18
C MET B 60 10.37 1.42 4.20
N ALA B 61 10.21 2.67 3.85
CA ALA B 61 10.50 3.78 4.83
C ALA B 61 9.18 4.34 5.35
N LYS B 62 8.19 4.47 4.52
CA LYS B 62 6.89 4.96 5.06
C LYS B 62 6.44 3.95 6.10
N ALA B 63 7.05 2.79 6.07
CA ALA B 63 6.71 1.70 7.01
C ALA B 63 6.64 2.20 8.47
N LYS B 64 5.78 1.60 9.25
CA LYS B 64 5.64 1.99 10.69
C LYS B 64 5.91 0.73 11.54
N CYS B 65 7.15 0.48 11.84
CA CYS B 65 7.51 -0.74 12.63
C CYS B 65 6.65 -0.89 13.89
N SER B 66 6.15 -2.09 14.08
CA SER B 66 5.32 -2.40 15.29
C SER B 66 5.68 -3.83 15.72
N GLU B 67 5.41 -4.22 16.93
CA GLU B 67 5.76 -5.60 17.36
C GLU B 67 4.92 -6.62 16.57
N ARG B 68 3.82 -6.20 16.02
CA ARG B 68 2.99 -7.15 15.22
C ARG B 68 3.58 -7.24 13.81
N GLY B 69 4.41 -6.28 13.48
CA GLY B 69 5.05 -6.25 12.14
C GLY B 69 4.93 -4.83 11.57
N VAL B 70 5.33 -4.61 10.35
CA VAL B 70 5.22 -3.25 9.76
C VAL B 70 3.78 -2.98 9.35
N VAL B 71 3.32 -1.76 9.48
CA VAL B 71 1.92 -1.44 9.07
C VAL B 71 1.90 -0.06 8.40
N ILE B 72 1.16 0.08 7.33
CA ILE B 72 1.09 1.40 6.60
C ILE B 72 -0.37 1.74 6.31
N ASN B 73 -0.67 3.00 6.17
CA ASN B 73 -2.06 3.40 5.88
C ASN B 73 -2.33 3.31 4.38
N ALA B 74 -3.45 2.78 4.01
CA ALA B 74 -3.81 2.65 2.56
C ALA B 74 -3.59 3.98 1.84
N GLU B 75 -3.33 5.05 2.56
CA GLU B 75 -3.14 6.37 1.89
C GLU B 75 -1.70 6.50 1.34
N ASP B 76 -0.74 5.79 1.87
CA ASP B 76 0.64 5.90 1.30
C ASP B 76 0.75 4.93 0.12
N VAL B 77 0.56 3.66 0.36
CA VAL B 77 0.61 2.69 -0.76
C VAL B 77 -0.26 3.20 -1.92
N GLN B 78 -1.49 3.55 -1.67
CA GLN B 78 -2.37 4.06 -2.75
C GLN B 78 -1.68 5.26 -3.42
N LEU B 79 -0.93 6.03 -2.66
CA LEU B 79 -0.21 7.18 -3.25
C LEU B 79 1.03 6.66 -3.98
N ALA B 80 1.51 5.50 -3.61
CA ALA B 80 2.71 4.93 -4.31
C ALA B 80 2.21 4.13 -5.52
N LEU B 81 1.31 3.20 -5.32
CA LEU B 81 0.79 2.40 -6.46
C LEU B 81 0.22 3.34 -7.53
N ASN B 82 -0.22 4.51 -7.16
CA ASN B 82 -0.78 5.47 -8.16
C ASN B 82 0.30 6.43 -8.65
N LYS B 83 1.46 6.39 -8.04
CA LYS B 83 2.56 7.31 -8.48
C LYS B 83 3.44 6.62 -9.52
N HIS B 84 3.30 5.33 -9.69
CA HIS B 84 4.14 4.58 -10.70
C HIS B 84 3.25 3.98 -11.77
N MET B 85 2.02 4.42 -11.87
CA MET B 85 1.09 3.86 -12.90
C MET B 85 1.07 4.78 -14.13
N ASN B 86 1.75 4.39 -15.17
CA ASN B 86 1.77 5.23 -16.40
C ASN B 86 0.39 5.22 -17.05
N ASN A 1 2.42 -26.13 -10.67
CA ASN A 1 1.60 -27.36 -10.56
C ASN A 1 2.44 -28.51 -10.00
N LEU A 2 3.60 -28.73 -10.56
CA LEU A 2 4.47 -29.82 -10.06
C LEU A 2 5.00 -29.45 -8.68
N ASP A 3 4.72 -30.25 -7.68
CA ASP A 3 5.21 -29.94 -6.31
C ASP A 3 4.73 -28.54 -5.90
N SER A 4 3.74 -28.47 -5.05
CA SER A 4 3.23 -27.13 -4.62
C SER A 4 4.40 -26.28 -4.13
N ASN A 5 4.13 -25.05 -3.76
CA ASN A 5 5.24 -24.17 -3.28
C ASN A 5 6.38 -24.17 -4.30
N MET A 6 6.30 -23.33 -5.29
CA MET A 6 7.39 -23.29 -6.32
C MET A 6 8.67 -22.74 -5.68
N PHE A 7 9.79 -23.36 -5.93
CA PHE A 7 11.06 -22.86 -5.35
C PHE A 7 11.47 -21.55 -6.02
N SER A 8 12.72 -21.20 -5.95
CA SER A 8 13.17 -19.94 -6.59
C SER A 8 12.68 -19.89 -8.04
N ASN A 9 12.05 -18.81 -8.43
CA ASN A 9 11.55 -18.71 -9.84
C ASN A 9 12.72 -18.41 -10.77
N ASP A 10 13.25 -19.43 -11.41
CA ASP A 10 14.40 -19.21 -12.34
C ASP A 10 14.60 -20.45 -13.20
N PHE A 11 15.29 -20.31 -14.30
CA PHE A 11 15.52 -21.49 -15.18
C PHE A 11 16.51 -22.44 -14.50
N ASN A 12 17.44 -21.91 -13.75
CA ASN A 12 18.43 -22.78 -13.07
C ASN A 12 17.73 -23.62 -12.00
N PHE A 13 18.44 -24.08 -11.01
CA PHE A 13 17.81 -24.91 -9.95
C PHE A 13 18.80 -25.11 -8.80
N GLU A 14 19.85 -24.32 -8.76
CA GLU A 14 20.85 -24.47 -7.67
C GLU A 14 20.31 -23.83 -6.39
N ASN A 15 19.37 -22.95 -6.51
CA ASN A 15 18.81 -22.28 -5.29
C ASN A 15 19.96 -21.71 -4.46
N GLN A 16 20.24 -20.44 -4.60
CA GLN A 16 21.35 -19.83 -3.83
C GLN A 16 20.95 -19.71 -2.36
N PHE A 17 19.79 -19.14 -2.11
CA PHE A 17 19.33 -18.97 -0.70
C PHE A 17 17.85 -18.58 -0.70
N ASP A 18 17.10 -19.06 -1.65
CA ASP A 18 15.65 -18.72 -1.70
C ASP A 18 14.90 -19.43 -0.58
N GLU A 19 14.19 -20.49 -0.91
CA GLU A 19 13.42 -21.27 0.12
C GLU A 19 12.89 -20.35 1.22
N GLN A 20 12.57 -19.13 0.89
CA GLN A 20 12.04 -18.17 1.90
C GLN A 20 11.14 -17.15 1.21
N VAL A 21 11.51 -16.76 0.00
CA VAL A 21 10.71 -15.75 -0.77
C VAL A 21 10.09 -14.72 0.13
N SER A 22 10.76 -13.61 0.24
CA SER A 22 10.26 -12.50 1.08
C SER A 22 11.38 -11.49 1.28
N GLU A 23 12.35 -11.44 0.40
CA GLU A 23 13.43 -10.42 0.57
C GLU A 23 12.71 -9.09 0.77
N PHE A 24 11.46 -9.09 0.36
CA PHE A 24 10.61 -7.89 0.51
C PHE A 24 10.23 -7.73 1.98
N CYS A 25 9.49 -8.66 2.52
CA CYS A 25 9.09 -8.55 3.95
C CYS A 25 10.32 -8.60 4.85
N SER A 26 11.20 -9.54 4.62
CA SER A 26 12.41 -9.67 5.46
C SER A 26 13.12 -8.32 5.61
N LYS A 27 13.06 -7.47 4.60
CA LYS A 27 13.71 -6.13 4.72
C LYS A 27 12.63 -5.10 5.04
N MET A 28 11.38 -5.45 4.89
CA MET A 28 10.32 -4.48 5.24
C MET A 28 10.26 -4.42 6.77
N ASN A 29 10.60 -5.49 7.46
CA ASN A 29 10.56 -5.44 8.95
C ASN A 29 11.87 -4.77 9.39
N GLN A 30 12.95 -5.14 8.72
CA GLN A 30 14.30 -4.55 9.04
C GLN A 30 14.13 -3.07 9.39
N VAL A 31 13.26 -2.38 8.69
CA VAL A 31 13.01 -0.94 8.99
C VAL A 31 12.87 -0.75 10.51
N CYS A 32 12.64 -1.82 11.22
CA CYS A 32 12.51 -1.73 12.70
C CYS A 32 13.86 -2.01 13.35
N GLY A 33 14.93 -1.74 12.64
CA GLY A 33 16.28 -1.99 13.22
C GLY A 33 16.58 -0.94 14.31
N THR A 34 16.83 -1.37 15.51
CA THR A 34 17.12 -0.43 16.62
C THR A 34 18.40 -0.86 17.34
N ARG A 35 19.49 -0.19 17.09
CA ARG A 35 20.77 -0.57 17.75
C ARG A 35 21.84 0.48 17.44
N ASN B 1 -23.16 43.63 -10.96
CA ASN B 1 -23.20 43.93 -9.50
C ASN B 1 -23.10 42.61 -8.72
N GLY B 2 -23.35 41.50 -9.36
CA GLY B 2 -23.26 40.19 -8.66
C GLY B 2 -24.34 40.12 -7.58
N SER B 3 -24.41 39.02 -6.87
CA SER B 3 -25.43 38.88 -5.80
C SER B 3 -25.17 39.92 -4.72
N SER B 4 -23.92 40.12 -4.37
CA SER B 4 -23.59 41.11 -3.31
C SER B 4 -24.37 40.78 -2.03
N LEU B 5 -24.34 39.55 -1.61
CA LEU B 5 -25.07 39.16 -0.37
C LEU B 5 -24.36 39.76 0.85
N GLN B 6 -24.73 40.94 1.24
CA GLN B 6 -24.08 41.58 2.42
C GLN B 6 -22.56 41.56 2.23
N ASN B 7 -21.83 41.30 3.28
CA ASN B 7 -20.34 41.27 3.17
C ASN B 7 -19.93 40.07 2.29
N ALA B 8 -19.07 40.29 1.34
CA ALA B 8 -18.62 39.17 0.47
C ALA B 8 -17.40 39.61 -0.34
N ASP B 9 -17.59 39.95 -1.58
CA ASP B 9 -16.44 40.39 -2.42
C ASP B 9 -15.42 39.25 -2.56
N LYS B 10 -14.68 38.97 -1.51
CA LYS B 10 -13.68 37.87 -1.56
C LYS B 10 -14.31 36.63 -2.19
N ILE B 11 -15.40 36.17 -1.63
CA ILE B 11 -16.06 34.95 -2.18
C ILE B 11 -15.03 33.83 -2.33
N ASN B 12 -14.38 33.76 -3.46
CA ASN B 12 -13.37 32.68 -3.65
C ASN B 12 -12.07 33.05 -2.92
N ASN B 13 -11.12 33.59 -3.62
CA ASN B 13 -9.84 33.98 -2.97
C ASN B 13 -9.30 32.80 -2.15
N GLY B 14 -9.46 32.85 -0.85
CA GLY B 14 -8.96 31.73 -0.01
C GLY B 14 -7.43 31.78 0.06
N ASN B 15 -6.90 32.45 1.04
CA ASN B 15 -5.41 32.53 1.16
C ASN B 15 -4.84 31.14 1.46
N ASP B 16 -5.68 30.14 1.50
CA ASP B 16 -5.18 28.76 1.79
C ASP B 16 -4.24 28.32 0.67
N ASN B 17 -3.51 27.27 0.88
CA ASN B 17 -2.58 26.77 -0.17
C ASN B 17 -3.38 26.21 -1.34
N ASP B 18 -4.20 27.03 -1.95
CA ASP B 18 -5.02 26.54 -3.10
C ASP B 18 -4.13 26.38 -4.32
N ASN B 19 -2.89 26.75 -4.21
CA ASN B 19 -1.95 26.62 -5.37
C ASN B 19 -1.76 25.13 -5.70
N ASP B 20 -2.37 24.26 -4.96
CA ASP B 20 -2.21 22.81 -5.23
C ASP B 20 -3.20 22.02 -4.37
N ASN B 21 -2.96 20.75 -4.17
CA ASN B 21 -3.88 19.93 -3.34
C ASN B 21 -3.19 18.62 -2.94
N ASP B 22 -2.73 18.54 -1.72
CA ASP B 22 -2.04 17.29 -1.27
C ASP B 22 -2.10 17.20 0.25
N VAL B 23 -2.94 16.36 0.78
CA VAL B 23 -3.06 16.23 2.26
C VAL B 23 -3.45 14.78 2.58
N VAL B 24 -3.95 14.54 3.76
CA VAL B 24 -4.35 13.15 4.14
C VAL B 24 -5.50 13.22 5.17
N PRO B 25 -6.66 13.64 4.73
CA PRO B 25 -7.83 13.75 5.64
C PRO B 25 -8.19 12.37 6.18
N SER B 26 -8.94 12.32 7.26
CA SER B 26 -9.32 11.00 7.83
C SER B 26 -10.27 10.27 6.87
N LYS B 27 -9.99 9.02 6.59
CA LYS B 27 -10.87 8.26 5.66
C LYS B 27 -10.51 6.78 5.72
N GLU B 28 -10.82 6.04 4.69
CA GLU B 28 -10.49 4.58 4.70
C GLU B 28 -8.97 4.40 4.74
N GLY B 29 -8.47 3.77 5.75
CA GLY B 29 -7.00 3.56 5.85
C GLY B 29 -6.71 2.45 6.86
N SER B 30 -6.80 1.22 6.44
CA SER B 30 -6.53 0.09 7.38
C SER B 30 -5.03 -0.17 7.48
N LEU B 31 -4.64 -0.91 8.47
CA LEU B 31 -3.19 -1.24 8.65
C LEU B 31 -2.90 -2.55 7.92
N LEU B 32 -1.95 -2.56 7.02
CA LEU B 32 -1.62 -3.82 6.27
C LEU B 32 -0.11 -4.10 6.41
N ARG B 33 0.26 -5.36 6.41
CA ARG B 33 1.70 -5.74 6.59
C ARG B 33 2.41 -5.82 5.22
N CYS B 34 3.38 -6.69 5.12
CA CYS B 34 4.15 -6.84 3.85
C CYS B 34 3.37 -7.67 2.82
N SER B 35 3.59 -8.95 2.79
CA SER B 35 2.85 -9.82 1.80
C SER B 35 1.38 -9.42 1.79
N GLU B 36 0.95 -8.78 2.83
CA GLU B 36 -0.46 -8.32 2.91
C GLU B 36 -0.81 -7.59 1.62
N ILE B 37 0.08 -6.72 1.21
CA ILE B 37 -0.17 -5.93 -0.01
C ILE B 37 -0.24 -6.88 -1.20
N TRP B 38 0.54 -7.95 -1.16
CA TRP B 38 0.52 -8.93 -2.29
C TRP B 38 -0.93 -9.22 -2.62
N ASP B 39 -1.75 -9.37 -1.61
CA ASP B 39 -3.19 -9.60 -1.88
C ASP B 39 -3.70 -8.39 -2.65
N ARG B 40 -3.28 -7.21 -2.27
CA ARG B 40 -3.72 -5.98 -3.01
C ARG B 40 -3.36 -6.13 -4.50
N ILE B 41 -2.16 -6.56 -4.79
CA ILE B 41 -1.75 -6.76 -6.21
C ILE B 41 -2.65 -7.84 -6.85
N THR B 42 -2.87 -8.92 -6.17
CA THR B 42 -3.72 -10.00 -6.76
C THR B 42 -5.14 -9.48 -7.03
N THR B 43 -5.79 -8.92 -6.03
CA THR B 43 -7.18 -8.41 -6.25
C THR B 43 -7.17 -7.22 -7.21
N HIS B 44 -6.07 -6.96 -7.87
CA HIS B 44 -6.00 -5.80 -8.83
C HIS B 44 -5.74 -6.32 -10.26
N PRO B 45 -6.79 -6.71 -10.97
CA PRO B 45 -6.66 -7.21 -12.35
C PRO B 45 -6.00 -6.13 -13.22
N LYS B 46 -5.75 -4.98 -12.67
CA LYS B 46 -5.11 -3.90 -13.48
C LYS B 46 -3.69 -4.33 -13.87
N TYR B 47 -3.30 -5.51 -13.46
CA TYR B 47 -1.94 -6.01 -13.79
C TYR B 47 -1.71 -5.82 -15.30
N SER B 48 -0.59 -5.28 -15.67
CA SER B 48 -0.29 -5.06 -17.11
C SER B 48 1.13 -4.51 -17.26
N ASP B 49 1.65 -3.91 -16.23
CA ASP B 49 3.02 -3.35 -16.31
C ASP B 49 3.47 -2.92 -14.91
N ILE B 50 3.17 -1.71 -14.52
CA ILE B 50 3.54 -1.22 -13.16
C ILE B 50 5.03 -1.47 -12.88
N ASP B 51 5.53 -0.91 -11.80
CA ASP B 51 6.96 -1.11 -11.43
C ASP B 51 7.00 -1.58 -9.98
N VAL B 52 7.48 -2.77 -9.75
CA VAL B 52 7.54 -3.29 -8.35
C VAL B 52 8.75 -2.70 -7.64
N ASP B 53 9.66 -2.15 -8.37
CA ASP B 53 10.88 -1.55 -7.73
C ASP B 53 10.49 -0.29 -6.96
N GLY B 54 9.63 0.51 -7.52
CA GLY B 54 9.22 1.76 -6.82
C GLY B 54 8.42 1.42 -5.56
N LEU B 55 7.54 0.47 -5.63
CA LEU B 55 6.74 0.12 -4.42
C LEU B 55 7.69 -0.30 -3.30
N CYS B 56 8.83 -0.84 -3.66
CA CYS B 56 9.80 -1.29 -2.63
C CYS B 56 10.38 -0.10 -1.86
N SER B 57 10.89 0.90 -2.53
CA SER B 57 11.47 2.06 -1.79
C SER B 57 10.34 3.02 -1.37
N GLU B 58 9.12 2.71 -1.72
CA GLU B 58 7.98 3.57 -1.32
C GLU B 58 7.27 2.93 -0.12
N LEU B 59 6.98 1.66 -0.16
CA LEU B 59 6.28 1.00 1.00
C LEU B 59 7.31 0.56 2.06
N MET B 60 8.56 0.44 1.70
CA MET B 60 9.57 -0.04 2.70
C MET B 60 9.96 1.07 3.68
N ALA B 61 9.86 2.33 3.31
CA ALA B 61 10.23 3.44 4.26
C ALA B 61 8.97 4.12 4.80
N LYS B 62 7.89 4.16 4.07
CA LYS B 62 6.67 4.77 4.65
C LYS B 62 6.31 3.90 5.86
N ALA B 63 6.99 2.80 5.99
CA ALA B 63 6.76 1.83 7.10
C ALA B 63 6.65 2.54 8.46
N LYS B 64 5.78 2.03 9.30
CA LYS B 64 5.61 2.61 10.68
C LYS B 64 5.97 1.53 11.69
N CYS B 65 7.19 1.55 12.17
CA CYS B 65 7.65 0.51 13.14
C CYS B 65 6.75 0.44 14.37
N SER B 66 6.18 -0.71 14.58
CA SER B 66 5.29 -0.96 15.76
C SER B 66 5.54 -2.40 16.24
N GLU B 67 5.22 -2.73 17.47
CA GLU B 67 5.47 -4.13 17.92
C GLU B 67 4.58 -5.07 17.09
N ARG B 68 3.51 -4.57 16.55
CA ARG B 68 2.64 -5.43 15.70
C ARG B 68 3.32 -5.56 14.34
N GLY B 69 4.62 -5.58 14.34
CA GLY B 69 5.39 -5.66 13.06
C GLY B 69 5.20 -4.32 12.34
N VAL B 70 5.58 -4.20 11.11
CA VAL B 70 5.39 -2.90 10.41
C VAL B 70 3.93 -2.76 9.99
N VAL B 71 3.38 -1.58 10.06
CA VAL B 71 1.96 -1.37 9.65
C VAL B 71 1.88 -0.07 8.84
N ILE B 72 1.13 -0.07 7.76
CA ILE B 72 1.01 1.15 6.92
C ILE B 72 -0.46 1.38 6.54
N ASN B 73 -0.82 2.59 6.25
CA ASN B 73 -2.25 2.88 5.90
C ASN B 73 -2.46 2.71 4.38
N ALA B 74 -3.58 2.12 4.02
CA ALA B 74 -3.90 1.92 2.58
C ALA B 74 -3.71 3.21 1.78
N GLU B 75 -3.51 4.31 2.43
CA GLU B 75 -3.30 5.59 1.69
C GLU B 75 -1.89 5.64 1.11
N ASP B 76 -0.97 4.84 1.60
CA ASP B 76 0.39 4.85 1.00
C ASP B 76 0.42 3.87 -0.19
N VAL B 77 0.07 2.63 0.01
CA VAL B 77 0.06 1.68 -1.14
C VAL B 77 -0.80 2.30 -2.26
N GLN B 78 -2.02 2.68 -1.96
CA GLN B 78 -2.90 3.28 -3.01
C GLN B 78 -2.17 4.48 -3.64
N LEU B 79 -1.41 5.20 -2.86
CA LEU B 79 -0.66 6.36 -3.41
C LEU B 79 0.62 5.86 -4.08
N ALA B 80 1.10 4.71 -3.71
CA ALA B 80 2.34 4.17 -4.36
C ALA B 80 1.93 3.41 -5.62
N LEU B 81 0.87 2.66 -5.57
CA LEU B 81 0.44 1.92 -6.80
C LEU B 81 -0.10 2.92 -7.83
N ASN B 82 -1.22 3.52 -7.57
CA ASN B 82 -1.80 4.49 -8.54
C ASN B 82 -0.73 5.47 -9.05
N LYS B 83 0.44 5.48 -8.44
CA LYS B 83 1.51 6.42 -8.90
C LYS B 83 2.35 5.76 -10.00
N HIS B 84 2.21 4.47 -10.19
CA HIS B 84 3.00 3.76 -11.24
C HIS B 84 2.05 3.28 -12.35
N MET B 85 0.88 3.86 -12.43
CA MET B 85 -0.10 3.45 -13.49
C MET B 85 0.01 4.40 -14.68
N ASN B 86 0.15 3.86 -15.86
CA ASN B 86 0.25 4.74 -17.06
C ASN B 86 -0.96 5.67 -17.13
N ASN A 1 -5.95 -17.98 7.99
CA ASN A 1 -4.53 -18.45 7.91
C ASN A 1 -3.91 -17.97 6.59
N LEU A 2 -2.92 -18.67 6.11
CA LEU A 2 -2.27 -18.25 4.83
C LEU A 2 -1.45 -19.42 4.27
N ASP A 3 -1.60 -20.58 4.85
CA ASP A 3 -0.82 -21.76 4.35
C ASP A 3 0.69 -21.48 4.45
N SER A 4 1.39 -22.23 5.25
CA SER A 4 2.85 -22.00 5.39
C SER A 4 3.50 -23.23 6.05
N ASN A 5 4.54 -23.75 5.47
CA ASN A 5 5.21 -24.94 6.07
C ASN A 5 6.54 -25.18 5.35
N MET A 6 6.57 -25.07 4.05
CA MET A 6 7.84 -25.30 3.29
C MET A 6 7.96 -24.24 2.20
N PHE A 7 8.53 -23.10 2.52
CA PHE A 7 8.70 -22.03 1.51
C PHE A 7 9.68 -22.49 0.43
N SER A 8 10.22 -21.59 -0.33
CA SER A 8 11.19 -21.97 -1.40
C SER A 8 10.46 -22.81 -2.46
N ASN A 9 11.17 -23.25 -3.46
CA ASN A 9 10.53 -24.08 -4.53
C ASN A 9 9.86 -25.30 -3.89
N ASP A 10 8.64 -25.16 -3.47
CA ASP A 10 7.93 -26.33 -2.85
C ASP A 10 7.42 -27.26 -3.96
N PHE A 11 6.38 -27.99 -3.68
CA PHE A 11 5.84 -28.93 -4.72
C PHE A 11 4.50 -29.50 -4.24
N ASN A 12 4.30 -29.56 -2.97
CA ASN A 12 3.02 -30.12 -2.43
C ASN A 12 1.89 -29.11 -2.67
N PHE A 13 2.22 -27.86 -2.88
CA PHE A 13 1.17 -26.84 -3.11
C PHE A 13 0.64 -26.97 -4.54
N GLU A 14 1.15 -26.18 -5.44
CA GLU A 14 0.69 -26.24 -6.86
C GLU A 14 1.81 -25.78 -7.79
N ASN A 15 2.38 -24.63 -7.51
CA ASN A 15 3.48 -24.12 -8.37
C ASN A 15 4.20 -22.98 -7.66
N GLN A 16 4.98 -23.29 -6.66
CA GLN A 16 5.71 -22.22 -5.92
C GLN A 16 4.72 -21.14 -5.48
N PHE A 17 4.90 -19.92 -5.94
CA PHE A 17 3.97 -18.82 -5.55
C PHE A 17 4.13 -18.52 -4.05
N ASP A 18 4.23 -19.53 -3.25
CA ASP A 18 4.39 -19.30 -1.78
C ASP A 18 5.56 -18.34 -1.54
N GLU A 19 6.75 -18.73 -1.90
CA GLU A 19 7.92 -17.84 -1.69
C GLU A 19 7.61 -16.44 -2.21
N GLN A 20 7.59 -15.47 -1.34
CA GLN A 20 7.28 -14.08 -1.78
C GLN A 20 7.74 -13.09 -0.70
N VAL A 21 7.60 -13.46 0.55
CA VAL A 21 8.04 -12.55 1.64
C VAL A 21 9.55 -12.61 1.78
N SER A 22 10.04 -13.22 2.82
CA SER A 22 11.51 -13.35 2.98
C SER A 22 12.19 -11.98 2.90
N GLU A 23 13.25 -11.89 2.14
CA GLU A 23 13.99 -10.60 2.00
C GLU A 23 12.98 -9.47 1.80
N PHE A 24 11.92 -9.73 1.08
CA PHE A 24 10.91 -8.67 0.85
C PHE A 24 10.33 -8.21 2.18
N CYS A 25 9.72 -9.11 2.91
CA CYS A 25 9.12 -8.73 4.21
C CYS A 25 10.21 -8.68 5.30
N SER A 26 11.03 -9.69 5.38
CA SER A 26 12.09 -9.72 6.42
C SER A 26 12.94 -8.44 6.35
N LYS A 27 13.02 -7.79 5.20
CA LYS A 27 13.81 -6.52 5.12
C LYS A 27 12.84 -5.35 5.23
N MET A 28 11.58 -5.60 5.08
CA MET A 28 10.61 -4.50 5.25
C MET A 28 10.50 -4.23 6.75
N ASN A 29 10.87 -5.19 7.58
CA ASN A 29 10.81 -4.95 9.05
C ASN A 29 12.12 -4.27 9.41
N GLN A 30 13.20 -4.73 8.81
CA GLN A 30 14.54 -4.12 9.04
C GLN A 30 14.41 -2.60 9.14
N VAL A 31 13.63 -2.01 8.28
CA VAL A 31 13.44 -0.52 8.34
C VAL A 31 13.17 -0.12 9.80
N CYS A 32 12.82 -1.07 10.60
CA CYS A 32 12.53 -0.84 12.04
C CYS A 32 13.82 -0.95 12.85
N GLY A 33 14.95 -0.96 12.19
CA GLY A 33 16.24 -1.07 12.92
C GLY A 33 16.69 0.32 13.38
N THR A 34 16.81 0.53 14.67
CA THR A 34 17.23 1.86 15.16
C THR A 34 18.75 2.02 14.98
N ARG A 35 19.16 3.08 14.34
CA ARG A 35 20.63 3.29 14.13
C ARG A 35 20.86 4.67 13.53
N ASN B 1 -31.49 26.83 -0.35
CA ASN B 1 -31.76 28.17 0.23
C ASN B 1 -30.47 28.71 0.87
N GLY B 2 -29.67 29.42 0.11
CA GLY B 2 -28.41 29.97 0.68
C GLY B 2 -27.42 28.83 0.95
N SER B 3 -27.85 27.61 0.77
CA SER B 3 -26.95 26.46 1.02
C SER B 3 -26.35 26.58 2.43
N SER B 4 -25.29 25.87 2.68
CA SER B 4 -24.65 25.95 4.03
C SER B 4 -23.93 27.28 4.19
N LEU B 5 -23.12 27.42 5.20
CA LEU B 5 -22.39 28.70 5.41
C LEU B 5 -21.25 28.81 4.38
N GLN B 6 -21.49 29.53 3.31
CA GLN B 6 -20.43 29.67 2.27
C GLN B 6 -19.35 30.63 2.77
N ASN B 7 -19.63 31.37 3.81
CA ASN B 7 -18.61 32.32 4.35
C ASN B 7 -17.34 31.56 4.72
N ALA B 8 -17.49 30.31 5.12
CA ALA B 8 -16.28 29.52 5.51
C ALA B 8 -16.67 28.04 5.61
N ASP B 9 -16.27 27.25 4.65
CA ASP B 9 -16.62 25.79 4.69
C ASP B 9 -15.84 25.05 3.61
N LYS B 10 -14.55 24.95 3.75
CA LYS B 10 -13.73 24.24 2.73
C LYS B 10 -12.34 23.99 3.28
N ILE B 11 -12.24 23.53 4.50
CA ILE B 11 -10.90 23.27 5.09
C ILE B 11 -10.42 21.88 4.65
N ASN B 12 -9.40 21.82 3.84
CA ASN B 12 -8.89 20.51 3.38
C ASN B 12 -8.24 19.77 4.55
N ASN B 13 -9.02 19.39 5.52
CA ASN B 13 -8.47 18.66 6.69
C ASN B 13 -8.13 17.22 6.28
N GLY B 14 -6.86 16.93 6.10
CA GLY B 14 -6.47 15.56 5.70
C GLY B 14 -4.94 15.47 5.58
N ASN B 15 -4.25 15.52 6.69
CA ASN B 15 -2.76 15.44 6.64
C ASN B 15 -2.23 16.50 5.67
N ASP B 16 -1.91 17.66 6.17
CA ASP B 16 -1.39 18.73 5.27
C ASP B 16 -0.88 19.91 6.12
N ASN B 17 0.28 20.43 5.80
CA ASN B 17 0.81 21.57 6.58
C ASN B 17 0.82 21.21 8.07
N ASP B 18 1.91 20.67 8.55
CA ASP B 18 1.98 20.29 9.98
C ASP B 18 3.42 19.90 10.34
N ASN B 19 4.33 20.83 10.32
CA ASN B 19 5.74 20.50 10.65
C ASN B 19 5.83 20.09 12.12
N ASP B 20 5.04 20.68 12.96
CA ASP B 20 5.08 20.31 14.41
C ASP B 20 4.72 18.83 14.57
N ASN B 21 5.20 18.21 15.62
CA ASN B 21 4.89 16.77 15.83
C ASN B 21 3.38 16.59 16.01
N ASP B 22 2.70 17.63 16.43
CA ASP B 22 1.23 17.51 16.62
C ASP B 22 0.54 17.40 15.26
N VAL B 23 -0.67 16.89 15.23
CA VAL B 23 -1.39 16.75 13.94
C VAL B 23 -2.79 16.24 14.24
N VAL B 24 -3.69 16.41 13.32
CA VAL B 24 -5.08 15.94 13.52
C VAL B 24 -5.14 14.41 13.29
N PRO B 25 -5.79 13.66 14.17
CA PRO B 25 -5.87 12.20 14.00
C PRO B 25 -6.57 11.88 12.67
N SER B 26 -6.00 11.03 11.86
CA SER B 26 -6.64 10.68 10.56
C SER B 26 -5.84 9.57 9.88
N LYS B 27 -6.50 8.67 9.21
CA LYS B 27 -5.79 7.56 8.52
C LYS B 27 -6.78 6.77 7.67
N GLU B 28 -7.50 7.43 6.82
CA GLU B 28 -8.49 6.72 5.95
C GLU B 28 -7.81 5.52 5.30
N GLY B 29 -7.87 4.37 5.92
CA GLY B 29 -7.23 3.16 5.34
C GLY B 29 -6.96 2.16 6.46
N SER B 30 -6.87 0.89 6.12
CA SER B 30 -6.61 -0.14 7.18
C SER B 30 -5.11 -0.37 7.33
N LEU B 31 -4.75 -0.99 8.41
CA LEU B 31 -3.32 -1.31 8.68
C LEU B 31 -2.94 -2.55 7.91
N LEU B 32 -1.98 -2.46 7.00
CA LEU B 32 -1.58 -3.66 6.19
C LEU B 32 -0.05 -3.85 6.30
N ARG B 33 0.41 -5.07 6.14
CA ARG B 33 1.88 -5.35 6.26
C ARG B 33 2.53 -5.54 4.89
N CYS B 34 3.50 -6.42 4.79
CA CYS B 34 4.22 -6.64 3.51
C CYS B 34 3.37 -7.45 2.53
N SER B 35 3.63 -8.74 2.42
CA SER B 35 2.85 -9.59 1.47
C SER B 35 1.37 -9.24 1.56
N GLU B 36 0.96 -8.66 2.66
CA GLU B 36 -0.45 -8.26 2.82
C GLU B 36 -0.91 -7.56 1.55
N ILE B 37 -0.03 -6.72 1.03
CA ILE B 37 -0.37 -5.95 -0.18
C ILE B 37 -0.43 -6.91 -1.38
N TRP B 38 0.44 -7.90 -1.40
CA TRP B 38 0.45 -8.88 -2.53
C TRP B 38 -0.99 -9.25 -2.85
N ASP B 39 -1.80 -9.40 -1.83
CA ASP B 39 -3.23 -9.71 -2.09
C ASP B 39 -3.88 -8.48 -2.72
N ARG B 40 -3.57 -7.32 -2.20
CA ARG B 40 -4.15 -6.06 -2.78
C ARG B 40 -3.79 -5.95 -4.27
N ILE B 41 -2.69 -6.53 -4.66
CA ILE B 41 -2.24 -6.46 -6.09
C ILE B 41 -2.92 -7.56 -6.92
N THR B 42 -3.01 -8.74 -6.40
CA THR B 42 -3.65 -9.85 -7.18
C THR B 42 -5.10 -9.48 -7.53
N THR B 43 -5.87 -9.05 -6.55
CA THR B 43 -7.28 -8.68 -6.83
C THR B 43 -7.35 -7.57 -7.86
N HIS B 44 -6.52 -6.57 -7.74
CA HIS B 44 -6.55 -5.44 -8.71
C HIS B 44 -6.59 -6.00 -10.16
N PRO B 45 -7.71 -5.86 -10.87
CA PRO B 45 -7.78 -6.37 -12.25
C PRO B 45 -6.72 -5.68 -13.11
N LYS B 46 -6.08 -4.67 -12.57
CA LYS B 46 -5.01 -3.98 -13.35
C LYS B 46 -3.75 -4.85 -13.30
N TYR B 47 -2.74 -4.42 -12.57
CA TYR B 47 -1.49 -5.24 -12.46
C TYR B 47 -1.09 -5.79 -13.83
N SER B 48 -0.13 -5.19 -14.48
CA SER B 48 0.30 -5.71 -15.80
C SER B 48 1.51 -4.91 -16.31
N ASP B 49 1.54 -3.63 -16.04
CA ASP B 49 2.70 -2.79 -16.49
C ASP B 49 3.06 -1.78 -15.40
N ILE B 50 3.47 -2.26 -14.25
CA ILE B 50 3.85 -1.35 -13.12
C ILE B 50 5.31 -1.61 -12.72
N ASP B 51 5.83 -0.86 -11.79
CA ASP B 51 7.23 -1.08 -11.32
C ASP B 51 7.15 -1.56 -9.88
N VAL B 52 7.48 -2.80 -9.64
CA VAL B 52 7.39 -3.34 -8.26
C VAL B 52 8.63 -2.88 -7.47
N ASP B 53 9.64 -2.42 -8.16
CA ASP B 53 10.88 -1.97 -7.47
C ASP B 53 10.67 -0.58 -6.85
N GLY B 54 9.98 0.29 -7.52
CA GLY B 54 9.76 1.65 -6.96
C GLY B 54 8.81 1.57 -5.77
N LEU B 55 7.71 0.91 -5.91
CA LEU B 55 6.76 0.81 -4.77
C LEU B 55 7.46 0.12 -3.61
N CYS B 56 8.50 -0.64 -3.86
CA CYS B 56 9.20 -1.31 -2.73
C CYS B 56 9.92 -0.26 -1.88
N SER B 57 10.54 0.73 -2.49
CA SER B 57 11.24 1.77 -1.68
C SER B 57 10.23 2.81 -1.18
N GLU B 58 9.00 2.67 -1.55
CA GLU B 58 7.94 3.61 -1.04
C GLU B 58 7.21 2.95 0.13
N LEU B 59 6.81 1.72 -0.01
CA LEU B 59 6.09 1.04 1.12
C LEU B 59 7.09 0.67 2.23
N MET B 60 8.35 0.47 1.88
CA MET B 60 9.34 0.06 2.92
C MET B 60 9.71 1.23 3.84
N ALA B 61 9.70 2.45 3.36
CA ALA B 61 10.05 3.61 4.25
C ALA B 61 8.74 4.25 4.74
N LYS B 62 7.64 3.96 4.13
CA LYS B 62 6.36 4.48 4.67
C LYS B 62 5.99 3.54 5.80
N ALA B 63 6.71 2.45 5.86
CA ALA B 63 6.49 1.40 6.90
C ALA B 63 6.44 2.01 8.30
N LYS B 64 5.27 2.12 8.86
CA LYS B 64 5.15 2.67 10.23
C LYS B 64 5.48 1.51 11.19
N CYS B 65 6.74 1.39 11.52
CA CYS B 65 7.21 0.27 12.39
C CYS B 65 6.44 0.22 13.72
N SER B 66 6.12 -0.97 14.13
CA SER B 66 5.42 -1.20 15.44
C SER B 66 6.01 -2.47 16.06
N GLU B 67 5.83 -2.70 17.33
CA GLU B 67 6.41 -3.92 17.95
C GLU B 67 5.72 -5.18 17.41
N ARG B 68 4.48 -5.09 17.03
CA ARG B 68 3.79 -6.29 16.49
C ARG B 68 4.27 -6.54 15.07
N GLY B 69 4.87 -5.55 14.47
CA GLY B 69 5.37 -5.67 13.07
C GLY B 69 5.11 -4.35 12.34
N VAL B 70 5.44 -4.25 11.08
CA VAL B 70 5.21 -2.99 10.35
C VAL B 70 3.74 -2.89 9.94
N VAL B 71 3.26 -1.70 9.70
CA VAL B 71 1.83 -1.55 9.26
C VAL B 71 1.75 -0.32 8.34
N ILE B 72 1.00 -0.43 7.27
CA ILE B 72 0.87 0.71 6.30
C ILE B 72 -0.61 1.00 6.05
N ASN B 73 -0.95 2.25 5.87
CA ASN B 73 -2.37 2.60 5.60
C ASN B 73 -2.66 2.42 4.11
N ALA B 74 -3.77 1.83 3.79
CA ALA B 74 -4.11 1.62 2.35
C ALA B 74 -3.93 2.93 1.57
N GLU B 75 -3.74 4.02 2.26
CA GLU B 75 -3.60 5.34 1.56
C GLU B 75 -2.16 5.57 1.09
N ASP B 76 -1.18 4.99 1.71
CA ASP B 76 0.22 5.20 1.19
C ASP B 76 0.41 4.32 -0.03
N VAL B 77 0.05 3.06 0.07
CA VAL B 77 0.16 2.16 -1.10
C VAL B 77 -0.67 2.75 -2.25
N GLN B 78 -1.91 3.09 -2.02
CA GLN B 78 -2.74 3.66 -3.12
C GLN B 78 -1.95 4.78 -3.81
N LEU B 79 -1.15 5.50 -3.09
CA LEU B 79 -0.32 6.58 -3.71
C LEU B 79 0.90 5.96 -4.41
N ALA B 80 1.34 4.80 -4.00
CA ALA B 80 2.52 4.18 -4.69
C ALA B 80 2.05 3.37 -5.90
N LEU B 81 0.91 2.75 -5.82
CA LEU B 81 0.44 1.96 -7.00
C LEU B 81 -0.11 2.93 -8.06
N ASN B 82 -0.51 4.11 -7.65
CA ASN B 82 -1.04 5.10 -8.62
C ASN B 82 0.07 6.04 -9.10
N LYS B 83 1.21 6.01 -8.45
CA LYS B 83 2.32 6.91 -8.87
C LYS B 83 2.86 6.50 -10.23
N HIS B 84 3.69 5.49 -10.28
CA HIS B 84 4.26 5.08 -11.59
C HIS B 84 3.21 4.33 -12.41
N MET B 85 1.97 4.74 -12.32
CA MET B 85 0.90 4.05 -13.10
C MET B 85 0.68 4.78 -14.43
N ASN B 86 0.56 4.04 -15.51
CA ASN B 86 0.36 4.68 -16.83
C ASN B 86 1.48 5.69 -17.09
N ASN A 1 9.54 -27.20 -7.17
CA ASN A 1 9.53 -26.15 -8.22
C ASN A 1 8.99 -26.73 -9.53
N LEU A 2 8.42 -27.91 -9.48
CA LEU A 2 7.87 -28.53 -10.71
C LEU A 2 6.71 -27.68 -11.22
N ASP A 3 5.57 -27.76 -10.58
CA ASP A 3 4.40 -26.96 -11.04
C ASP A 3 4.65 -25.48 -10.75
N SER A 4 3.65 -24.77 -10.33
CA SER A 4 3.84 -23.31 -10.02
C SER A 4 4.47 -22.62 -11.23
N ASN A 5 3.71 -22.35 -12.25
CA ASN A 5 4.28 -21.68 -13.46
C ASN A 5 4.61 -20.23 -13.12
N MET A 6 5.11 -19.48 -14.06
CA MET A 6 5.45 -18.06 -13.80
C MET A 6 6.34 -17.97 -12.56
N PHE A 7 7.61 -18.22 -12.72
CA PHE A 7 8.54 -18.14 -11.55
C PHE A 7 8.73 -16.68 -11.15
N SER A 8 9.28 -16.45 -9.99
CA SER A 8 9.50 -15.04 -9.54
C SER A 8 10.28 -14.27 -10.63
N ASN A 9 10.57 -13.02 -10.39
CA ASN A 9 11.33 -12.23 -11.40
C ASN A 9 12.79 -12.67 -11.40
N ASP A 10 13.13 -13.61 -12.24
CA ASP A 10 14.55 -14.08 -12.28
C ASP A 10 15.40 -13.08 -13.07
N PHE A 11 15.69 -11.95 -12.47
CA PHE A 11 16.51 -10.93 -13.19
C PHE A 11 17.98 -11.36 -13.17
N ASN A 12 18.38 -12.09 -12.16
CA ASN A 12 19.81 -12.53 -12.10
C ASN A 12 20.12 -13.44 -13.29
N PHE A 13 20.96 -14.42 -13.10
CA PHE A 13 21.30 -15.33 -14.22
C PHE A 13 21.88 -16.63 -13.66
N GLU A 14 22.97 -16.55 -12.96
CA GLU A 14 23.58 -17.78 -12.38
C GLU A 14 22.59 -18.46 -11.44
N ASN A 15 22.28 -17.82 -10.34
CA ASN A 15 21.31 -18.41 -9.37
C ASN A 15 19.91 -18.37 -9.97
N GLN A 16 18.94 -18.92 -9.28
CA GLN A 16 17.54 -18.90 -9.80
C GLN A 16 16.56 -18.87 -8.62
N PHE A 17 15.60 -17.98 -8.67
CA PHE A 17 14.61 -17.88 -7.58
C PHE A 17 13.85 -19.21 -7.45
N ASP A 18 12.94 -19.29 -6.51
CA ASP A 18 12.15 -20.54 -6.34
C ASP A 18 11.06 -20.31 -5.29
N GLU A 19 10.49 -19.15 -5.27
CA GLU A 19 9.41 -18.87 -4.27
C GLU A 19 9.90 -19.24 -2.87
N GLN A 20 10.86 -18.53 -2.35
CA GLN A 20 11.38 -18.85 -0.99
C GLN A 20 12.33 -17.74 -0.54
N VAL A 21 12.63 -16.82 -1.42
CA VAL A 21 13.55 -15.68 -1.07
C VAL A 21 12.74 -14.44 -0.84
N SER A 22 12.14 -14.36 0.31
CA SER A 22 11.36 -13.17 0.65
C SER A 22 12.33 -12.03 0.93
N GLU A 23 13.46 -12.00 0.25
CA GLU A 23 14.43 -10.89 0.45
C GLU A 23 13.64 -9.60 0.47
N PHE A 24 12.50 -9.66 -0.16
CA PHE A 24 11.60 -8.49 -0.22
C PHE A 24 10.99 -8.23 1.15
N CYS A 25 10.18 -9.14 1.63
CA CYS A 25 9.56 -8.95 2.97
C CYS A 25 10.64 -8.98 4.06
N SER A 26 11.46 -10.00 4.05
CA SER A 26 12.53 -10.10 5.07
C SER A 26 13.30 -8.78 5.18
N LYS A 27 13.30 -8.00 4.12
CA LYS A 27 14.00 -6.67 4.19
C LYS A 27 12.95 -5.58 4.39
N MET A 28 11.70 -5.91 4.21
CA MET A 28 10.65 -4.90 4.45
C MET A 28 10.51 -4.74 5.95
N ASN A 29 10.85 -5.76 6.73
CA ASN A 29 10.75 -5.61 8.20
C ASN A 29 12.06 -4.99 8.67
N GLN A 30 13.15 -5.44 8.06
CA GLN A 30 14.52 -4.90 8.40
C GLN A 30 14.43 -3.41 8.70
N VAL A 31 13.68 -2.67 7.90
CA VAL A 31 13.56 -1.20 8.15
C VAL A 31 13.33 -0.94 9.64
N CYS A 32 12.96 -1.97 10.36
CA CYS A 32 12.72 -1.84 11.83
C CYS A 32 14.03 -2.09 12.58
N GLY A 33 15.14 -2.08 11.89
CA GLY A 33 16.43 -2.31 12.58
C GLY A 33 16.85 -1.05 13.33
N THR A 34 16.94 -1.12 14.63
CA THR A 34 17.34 0.07 15.42
C THR A 34 18.86 0.24 15.36
N ARG A 35 19.33 1.45 15.19
CA ARG A 35 20.80 1.67 15.13
C ARG A 35 21.09 3.17 15.20
N ASN B 1 -28.06 45.80 11.25
CA ASN B 1 -28.88 45.56 12.46
C ASN B 1 -30.20 44.90 12.06
N GLY B 2 -30.45 44.78 10.79
CA GLY B 2 -31.72 44.15 10.34
C GLY B 2 -31.76 42.69 10.79
N SER B 3 -32.88 42.24 11.30
CA SER B 3 -32.98 40.83 11.75
C SER B 3 -32.81 39.89 10.55
N SER B 4 -33.69 39.98 9.60
CA SER B 4 -33.59 39.09 8.40
C SER B 4 -34.51 39.62 7.30
N LEU B 5 -34.36 40.85 6.92
CA LEU B 5 -35.24 41.42 5.86
C LEU B 5 -34.86 40.79 4.51
N GLN B 6 -35.59 39.80 4.08
CA GLN B 6 -35.26 39.15 2.78
C GLN B 6 -33.79 38.75 2.77
N ASN B 7 -33.20 38.58 3.93
CA ASN B 7 -31.77 38.18 3.98
C ASN B 7 -31.60 36.80 3.33
N ALA B 8 -30.56 36.61 2.59
CA ALA B 8 -30.34 35.29 1.93
C ALA B 8 -28.94 35.24 1.33
N ASP B 9 -28.59 34.14 0.72
CA ASP B 9 -27.23 34.03 0.11
C ASP B 9 -27.17 32.79 -0.79
N LYS B 10 -28.23 32.48 -1.46
CA LYS B 10 -28.23 31.27 -2.35
C LYS B 10 -29.49 31.31 -3.24
N ILE B 11 -29.46 30.60 -4.33
CA ILE B 11 -30.64 30.60 -5.24
C ILE B 11 -30.57 29.37 -6.16
N ASN B 12 -31.67 28.70 -6.36
CA ASN B 12 -31.67 27.50 -7.23
C ASN B 12 -30.55 26.55 -6.81
N ASN B 13 -30.66 25.97 -5.65
CA ASN B 13 -29.60 25.04 -5.18
C ASN B 13 -30.16 24.12 -4.09
N GLY B 14 -30.61 22.95 -4.45
CA GLY B 14 -31.16 22.02 -3.43
C GLY B 14 -31.31 20.63 -4.04
N ASN B 15 -30.87 20.45 -5.26
CA ASN B 15 -30.98 19.11 -5.91
C ASN B 15 -29.93 19.01 -7.03
N ASP B 16 -29.08 18.02 -6.97
CA ASP B 16 -28.04 17.86 -8.03
C ASP B 16 -27.38 16.49 -7.88
N ASN B 17 -27.14 16.07 -6.68
CA ASN B 17 -26.48 14.75 -6.47
C ASN B 17 -26.80 14.23 -5.06
N ASP B 18 -27.26 13.02 -4.96
CA ASP B 18 -27.59 12.46 -3.62
C ASP B 18 -26.31 12.08 -2.89
N ASN B 19 -25.22 12.72 -3.22
CA ASN B 19 -23.93 12.40 -2.54
C ASN B 19 -22.88 13.44 -2.93
N ASP B 20 -22.40 14.20 -1.97
CA ASP B 20 -21.38 15.23 -2.28
C ASP B 20 -20.11 14.56 -2.79
N ASN B 21 -19.42 13.83 -1.95
CA ASN B 21 -18.18 13.14 -2.39
C ASN B 21 -17.71 12.18 -1.30
N ASP B 22 -18.64 11.55 -0.61
CA ASP B 22 -18.25 10.60 0.46
C ASP B 22 -17.58 9.38 -0.16
N VAL B 23 -16.69 8.75 0.56
CA VAL B 23 -16.00 7.54 0.01
C VAL B 23 -15.08 6.97 1.10
N VAL B 24 -14.93 5.68 1.10
CA VAL B 24 -14.07 5.01 2.12
C VAL B 24 -14.34 5.63 3.50
N PRO B 25 -15.47 5.29 4.08
CA PRO B 25 -15.85 5.83 5.42
C PRO B 25 -14.84 5.36 6.47
N SER B 26 -15.03 5.75 7.70
CA SER B 26 -14.08 5.33 8.77
C SER B 26 -12.70 5.90 8.48
N LYS B 27 -11.67 5.26 8.96
CA LYS B 27 -10.29 5.78 8.71
C LYS B 27 -10.13 6.09 7.23
N GLU B 28 -9.01 6.66 6.84
CA GLU B 28 -8.80 6.96 5.40
C GLU B 28 -8.48 5.67 4.66
N GLY B 29 -8.77 4.55 5.28
CA GLY B 29 -8.49 3.24 4.64
C GLY B 29 -8.31 2.19 5.73
N SER B 30 -7.48 1.21 5.47
CA SER B 30 -7.22 0.13 6.48
C SER B 30 -5.72 0.02 6.75
N LEU B 31 -5.39 -0.67 7.79
CA LEU B 31 -3.95 -0.86 8.16
C LEU B 31 -3.47 -2.18 7.54
N LEU B 32 -2.42 -2.14 6.78
CA LEU B 32 -1.90 -3.40 6.13
C LEU B 32 -0.41 -3.55 6.43
N ARG B 33 0.10 -4.77 6.43
CA ARG B 33 1.54 -5.01 6.76
C ARG B 33 2.36 -5.29 5.48
N CYS B 34 3.36 -6.12 5.61
CA CYS B 34 4.27 -6.43 4.46
C CYS B 34 3.54 -7.27 3.38
N SER B 35 3.82 -8.55 3.31
CA SER B 35 3.18 -9.40 2.27
C SER B 35 1.68 -9.09 2.21
N GLU B 36 1.18 -8.47 3.24
CA GLU B 36 -0.25 -8.11 3.27
C GLU B 36 -0.64 -7.48 1.93
N ILE B 37 0.24 -6.66 1.41
CA ILE B 37 -0.07 -5.99 0.12
C ILE B 37 -0.08 -7.05 -0.97
N TRP B 38 0.78 -8.04 -0.84
CA TRP B 38 0.84 -9.14 -1.85
C TRP B 38 -0.59 -9.53 -2.18
N ASP B 39 -1.44 -9.54 -1.19
CA ASP B 39 -2.86 -9.87 -1.45
C ASP B 39 -3.47 -8.71 -2.25
N ARG B 40 -3.16 -7.49 -1.89
CA ARG B 40 -3.71 -6.33 -2.65
C ARG B 40 -3.32 -6.45 -4.14
N ILE B 41 -2.09 -6.84 -4.39
CA ILE B 41 -1.62 -7.01 -5.80
C ILE B 41 -2.49 -8.03 -6.53
N THR B 42 -2.73 -9.17 -5.96
CA THR B 42 -3.57 -10.19 -6.65
C THR B 42 -4.96 -9.62 -6.94
N THR B 43 -5.64 -9.12 -5.94
CA THR B 43 -6.99 -8.56 -6.17
C THR B 43 -6.95 -7.46 -7.23
N HIS B 44 -6.04 -6.53 -7.09
CA HIS B 44 -5.94 -5.40 -8.08
C HIS B 44 -6.07 -5.95 -9.52
N PRO B 45 -7.21 -5.72 -10.17
CA PRO B 45 -7.39 -6.21 -11.56
C PRO B 45 -6.44 -5.44 -12.50
N LYS B 46 -6.11 -4.23 -12.18
CA LYS B 46 -5.20 -3.45 -13.06
C LYS B 46 -3.79 -4.06 -12.98
N TYR B 47 -3.61 -4.99 -12.08
CA TYR B 47 -2.27 -5.65 -11.94
C TYR B 47 -1.78 -6.08 -13.32
N SER B 48 -0.61 -5.67 -13.70
CA SER B 48 -0.06 -6.05 -15.03
C SER B 48 1.39 -5.58 -15.12
N ASP B 49 1.60 -4.37 -15.56
CA ASP B 49 3.00 -3.85 -15.67
C ASP B 49 3.45 -3.32 -14.30
N ILE B 50 3.10 -2.09 -13.99
CA ILE B 50 3.47 -1.52 -12.66
C ILE B 50 4.99 -1.65 -12.41
N ASP B 51 5.49 -0.93 -11.43
CA ASP B 51 6.94 -0.99 -11.10
C ASP B 51 7.07 -1.43 -9.64
N VAL B 52 7.67 -2.56 -9.41
CA VAL B 52 7.83 -3.06 -8.01
C VAL B 52 9.00 -2.33 -7.35
N ASP B 53 9.84 -1.71 -8.14
CA ASP B 53 11.03 -1.00 -7.56
C ASP B 53 10.60 0.32 -6.91
N GLY B 54 9.75 1.07 -7.56
CA GLY B 54 9.31 2.37 -6.99
C GLY B 54 8.47 2.11 -5.73
N LEU B 55 7.60 1.15 -5.78
CA LEU B 55 6.77 0.86 -4.59
C LEU B 55 7.70 0.40 -3.45
N CYS B 56 8.83 -0.15 -3.80
CA CYS B 56 9.80 -0.62 -2.76
C CYS B 56 10.38 0.58 -1.99
N SER B 57 10.95 1.54 -2.67
CA SER B 57 11.52 2.70 -1.93
C SER B 57 10.39 3.63 -1.49
N GLU B 58 9.17 3.28 -1.81
CA GLU B 58 8.00 4.12 -1.36
C GLU B 58 7.36 3.45 -0.13
N LEU B 59 7.18 2.15 -0.14
CA LEU B 59 6.55 1.49 1.04
C LEU B 59 7.63 1.15 2.10
N MET B 60 8.84 0.90 1.68
CA MET B 60 9.92 0.53 2.64
C MET B 60 10.15 1.62 3.69
N ALA B 61 9.97 2.88 3.36
CA ALA B 61 10.19 3.97 4.38
C ALA B 61 8.86 4.50 4.91
N LYS B 62 7.76 4.02 4.39
CA LYS B 62 6.45 4.47 4.96
C LYS B 62 6.12 3.52 6.11
N ALA B 63 6.86 2.44 6.19
CA ALA B 63 6.65 1.41 7.25
C ALA B 63 6.47 2.09 8.62
N LYS B 64 5.54 1.60 9.42
CA LYS B 64 5.31 2.17 10.78
C LYS B 64 5.60 1.07 11.81
N CYS B 65 6.80 1.02 12.32
CA CYS B 65 7.16 -0.04 13.30
C CYS B 65 6.21 -0.06 14.49
N SER B 66 5.55 -1.18 14.66
CA SER B 66 4.61 -1.38 15.80
C SER B 66 4.75 -2.83 16.27
N GLU B 67 4.34 -3.16 17.47
CA GLU B 67 4.49 -4.57 17.91
C GLU B 67 3.62 -5.47 17.03
N ARG B 68 2.60 -4.91 16.43
CA ARG B 68 1.75 -5.73 15.51
C ARG B 68 2.50 -5.83 14.18
N GLY B 69 3.79 -5.90 14.24
CA GLY B 69 4.61 -5.97 12.99
C GLY B 69 4.53 -4.61 12.31
N VAL B 70 5.00 -4.47 11.09
CA VAL B 70 4.92 -3.16 10.41
C VAL B 70 3.49 -2.95 9.88
N VAL B 71 2.98 -1.76 9.96
CA VAL B 71 1.59 -1.50 9.42
C VAL B 71 1.61 -0.23 8.56
N ILE B 72 0.94 -0.26 7.45
CA ILE B 72 0.90 0.91 6.51
C ILE B 72 -0.55 1.24 6.16
N ASN B 73 -0.84 2.47 5.83
CA ASN B 73 -2.24 2.85 5.48
C ASN B 73 -2.46 2.69 3.97
N ALA B 74 -3.60 2.15 3.60
CA ALA B 74 -3.92 1.94 2.15
C ALA B 74 -3.77 3.24 1.36
N GLU B 75 -3.61 4.36 2.02
CA GLU B 75 -3.46 5.64 1.28
C GLU B 75 -2.04 5.78 0.72
N ASP B 76 -1.08 5.07 1.23
CA ASP B 76 0.30 5.18 0.65
C ASP B 76 0.41 4.20 -0.53
N VAL B 77 0.22 2.93 -0.29
CA VAL B 77 0.29 1.94 -1.40
C VAL B 77 -0.61 2.41 -2.55
N GLN B 78 -1.72 3.03 -2.24
CA GLN B 78 -2.63 3.50 -3.33
C GLN B 78 -1.96 4.66 -4.06
N LEU B 79 -1.23 5.48 -3.37
CA LEU B 79 -0.52 6.61 -4.04
C LEU B 79 0.79 6.09 -4.61
N ALA B 80 1.26 4.96 -4.14
CA ALA B 80 2.53 4.40 -4.69
C ALA B 80 2.20 3.50 -5.89
N LEU B 81 1.09 2.82 -5.87
CA LEU B 81 0.72 1.94 -7.01
C LEU B 81 -0.04 2.75 -8.07
N ASN B 82 -0.69 3.81 -7.69
CA ASN B 82 -1.45 4.62 -8.70
C ASN B 82 -0.52 5.67 -9.32
N LYS B 83 0.62 5.89 -8.74
CA LYS B 83 1.58 6.90 -9.32
C LYS B 83 2.59 6.16 -10.19
N HIS B 84 2.54 4.86 -10.22
CA HIS B 84 3.49 4.06 -11.05
C HIS B 84 2.73 3.36 -12.18
N MET B 85 1.50 3.75 -12.40
CA MET B 85 0.68 3.11 -13.48
C MET B 85 0.78 3.96 -14.75
N ASN B 86 1.10 3.36 -15.86
CA ASN B 86 1.22 4.13 -17.12
C ASN B 86 1.39 3.16 -18.30
N ASN A 1 -4.04 -13.67 0.52
CA ASN A 1 -3.79 -14.61 1.64
C ASN A 1 -5.01 -14.66 2.55
N LEU A 2 -6.19 -14.58 1.99
CA LEU A 2 -7.42 -14.62 2.82
C LEU A 2 -7.45 -15.94 3.60
N ASP A 3 -7.02 -17.01 2.99
CA ASP A 3 -7.02 -18.32 3.69
C ASP A 3 -5.90 -19.20 3.12
N SER A 4 -6.07 -20.49 3.17
CA SER A 4 -5.03 -21.40 2.63
C SER A 4 -4.73 -21.03 1.18
N ASN A 5 -3.49 -20.71 0.87
CA ASN A 5 -3.15 -20.35 -0.53
C ASN A 5 -1.63 -20.39 -0.70
N MET A 6 -0.94 -21.02 0.20
CA MET A 6 0.55 -21.09 0.08
C MET A 6 0.92 -22.11 -0.99
N PHE A 7 0.47 -21.91 -2.20
CA PHE A 7 0.80 -22.87 -3.29
C PHE A 7 0.40 -22.26 -4.64
N SER A 8 1.35 -21.91 -5.45
CA SER A 8 1.02 -21.31 -6.77
C SER A 8 0.37 -22.38 -7.66
N ASN A 9 1.15 -23.12 -8.39
CA ASN A 9 0.58 -24.17 -9.28
C ASN A 9 1.71 -25.03 -9.85
N ASP A 10 2.86 -24.46 -10.05
CA ASP A 10 4.00 -25.25 -10.60
C ASP A 10 4.32 -26.40 -9.65
N PHE A 11 5.56 -26.85 -9.64
CA PHE A 11 5.95 -27.97 -8.74
C PHE A 11 7.45 -27.92 -8.48
N ASN A 12 8.15 -27.05 -9.17
CA ASN A 12 9.62 -26.95 -8.97
C ASN A 12 10.25 -28.34 -9.11
N PHE A 13 10.35 -29.06 -8.02
CA PHE A 13 10.96 -30.43 -8.09
C PHE A 13 10.53 -31.23 -6.86
N GLU A 14 10.90 -30.78 -5.70
CA GLU A 14 10.52 -31.51 -4.46
C GLU A 14 10.86 -30.66 -3.23
N ASN A 15 12.03 -30.09 -3.21
CA ASN A 15 12.42 -29.25 -2.04
C ASN A 15 11.61 -27.95 -2.06
N GLN A 16 12.09 -26.94 -1.39
CA GLN A 16 11.34 -25.65 -1.35
C GLN A 16 9.88 -25.91 -0.97
N PHE A 17 9.02 -26.14 -1.93
CA PHE A 17 7.59 -26.40 -1.59
C PHE A 17 7.02 -25.17 -0.87
N ASP A 18 5.74 -24.95 -0.96
CA ASP A 18 5.14 -23.77 -0.29
C ASP A 18 5.93 -22.52 -0.65
N GLU A 19 5.68 -21.97 -1.82
CA GLU A 19 6.43 -20.75 -2.23
C GLU A 19 5.92 -19.53 -1.46
N GLN A 20 6.80 -18.70 -0.98
CA GLN A 20 6.36 -17.50 -0.23
C GLN A 20 7.52 -16.50 -0.12
N VAL A 21 8.68 -16.97 0.28
CA VAL A 21 9.89 -16.09 0.41
C VAL A 21 9.49 -14.67 0.79
N SER A 22 9.29 -14.45 2.05
CA SER A 22 8.93 -13.08 2.49
C SER A 22 10.16 -12.21 2.42
N GLU A 23 11.10 -12.52 1.56
CA GLU A 23 12.31 -11.65 1.43
C GLU A 23 11.81 -10.21 1.35
N PHE A 24 10.56 -10.09 1.01
CA PHE A 24 9.93 -8.74 0.92
C PHE A 24 9.70 -8.18 2.33
N CYS A 25 8.99 -8.89 3.16
CA CYS A 25 8.74 -8.37 4.54
C CYS A 25 10.02 -8.54 5.37
N SER A 26 10.85 -9.49 5.03
CA SER A 26 12.09 -9.72 5.82
C SER A 26 13.00 -8.50 5.80
N LYS A 27 13.08 -7.78 4.70
CA LYS A 27 13.94 -6.56 4.68
C LYS A 27 13.07 -5.34 4.99
N MET A 28 11.80 -5.46 4.83
CA MET A 28 10.93 -4.32 5.18
C MET A 28 10.92 -4.21 6.69
N ASN A 29 11.22 -5.29 7.38
CA ASN A 29 11.25 -5.21 8.87
C ASN A 29 12.59 -4.57 9.23
N GLN A 30 13.63 -4.97 8.50
CA GLN A 30 15.00 -4.38 8.73
C GLN A 30 14.87 -2.91 9.04
N VAL A 31 13.97 -2.24 8.37
CA VAL A 31 13.76 -0.78 8.64
C VAL A 31 13.67 -0.55 10.15
N CYS A 32 13.53 -1.60 10.90
CA CYS A 32 13.46 -1.46 12.39
C CYS A 32 14.87 -1.42 12.97
N GLY A 33 15.64 -2.47 12.79
CA GLY A 33 17.03 -2.52 13.33
C GLY A 33 18.03 -2.42 12.18
N THR A 34 19.03 -1.58 12.31
CA THR A 34 20.03 -1.43 11.23
C THR A 34 21.05 -2.57 11.33
N ARG A 35 20.79 -3.67 10.68
CA ARG A 35 21.74 -4.83 10.74
C ARG A 35 21.38 -5.84 9.65
N ASN B 1 -6.54 30.86 -19.19
CA ASN B 1 -7.71 29.98 -18.88
C ASN B 1 -7.22 28.67 -18.29
N GLY B 2 -8.10 27.72 -18.10
CA GLY B 2 -7.69 26.41 -17.53
C GLY B 2 -8.91 25.49 -17.42
N SER B 3 -9.43 25.04 -18.52
CA SER B 3 -10.62 24.14 -18.47
C SER B 3 -10.20 22.78 -17.92
N SER B 4 -9.61 22.75 -16.77
CA SER B 4 -9.17 21.45 -16.17
C SER B 4 -10.41 20.62 -15.83
N LEU B 5 -10.88 20.72 -14.63
CA LEU B 5 -12.09 19.93 -14.23
C LEU B 5 -13.33 20.52 -14.92
N GLN B 6 -13.89 19.80 -15.86
CA GLN B 6 -15.10 20.30 -16.56
C GLN B 6 -16.27 20.34 -15.59
N ASN B 7 -16.97 19.25 -15.45
CA ASN B 7 -18.13 19.23 -14.52
C ASN B 7 -19.08 20.39 -14.85
N ALA B 8 -19.39 20.58 -16.10
CA ALA B 8 -20.30 21.69 -16.49
C ALA B 8 -20.66 21.56 -17.97
N ASP B 9 -19.68 21.51 -18.84
CA ASP B 9 -19.97 21.39 -20.29
C ASP B 9 -20.95 22.48 -20.71
N LYS B 10 -21.58 22.33 -21.84
CA LYS B 10 -22.55 23.36 -22.30
C LYS B 10 -23.79 23.32 -21.41
N ILE B 11 -24.19 22.15 -21.00
CA ILE B 11 -25.41 22.04 -20.13
C ILE B 11 -25.53 20.61 -19.62
N ASN B 12 -26.29 20.41 -18.57
CA ASN B 12 -26.46 19.04 -18.01
C ASN B 12 -27.74 18.97 -17.19
N ASN B 13 -27.83 18.03 -16.29
CA ASN B 13 -29.06 17.93 -15.45
C ASN B 13 -28.77 17.05 -14.23
N GLY B 14 -29.31 17.40 -13.09
CA GLY B 14 -29.07 16.59 -11.87
C GLY B 14 -29.86 15.29 -11.96
N ASN B 15 -29.96 14.71 -13.12
CA ASN B 15 -30.72 13.44 -13.26
C ASN B 15 -30.02 12.33 -12.48
N ASP B 16 -28.96 11.80 -13.01
CA ASP B 16 -28.23 10.70 -12.30
C ASP B 16 -27.45 11.30 -11.13
N ASN B 17 -28.07 12.11 -10.33
CA ASN B 17 -27.36 12.73 -9.18
C ASN B 17 -26.07 13.41 -9.67
N ASP B 18 -25.98 13.63 -10.95
CA ASP B 18 -24.76 14.30 -11.49
C ASP B 18 -23.51 13.53 -11.04
N ASN B 19 -22.52 14.23 -10.57
CA ASN B 19 -21.28 13.53 -10.12
C ASN B 19 -21.58 12.74 -8.85
N ASP B 20 -21.52 13.38 -7.71
CA ASP B 20 -21.80 12.65 -6.43
C ASP B 20 -22.22 13.66 -5.36
N ASN B 21 -23.09 13.28 -4.48
CA ASN B 21 -23.55 14.21 -3.41
C ASN B 21 -22.47 14.31 -2.33
N ASP B 22 -21.45 15.10 -2.56
CA ASP B 22 -20.37 15.23 -1.55
C ASP B 22 -19.86 13.85 -1.16
N VAL B 23 -19.33 13.71 0.03
CA VAL B 23 -18.82 12.41 0.48
C VAL B 23 -18.44 12.50 1.95
N VAL B 24 -18.26 11.38 2.59
CA VAL B 24 -17.91 11.37 4.04
C VAL B 24 -16.80 10.33 4.28
N PRO B 25 -15.55 10.70 4.09
CA PRO B 25 -14.43 9.75 4.29
C PRO B 25 -14.35 9.34 5.77
N SER B 26 -13.77 8.21 6.05
CA SER B 26 -13.68 7.75 7.47
C SER B 26 -12.66 6.61 7.57
N LYS B 27 -12.43 6.13 8.77
CA LYS B 27 -11.46 5.02 8.96
C LYS B 27 -10.04 5.49 8.61
N GLU B 28 -9.92 6.64 8.02
CA GLU B 28 -8.57 7.16 7.64
C GLU B 28 -7.72 6.04 7.03
N GLY B 29 -8.22 5.40 6.01
CA GLY B 29 -7.45 4.29 5.37
C GLY B 29 -7.24 3.17 6.38
N SER B 30 -7.36 1.94 5.96
CA SER B 30 -7.17 0.81 6.91
C SER B 30 -5.69 0.56 7.14
N LEU B 31 -5.38 -0.21 8.13
CA LEU B 31 -3.96 -0.53 8.46
C LEU B 31 -3.57 -1.83 7.75
N LEU B 32 -2.58 -1.79 6.89
CA LEU B 32 -2.16 -3.04 6.15
C LEU B 32 -0.64 -3.25 6.31
N ARG B 33 -0.19 -4.47 6.13
CA ARG B 33 1.28 -4.77 6.30
C ARG B 33 1.97 -4.86 4.92
N CYS B 34 2.93 -5.73 4.77
CA CYS B 34 3.66 -5.86 3.48
C CYS B 34 2.88 -6.72 2.49
N SER B 35 3.19 -8.00 2.41
CA SER B 35 2.47 -8.90 1.45
C SER B 35 0.98 -8.62 1.53
N GLU B 36 0.56 -8.04 2.63
CA GLU B 36 -0.86 -7.69 2.80
C GLU B 36 -1.34 -6.99 1.52
N ILE B 37 -0.45 -6.21 0.95
CA ILE B 37 -0.79 -5.45 -0.27
C ILE B 37 -0.90 -6.44 -1.43
N TRP B 38 -0.08 -7.48 -1.39
CA TRP B 38 -0.10 -8.51 -2.47
C TRP B 38 -1.56 -8.84 -2.74
N ASP B 39 -2.35 -8.86 -1.70
CA ASP B 39 -3.79 -9.12 -1.89
C ASP B 39 -4.41 -7.89 -2.57
N ARG B 40 -4.02 -6.71 -2.14
CA ARG B 40 -4.57 -5.48 -2.78
C ARG B 40 -4.24 -5.47 -4.28
N ILE B 41 -3.06 -5.94 -4.62
CA ILE B 41 -2.61 -5.98 -6.05
C ILE B 41 -3.06 -7.29 -6.73
N THR B 42 -2.80 -8.42 -6.14
CA THR B 42 -3.19 -9.70 -6.77
C THR B 42 -4.62 -9.63 -7.32
N THR B 43 -5.46 -8.85 -6.71
CA THR B 43 -6.87 -8.75 -7.19
C THR B 43 -6.90 -8.38 -8.68
N HIS B 44 -6.12 -7.42 -9.08
CA HIS B 44 -6.12 -7.00 -10.51
C HIS B 44 -5.73 -8.20 -11.41
N PRO B 45 -6.46 -8.45 -12.49
CA PRO B 45 -6.12 -9.58 -13.40
C PRO B 45 -4.74 -9.33 -14.04
N LYS B 46 -4.64 -8.33 -14.87
CA LYS B 46 -3.33 -8.04 -15.54
C LYS B 46 -2.19 -8.11 -14.51
N TYR B 47 -2.21 -7.24 -13.53
CA TYR B 47 -1.13 -7.26 -12.51
C TYR B 47 0.24 -7.28 -13.20
N SER B 48 0.26 -7.05 -14.50
CA SER B 48 1.55 -7.03 -15.24
C SER B 48 2.12 -5.61 -15.24
N ASP B 49 1.29 -4.63 -15.48
CA ASP B 49 1.79 -3.21 -15.49
C ASP B 49 2.34 -2.86 -14.11
N ILE B 50 2.11 -1.65 -13.67
CA ILE B 50 2.61 -1.23 -12.31
C ILE B 50 4.11 -1.51 -12.19
N ASP B 51 4.74 -0.92 -11.19
CA ASP B 51 6.20 -1.12 -10.97
C ASP B 51 6.40 -1.65 -9.55
N VAL B 52 7.06 -2.77 -9.40
CA VAL B 52 7.28 -3.33 -8.04
C VAL B 52 8.43 -2.57 -7.36
N ASP B 53 9.23 -1.87 -8.13
CA ASP B 53 10.37 -1.12 -7.53
C ASP B 53 9.89 0.16 -6.86
N GLY B 54 8.93 0.84 -7.44
CA GLY B 54 8.43 2.09 -6.82
C GLY B 54 7.75 1.78 -5.48
N LEU B 55 6.96 0.75 -5.44
CA LEU B 55 6.29 0.40 -4.15
C LEU B 55 7.38 0.05 -3.15
N CYS B 56 8.50 -0.40 -3.63
CA CYS B 56 9.62 -0.79 -2.72
C CYS B 56 10.21 0.45 -2.03
N SER B 57 10.71 1.41 -2.77
CA SER B 57 11.30 2.61 -2.09
C SER B 57 10.20 3.54 -1.58
N GLU B 58 8.97 3.20 -1.81
CA GLU B 58 7.84 4.03 -1.30
C GLU B 58 7.28 3.39 -0.02
N LEU B 59 7.03 2.10 -0.02
CA LEU B 59 6.48 1.46 1.21
C LEU B 59 7.63 1.03 2.15
N MET B 60 8.83 0.86 1.64
CA MET B 60 9.96 0.39 2.50
C MET B 60 10.42 1.44 3.50
N ALA B 61 10.34 2.71 3.17
CA ALA B 61 10.79 3.78 4.15
C ALA B 61 9.57 4.41 4.80
N LYS B 62 8.39 4.04 4.39
CA LYS B 62 7.17 4.58 5.06
C LYS B 62 6.76 3.55 6.12
N ALA B 63 7.36 2.39 6.06
CA ALA B 63 7.06 1.29 7.03
C ALA B 63 7.11 1.81 8.46
N LYS B 64 6.33 1.22 9.35
CA LYS B 64 6.33 1.64 10.78
C LYS B 64 6.62 0.42 11.65
N CYS B 65 7.86 0.20 11.98
CA CYS B 65 8.23 -0.99 12.80
C CYS B 65 7.37 -1.10 14.05
N SER B 66 6.67 -2.20 14.15
CA SER B 66 5.79 -2.48 15.33
C SER B 66 5.88 -3.98 15.63
N GLU B 67 5.56 -4.40 16.83
CA GLU B 67 5.64 -5.86 17.11
C GLU B 67 4.69 -6.60 16.18
N ARG B 68 3.69 -5.93 15.68
CA ARG B 68 2.76 -6.60 14.73
C ARG B 68 3.41 -6.52 13.34
N GLY B 69 4.71 -6.46 13.32
CA GLY B 69 5.44 -6.37 12.02
C GLY B 69 5.35 -4.92 11.53
N VAL B 70 5.75 -4.65 10.31
CA VAL B 70 5.66 -3.26 9.79
C VAL B 70 4.22 -2.95 9.39
N VAL B 71 3.76 -1.75 9.59
CA VAL B 71 2.35 -1.40 9.18
C VAL B 71 2.34 -0.06 8.45
N ILE B 72 1.50 0.06 7.45
CA ILE B 72 1.40 1.32 6.66
C ILE B 72 -0.07 1.71 6.48
N ASN B 73 -0.35 2.97 6.32
CA ASN B 73 -1.76 3.40 6.14
C ASN B 73 -2.14 3.32 4.66
N ALA B 74 -3.26 2.73 4.36
CA ALA B 74 -3.70 2.59 2.95
C ALA B 74 -3.63 3.94 2.22
N GLU B 75 -3.42 5.02 2.92
CA GLU B 75 -3.36 6.35 2.25
C GLU B 75 -1.98 6.58 1.64
N ASP B 76 -0.95 5.91 2.08
CA ASP B 76 0.39 6.12 1.45
C ASP B 76 0.48 5.21 0.22
N VAL B 77 0.29 3.93 0.40
CA VAL B 77 0.33 3.03 -0.78
C VAL B 77 -0.64 3.57 -1.85
N GLN B 78 -1.88 3.77 -1.51
CA GLN B 78 -2.85 4.31 -2.52
C GLN B 78 -2.24 5.52 -3.21
N LEU B 79 -1.49 6.32 -2.49
CA LEU B 79 -0.83 7.50 -3.12
C LEU B 79 0.38 7.03 -3.91
N ALA B 80 0.90 5.87 -3.59
CA ALA B 80 2.08 5.35 -4.35
C ALA B 80 1.58 4.54 -5.56
N LEU B 81 0.63 3.67 -5.37
CA LEU B 81 0.11 2.86 -6.51
C LEU B 81 -0.62 3.77 -7.51
N ASN B 82 -1.17 4.86 -7.05
CA ASN B 82 -1.88 5.78 -8.00
C ASN B 82 -0.89 6.78 -8.58
N LYS B 83 0.32 6.80 -8.08
CA LYS B 83 1.35 7.74 -8.60
C LYS B 83 2.24 7.02 -9.61
N HIS B 84 2.09 5.71 -9.72
CA HIS B 84 2.93 4.92 -10.68
C HIS B 84 2.05 4.33 -11.77
N MET B 85 0.82 4.77 -11.88
CA MET B 85 -0.10 4.24 -12.93
C MET B 85 -0.08 5.17 -14.15
N ASN B 86 -0.17 4.62 -15.33
CA ASN B 86 -0.16 5.47 -16.55
C ASN B 86 -0.65 4.65 -17.75
N ASN A 1 2.58 -27.70 7.19
CA ASN A 1 1.56 -28.13 8.18
C ASN A 1 1.48 -27.12 9.31
N LEU A 2 0.33 -26.53 9.51
CA LEU A 2 0.19 -25.53 10.60
C LEU A 2 1.26 -24.44 10.45
N ASP A 3 1.35 -23.84 9.28
CA ASP A 3 2.37 -22.79 9.07
C ASP A 3 3.75 -23.31 9.48
N SER A 4 4.50 -23.79 8.53
CA SER A 4 5.86 -24.32 8.86
C SER A 4 6.63 -24.59 7.57
N ASN A 5 7.08 -23.55 6.90
CA ASN A 5 7.84 -23.75 5.64
C ASN A 5 7.04 -24.65 4.70
N MET A 6 6.01 -24.12 4.10
CA MET A 6 5.19 -24.95 3.17
C MET A 6 5.95 -25.15 1.86
N PHE A 7 7.16 -24.67 1.79
CA PHE A 7 7.97 -24.84 0.54
C PHE A 7 7.15 -24.35 -0.66
N SER A 8 6.23 -23.47 -0.44
CA SER A 8 5.40 -22.95 -1.57
C SER A 8 4.88 -24.12 -2.40
N ASN A 9 4.49 -25.20 -1.75
CA ASN A 9 3.98 -26.37 -2.50
C ASN A 9 2.69 -25.98 -3.24
N ASP A 10 2.64 -26.22 -4.52
CA ASP A 10 1.42 -25.86 -5.30
C ASP A 10 1.52 -26.44 -6.70
N PHE A 11 2.30 -25.84 -7.56
CA PHE A 11 2.44 -26.37 -8.94
C PHE A 11 3.19 -27.70 -8.91
N ASN A 12 4.43 -27.69 -8.51
CA ASN A 12 5.21 -28.96 -8.47
C ASN A 12 6.36 -28.82 -7.47
N PHE A 13 6.64 -29.85 -6.72
CA PHE A 13 7.76 -29.77 -5.74
C PHE A 13 9.10 -29.87 -6.47
N GLU A 14 9.26 -30.85 -7.31
CA GLU A 14 10.54 -30.99 -8.06
C GLU A 14 10.92 -29.66 -8.69
N ASN A 15 9.95 -28.86 -9.03
CA ASN A 15 10.25 -27.53 -9.66
C ASN A 15 10.39 -26.47 -8.57
N GLN A 16 9.53 -26.50 -7.58
CA GLN A 16 9.60 -25.48 -6.50
C GLN A 16 10.78 -25.82 -5.57
N PHE A 17 11.60 -24.85 -5.26
CA PHE A 17 12.75 -25.12 -4.35
C PHE A 17 12.32 -24.96 -2.89
N ASP A 18 12.28 -23.76 -2.39
CA ASP A 18 11.87 -23.56 -0.97
C ASP A 18 11.70 -22.07 -0.69
N GLU A 19 10.49 -21.63 -0.50
CA GLU A 19 10.24 -20.18 -0.23
C GLU A 19 11.25 -19.68 0.82
N GLN A 20 11.90 -18.58 0.55
CA GLN A 20 12.88 -18.02 1.51
C GLN A 20 13.17 -16.56 1.16
N VAL A 21 12.94 -16.20 -0.07
CA VAL A 21 13.20 -14.79 -0.50
C VAL A 21 12.46 -13.84 0.41
N SER A 22 11.34 -13.36 -0.02
CA SER A 22 10.62 -12.37 0.81
C SER A 22 11.60 -11.26 1.16
N GLU A 23 12.69 -11.15 0.42
CA GLU A 23 13.67 -10.05 0.66
C GLU A 23 12.85 -8.79 0.87
N PHE A 24 11.68 -8.85 0.33
CA PHE A 24 10.72 -7.72 0.43
C PHE A 24 10.23 -7.59 1.88
N CYS A 25 9.52 -8.57 2.37
CA CYS A 25 9.00 -8.48 3.76
C CYS A 25 10.16 -8.53 4.76
N SER A 26 11.02 -9.51 4.62
CA SER A 26 12.17 -9.65 5.57
C SER A 26 12.96 -8.34 5.71
N LYS A 27 12.93 -7.47 4.72
CA LYS A 27 13.69 -6.17 4.86
C LYS A 27 12.71 -5.06 5.23
N MET A 28 11.44 -5.30 5.09
CA MET A 28 10.48 -4.26 5.50
C MET A 28 10.45 -4.26 7.02
N ASN A 29 10.77 -5.39 7.64
CA ASN A 29 10.77 -5.41 9.12
C ASN A 29 12.10 -4.79 9.57
N GLN A 30 13.17 -5.18 8.89
CA GLN A 30 14.54 -4.63 9.21
C GLN A 30 14.40 -3.16 9.61
N VAL A 31 13.54 -2.44 8.93
CA VAL A 31 13.32 -1.00 9.28
C VAL A 31 13.18 -0.86 10.80
N CYS A 32 12.92 -1.95 11.46
CA CYS A 32 12.77 -1.93 12.95
C CYS A 32 14.16 -2.01 13.60
N GLY A 33 14.94 -2.98 13.22
CA GLY A 33 16.30 -3.10 13.82
C GLY A 33 17.13 -1.88 13.45
N THR A 34 17.78 -1.27 14.42
CA THR A 34 18.62 -0.06 14.14
C THR A 34 20.00 -0.26 14.76
N ARG A 35 20.94 -0.79 14.01
CA ARG A 35 22.29 -1.01 14.56
C ARG A 35 22.90 0.33 14.98
N ASN B 1 -27.47 33.82 8.35
CA ASN B 1 -27.34 33.02 7.10
C ASN B 1 -28.52 33.32 6.18
N GLY B 2 -28.65 32.60 5.09
CA GLY B 2 -29.77 32.85 4.16
C GLY B 2 -29.67 31.89 2.97
N SER B 3 -30.51 30.88 2.94
CA SER B 3 -30.46 29.91 1.82
C SER B 3 -31.66 28.96 1.92
N SER B 4 -32.78 29.35 1.39
CA SER B 4 -33.99 28.47 1.46
C SER B 4 -35.10 29.05 0.56
N LEU B 5 -34.78 29.36 -0.66
CA LEU B 5 -35.80 29.92 -1.58
C LEU B 5 -36.82 28.84 -1.93
N GLN B 6 -36.43 27.85 -2.69
CA GLN B 6 -37.37 26.77 -3.06
C GLN B 6 -37.75 25.98 -1.80
N ASN B 7 -38.30 24.81 -1.97
CA ASN B 7 -38.70 23.99 -0.79
C ASN B 7 -39.00 22.57 -1.25
N ALA B 8 -38.00 21.74 -1.36
CA ALA B 8 -38.24 20.33 -1.80
C ALA B 8 -36.96 19.51 -1.59
N ASP B 9 -36.80 18.93 -0.43
CA ASP B 9 -35.58 18.12 -0.17
C ASP B 9 -35.57 16.90 -1.09
N LYS B 10 -35.94 15.75 -0.58
CA LYS B 10 -35.96 14.53 -1.44
C LYS B 10 -34.57 14.33 -2.06
N ILE B 11 -33.63 13.89 -1.28
CA ILE B 11 -32.25 13.67 -1.83
C ILE B 11 -31.76 14.97 -2.48
N ASN B 12 -31.63 16.02 -1.71
CA ASN B 12 -31.16 17.31 -2.28
C ASN B 12 -30.59 18.19 -1.16
N ASN B 13 -29.53 18.90 -1.43
CA ASN B 13 -28.94 19.78 -0.37
C ASN B 13 -29.91 20.92 -0.07
N GLY B 14 -29.71 21.59 1.02
CA GLY B 14 -30.62 22.72 1.39
C GLY B 14 -30.23 23.28 2.75
N ASN B 15 -28.99 23.13 3.14
CA ASN B 15 -28.55 23.66 4.46
C ASN B 15 -27.02 23.59 4.55
N ASP B 16 -26.37 24.71 4.64
CA ASP B 16 -24.88 24.70 4.73
C ASP B 16 -24.30 23.84 3.61
N ASN B 17 -24.06 22.59 3.89
CA ASN B 17 -23.50 21.69 2.84
C ASN B 17 -23.62 20.23 3.29
N ASP B 18 -22.82 19.84 4.24
CA ASP B 18 -22.88 18.43 4.73
C ASP B 18 -24.28 18.15 5.30
N ASN B 19 -24.79 16.96 5.10
CA ASN B 19 -26.14 16.63 5.64
C ASN B 19 -26.27 15.11 5.80
N ASP B 20 -26.74 14.66 6.93
CA ASP B 20 -26.90 13.20 7.14
C ASP B 20 -25.57 12.49 6.82
N ASN B 21 -25.53 11.20 6.97
CA ASN B 21 -24.27 10.46 6.68
C ASN B 21 -24.08 10.36 5.16
N ASP B 22 -23.01 10.90 4.65
CA ASP B 22 -22.76 10.83 3.19
C ASP B 22 -21.36 11.34 2.88
N VAL B 23 -20.61 10.62 2.09
CA VAL B 23 -19.23 11.05 1.76
C VAL B 23 -18.87 10.55 0.35
N VAL B 24 -18.71 11.45 -0.59
CA VAL B 24 -18.36 11.04 -1.98
C VAL B 24 -16.83 10.86 -2.15
N PRO B 25 -16.03 11.68 -1.50
CA PRO B 25 -14.56 11.56 -1.65
C PRO B 25 -14.08 10.25 -1.00
N SER B 26 -13.39 9.44 -1.75
CA SER B 26 -12.88 8.15 -1.18
C SER B 26 -11.86 8.45 -0.09
N LYS B 27 -11.73 7.56 0.87
CA LYS B 27 -10.74 7.79 1.96
C LYS B 27 -10.54 6.49 2.73
N GLU B 28 -9.30 6.09 2.93
CA GLU B 28 -9.02 4.83 3.66
C GLU B 28 -7.68 4.95 4.38
N GLY B 29 -7.28 3.93 5.09
CA GLY B 29 -5.97 4.01 5.81
C GLY B 29 -5.85 2.82 6.77
N SER B 30 -6.20 1.65 6.34
CA SER B 30 -6.11 0.46 7.24
C SER B 30 -4.64 0.10 7.46
N LEU B 31 -4.38 -0.70 8.46
CA LEU B 31 -2.99 -1.12 8.76
C LEU B 31 -2.65 -2.37 7.96
N LEU B 32 -1.72 -2.27 7.03
CA LEU B 32 -1.33 -3.47 6.22
C LEU B 32 0.19 -3.66 6.31
N ARG B 33 0.66 -4.87 6.15
CA ARG B 33 2.14 -5.15 6.28
C ARG B 33 2.82 -5.27 4.90
N CYS B 34 3.64 -6.26 4.74
CA CYS B 34 4.39 -6.44 3.45
C CYS B 34 3.55 -7.19 2.41
N SER B 35 3.84 -8.45 2.21
CA SER B 35 3.09 -9.26 1.19
C SER B 35 1.59 -8.95 1.30
N GLU B 36 1.19 -8.42 2.42
CA GLU B 36 -0.24 -8.08 2.60
C GLU B 36 -0.72 -7.32 1.36
N ILE B 37 0.14 -6.48 0.83
CA ILE B 37 -0.25 -5.70 -0.36
C ILE B 37 -0.35 -6.65 -1.55
N TRP B 38 0.49 -7.68 -1.55
CA TRP B 38 0.45 -8.67 -2.66
C TRP B 38 -1.00 -9.01 -2.94
N ASP B 39 -1.78 -9.11 -1.89
CA ASP B 39 -3.23 -9.37 -2.09
C ASP B 39 -3.86 -8.12 -2.70
N ARG B 40 -3.51 -6.96 -2.22
CA ARG B 40 -4.06 -5.70 -2.79
C ARG B 40 -3.76 -5.65 -4.30
N ILE B 41 -2.71 -6.30 -4.72
CA ILE B 41 -2.33 -6.31 -6.16
C ILE B 41 -3.07 -7.44 -6.89
N THR B 42 -3.11 -8.61 -6.33
CA THR B 42 -3.81 -9.74 -7.02
C THR B 42 -5.21 -9.30 -7.47
N THR B 43 -5.92 -8.58 -6.64
CA THR B 43 -7.29 -8.14 -7.02
C THR B 43 -7.24 -7.41 -8.37
N HIS B 44 -6.32 -6.50 -8.54
CA HIS B 44 -6.22 -5.76 -9.83
C HIS B 44 -6.28 -6.76 -11.00
N PRO B 45 -7.35 -6.80 -11.78
CA PRO B 45 -7.44 -7.76 -12.88
C PRO B 45 -6.34 -7.46 -13.92
N LYS B 46 -5.98 -6.21 -14.05
CA LYS B 46 -4.93 -5.84 -15.04
C LYS B 46 -3.55 -6.08 -14.44
N TYR B 47 -3.30 -7.27 -13.97
CA TYR B 47 -1.97 -7.59 -13.37
C TYR B 47 -0.93 -7.63 -14.48
N SER B 48 -1.27 -7.18 -15.66
CA SER B 48 -0.31 -7.21 -16.80
C SER B 48 1.08 -6.74 -16.33
N ASP B 49 1.28 -5.46 -16.17
CA ASP B 49 2.61 -4.96 -15.73
C ASP B 49 2.44 -3.67 -14.93
N ILE B 50 3.33 -3.42 -13.99
CA ILE B 50 3.24 -2.18 -13.17
C ILE B 50 4.66 -1.71 -12.82
N ASP B 51 4.94 -1.54 -11.56
CA ASP B 51 6.29 -1.09 -11.14
C ASP B 51 6.47 -1.50 -9.67
N VAL B 52 7.08 -2.62 -9.43
CA VAL B 52 7.28 -3.08 -8.03
C VAL B 52 8.51 -2.41 -7.42
N ASP B 53 9.38 -1.90 -8.24
CA ASP B 53 10.62 -1.25 -7.72
C ASP B 53 10.28 0.00 -6.91
N GLY B 54 9.41 0.83 -7.41
CA GLY B 54 9.06 2.08 -6.66
C GLY B 54 8.33 1.74 -5.36
N LEU B 55 7.50 0.73 -5.37
CA LEU B 55 6.78 0.37 -4.12
C LEU B 55 7.81 -0.10 -3.09
N CYS B 56 8.96 -0.52 -3.55
CA CYS B 56 10.01 -1.00 -2.63
C CYS B 56 10.57 0.18 -1.81
N SER B 57 11.00 1.23 -2.45
CA SER B 57 11.56 2.39 -1.68
C SER B 57 10.43 3.30 -1.19
N GLU B 58 9.20 2.98 -1.51
CA GLU B 58 8.05 3.80 -1.04
C GLU B 58 7.39 3.13 0.17
N LEU B 59 7.13 1.85 0.11
CA LEU B 59 6.48 1.16 1.27
C LEU B 59 7.55 0.72 2.28
N MET B 60 8.80 0.64 1.87
CA MET B 60 9.85 0.18 2.83
C MET B 60 10.17 1.26 3.87
N ALA B 61 9.96 2.52 3.56
CA ALA B 61 10.26 3.60 4.55
C ALA B 61 8.95 4.15 5.12
N LYS B 62 7.87 4.07 4.39
CA LYS B 62 6.58 4.53 4.98
C LYS B 62 6.28 3.59 6.14
N ALA B 63 7.01 2.51 6.19
CA ALA B 63 6.84 1.47 7.25
C ALA B 63 6.76 2.12 8.64
N LYS B 64 5.90 1.59 9.48
CA LYS B 64 5.75 2.10 10.88
C LYS B 64 6.10 0.97 11.85
N CYS B 65 7.31 0.94 12.31
CA CYS B 65 7.76 -0.15 13.23
C CYS B 65 6.85 -0.27 14.46
N SER B 66 6.20 -1.39 14.56
CA SER B 66 5.30 -1.68 15.73
C SER B 66 5.45 -3.16 16.08
N GLU B 67 5.11 -3.59 17.28
CA GLU B 67 5.27 -5.03 17.60
C GLU B 67 4.33 -5.85 16.71
N ARG B 68 3.28 -5.26 16.21
CA ARG B 68 2.37 -6.00 15.31
C ARG B 68 3.04 -6.08 13.93
N GLY B 69 4.35 -6.16 13.93
CA GLY B 69 5.09 -6.19 12.63
C GLY B 69 5.01 -4.81 12.03
N VAL B 70 5.41 -4.62 10.80
CA VAL B 70 5.32 -3.26 10.19
C VAL B 70 3.88 -2.99 9.76
N VAL B 71 3.41 -1.78 9.93
CA VAL B 71 2.00 -1.45 9.50
C VAL B 71 2.01 -0.10 8.79
N ILE B 72 1.27 0.00 7.71
CA ILE B 72 1.21 1.27 6.92
C ILE B 72 -0.25 1.60 6.61
N ASN B 73 -0.55 2.85 6.40
CA ASN B 73 -1.96 3.24 6.10
C ASN B 73 -2.22 3.15 4.60
N ALA B 74 -3.33 2.55 4.24
CA ALA B 74 -3.69 2.40 2.79
C ALA B 74 -3.53 3.75 2.07
N GLU B 75 -3.30 4.80 2.78
CA GLU B 75 -3.12 6.13 2.11
C GLU B 75 -1.71 6.21 1.49
N ASP B 76 -0.78 5.41 1.92
CA ASP B 76 0.59 5.46 1.29
C ASP B 76 0.61 4.54 0.07
N VAL B 77 0.16 3.32 0.19
CA VAL B 77 0.16 2.41 -1.00
C VAL B 77 -0.76 2.99 -2.08
N GLN B 78 -1.97 3.36 -1.73
CA GLN B 78 -2.90 3.90 -2.77
C GLN B 78 -2.25 5.11 -3.46
N LEU B 79 -1.51 5.92 -2.74
CA LEU B 79 -0.85 7.09 -3.39
C LEU B 79 0.42 6.59 -4.10
N ALA B 80 0.90 5.42 -3.77
CA ALA B 80 2.11 4.87 -4.47
C ALA B 80 1.66 4.10 -5.72
N LEU B 81 0.77 3.15 -5.56
CA LEU B 81 0.31 2.36 -6.73
C LEU B 81 -0.39 3.27 -7.75
N ASN B 82 -0.93 4.38 -7.33
CA ASN B 82 -1.62 5.29 -8.29
C ASN B 82 -0.64 6.34 -8.83
N LYS B 83 0.54 6.42 -8.24
CA LYS B 83 1.55 7.43 -8.71
C LYS B 83 2.63 6.71 -9.54
N HIS B 84 2.65 5.40 -9.49
CA HIS B 84 3.67 4.63 -10.27
C HIS B 84 2.96 3.88 -11.40
N MET B 85 1.69 4.12 -11.57
CA MET B 85 0.92 3.42 -12.65
C MET B 85 0.85 4.32 -13.89
N ASN B 86 1.19 3.79 -15.03
CA ASN B 86 1.14 4.61 -16.28
C ASN B 86 -0.30 5.02 -16.57
N ASN A 1 -12.01 -17.74 7.17
CA ASN A 1 -11.98 -19.04 7.90
C ASN A 1 -11.05 -20.01 7.17
N LEU A 2 -10.70 -19.70 5.94
CA LEU A 2 -9.80 -20.62 5.19
C LEU A 2 -8.37 -20.48 5.72
N ASP A 3 -8.02 -21.29 6.69
CA ASP A 3 -6.64 -21.22 7.26
C ASP A 3 -5.66 -21.90 6.32
N SER A 4 -4.67 -22.57 6.85
CA SER A 4 -3.68 -23.27 5.98
C SER A 4 -3.12 -22.28 4.96
N ASN A 5 -3.09 -22.65 3.71
CA ASN A 5 -2.55 -21.73 2.67
C ASN A 5 -1.15 -21.27 3.07
N MET A 6 -0.40 -22.11 3.72
CA MET A 6 0.98 -21.72 4.15
C MET A 6 1.93 -21.86 2.95
N PHE A 7 2.65 -20.81 2.64
CA PHE A 7 3.60 -20.88 1.49
C PHE A 7 2.88 -21.46 0.27
N SER A 8 3.62 -21.82 -0.75
CA SER A 8 2.98 -22.39 -1.96
C SER A 8 2.24 -23.69 -1.60
N ASN A 9 1.25 -24.04 -2.36
CA ASN A 9 0.49 -25.28 -2.05
C ASN A 9 1.35 -26.51 -2.37
N ASP A 10 0.80 -27.48 -3.04
CA ASP A 10 1.59 -28.70 -3.38
C ASP A 10 0.94 -29.42 -4.56
N PHE A 11 0.14 -28.73 -5.33
CA PHE A 11 -0.51 -29.38 -6.49
C PHE A 11 0.56 -29.79 -7.51
N ASN A 12 1.04 -28.88 -8.30
CA ASN A 12 2.08 -29.22 -9.30
C ASN A 12 3.32 -29.76 -8.59
N PHE A 13 4.39 -29.96 -9.30
CA PHE A 13 5.63 -30.47 -8.66
C PHE A 13 6.80 -30.39 -9.66
N GLU A 14 6.52 -29.96 -10.86
CA GLU A 14 7.62 -29.85 -11.86
C GLU A 14 8.53 -28.68 -11.50
N ASN A 15 8.02 -27.47 -11.57
CA ASN A 15 8.85 -26.29 -11.23
C ASN A 15 9.14 -26.28 -9.73
N GLN A 16 10.30 -25.81 -9.34
CA GLN A 16 10.64 -25.77 -7.89
C GLN A 16 10.07 -24.50 -7.25
N PHE A 17 8.84 -24.55 -6.83
CA PHE A 17 8.22 -23.35 -6.20
C PHE A 17 8.71 -23.24 -4.74
N ASP A 18 9.12 -22.06 -4.34
CA ASP A 18 9.60 -21.89 -2.94
C ASP A 18 9.78 -20.39 -2.65
N GLU A 19 8.74 -19.73 -2.22
CA GLU A 19 8.86 -18.28 -1.92
C GLU A 19 9.51 -18.10 -0.55
N GLN A 20 10.49 -18.89 -0.23
CA GLN A 20 11.16 -18.77 1.10
C GLN A 20 12.08 -17.55 1.08
N VAL A 21 12.33 -16.99 -0.08
CA VAL A 21 13.22 -15.79 -0.17
C VAL A 21 12.41 -14.54 0.04
N SER A 22 11.90 -14.37 1.20
CA SER A 22 11.13 -13.16 1.50
C SER A 22 12.09 -11.99 1.64
N GLU A 23 13.21 -12.02 0.95
CA GLU A 23 14.18 -10.89 1.02
C GLU A 23 13.36 -9.61 0.95
N PHE A 24 12.23 -9.72 0.32
CA PHE A 24 11.32 -8.56 0.19
C PHE A 24 10.65 -8.26 1.53
N CYS A 25 9.82 -9.16 2.00
CA CYS A 25 9.15 -8.92 3.30
C CYS A 25 10.20 -8.96 4.42
N SER A 26 11.01 -9.98 4.43
CA SER A 26 12.06 -10.09 5.48
C SER A 26 12.85 -8.77 5.57
N LYS A 27 12.89 -8.00 4.52
CA LYS A 27 13.61 -6.68 4.58
C LYS A 27 12.57 -5.57 4.77
N MET A 28 11.32 -5.88 4.54
CA MET A 28 10.29 -4.85 4.77
C MET A 28 10.14 -4.67 6.27
N ASN A 29 10.49 -5.69 7.05
CA ASN A 29 10.39 -5.52 8.53
C ASN A 29 11.71 -4.92 9.00
N GLN A 30 12.79 -5.40 8.41
CA GLN A 30 14.17 -4.88 8.75
C GLN A 30 14.08 -3.37 9.03
N VAL A 31 13.30 -2.66 8.27
CA VAL A 31 13.15 -1.19 8.49
C VAL A 31 12.94 -0.93 9.99
N CYS A 32 12.62 -1.96 10.73
CA CYS A 32 12.39 -1.81 12.20
C CYS A 32 13.75 -1.93 12.92
N GLY A 33 14.83 -1.68 12.23
CA GLY A 33 16.17 -1.77 12.89
C GLY A 33 16.53 -0.42 13.51
N THR A 34 16.68 -0.38 14.81
CA THR A 34 17.02 0.91 15.47
C THR A 34 18.53 1.14 15.38
N ARG A 35 18.94 2.38 15.31
CA ARG A 35 20.41 2.67 15.24
C ARG A 35 21.09 2.24 16.53
N ASN B 1 -26.99 22.54 -11.00
CA ASN B 1 -28.05 23.40 -10.42
C ASN B 1 -27.40 24.53 -9.61
N GLY B 2 -26.51 25.26 -10.22
CA GLY B 2 -25.84 26.38 -9.48
C GLY B 2 -24.87 27.10 -10.42
N SER B 3 -25.31 28.16 -11.05
CA SER B 3 -24.41 28.90 -11.97
C SER B 3 -23.24 29.51 -11.19
N SER B 4 -22.44 30.31 -11.82
CA SER B 4 -21.29 30.93 -11.11
C SER B 4 -20.66 32.01 -12.00
N LEU B 5 -19.89 32.89 -11.42
CA LEU B 5 -19.25 33.96 -12.24
C LEU B 5 -18.17 33.36 -13.12
N GLN B 6 -17.03 33.02 -12.56
CA GLN B 6 -15.94 32.43 -13.38
C GLN B 6 -16.14 30.92 -13.48
N ASN B 7 -15.32 30.24 -14.24
CA ASN B 7 -15.47 28.77 -14.38
C ASN B 7 -14.14 28.17 -14.85
N ALA B 8 -14.17 26.97 -15.36
CA ALA B 8 -12.91 26.33 -15.83
C ALA B 8 -13.25 25.02 -16.55
N ASP B 9 -13.80 25.12 -17.73
CA ASP B 9 -14.15 23.88 -18.48
C ASP B 9 -12.89 23.33 -19.15
N LYS B 10 -11.76 23.54 -18.54
CA LYS B 10 -10.49 23.02 -19.13
C LYS B 10 -10.42 21.50 -18.96
N ILE B 11 -10.09 20.79 -20.01
CA ILE B 11 -10.01 19.31 -19.92
C ILE B 11 -11.37 18.74 -19.47
N ASN B 12 -11.66 18.81 -18.21
CA ASN B 12 -12.97 18.28 -17.71
C ASN B 12 -14.11 19.11 -18.29
N ASN B 13 -15.28 18.55 -18.39
CA ASN B 13 -16.44 19.30 -18.94
C ASN B 13 -16.93 20.31 -17.90
N GLY B 14 -16.04 20.82 -17.09
CA GLY B 14 -16.46 21.81 -16.06
C GLY B 14 -17.31 21.10 -15.00
N ASN B 15 -18.54 20.85 -15.29
CA ASN B 15 -19.43 20.17 -14.30
C ASN B 15 -19.42 20.95 -12.99
N ASP B 16 -19.37 20.27 -11.88
CA ASP B 16 -19.36 20.98 -10.57
C ASP B 16 -18.76 20.07 -9.49
N ASN B 17 -18.36 20.63 -8.38
CA ASN B 17 -17.77 19.79 -7.30
C ASN B 17 -18.86 18.91 -6.68
N ASP B 18 -18.63 18.37 -5.52
CA ASP B 18 -19.65 17.52 -4.86
C ASP B 18 -19.21 17.21 -3.43
N ASN B 19 -19.72 16.15 -2.86
CA ASN B 19 -19.34 15.79 -1.47
C ASN B 19 -19.72 14.34 -1.19
N ASP B 20 -18.89 13.63 -0.46
CA ASP B 20 -19.22 12.21 -0.15
C ASP B 20 -20.35 12.15 0.87
N ASN B 21 -21.39 11.42 0.57
CA ASN B 21 -22.53 11.32 1.54
C ASN B 21 -23.52 10.26 1.04
N ASP B 22 -23.34 9.79 -0.16
CA ASP B 22 -24.28 8.76 -0.69
C ASP B 22 -23.89 7.39 -0.14
N VAL B 23 -24.74 6.40 -0.34
CA VAL B 23 -24.44 5.05 0.16
C VAL B 23 -24.11 5.13 1.65
N VAL B 24 -22.99 4.61 2.02
CA VAL B 24 -22.58 4.63 3.44
C VAL B 24 -21.16 4.03 3.56
N PRO B 25 -20.17 4.76 3.07
CA PRO B 25 -18.78 4.29 3.12
C PRO B 25 -18.34 4.13 4.59
N SER B 26 -17.83 2.98 4.94
CA SER B 26 -17.38 2.75 6.34
C SER B 26 -16.10 3.52 6.60
N LYS B 27 -15.33 3.12 7.58
CA LYS B 27 -14.06 3.83 7.88
C LYS B 27 -13.06 3.59 6.75
N GLU B 28 -12.98 4.50 5.82
CA GLU B 28 -12.03 4.32 4.68
C GLU B 28 -10.59 4.34 5.21
N GLY B 29 -9.64 3.99 4.39
CA GLY B 29 -8.22 3.98 4.84
C GLY B 29 -8.02 2.87 5.88
N SER B 30 -7.83 1.66 5.43
CA SER B 30 -7.62 0.53 6.39
C SER B 30 -6.14 0.35 6.68
N LEU B 31 -5.84 -0.40 7.70
CA LEU B 31 -4.43 -0.65 8.09
C LEU B 31 -3.99 -1.98 7.47
N LEU B 32 -2.92 -1.96 6.70
CA LEU B 32 -2.44 -3.24 6.07
C LEU B 32 -0.94 -3.41 6.36
N ARG B 33 -0.44 -4.63 6.30
CA ARG B 33 1.01 -4.88 6.62
C ARG B 33 1.82 -5.19 5.36
N CYS B 34 2.82 -6.02 5.51
CA CYS B 34 3.73 -6.38 4.37
C CYS B 34 3.00 -7.27 3.37
N SER B 35 3.23 -8.57 3.40
CA SER B 35 2.56 -9.49 2.42
C SER B 35 1.08 -9.12 2.33
N GLU B 36 0.59 -8.40 3.29
CA GLU B 36 -0.83 -8.00 3.26
C GLU B 36 -1.13 -7.37 1.90
N ILE B 37 -0.19 -6.58 1.41
CA ILE B 37 -0.41 -5.88 0.13
C ILE B 37 -0.43 -6.91 -1.01
N TRP B 38 0.42 -7.91 -0.93
CA TRP B 38 0.47 -8.95 -2.01
C TRP B 38 -0.97 -9.32 -2.34
N ASP B 39 -1.80 -9.40 -1.34
CA ASP B 39 -3.24 -9.71 -1.62
C ASP B 39 -3.83 -8.53 -2.39
N ARG B 40 -3.52 -7.32 -1.97
CA ARG B 40 -4.05 -6.12 -2.69
C ARG B 40 -3.64 -6.19 -4.17
N ILE B 41 -2.47 -6.71 -4.44
CA ILE B 41 -1.97 -6.81 -5.84
C ILE B 41 -2.52 -8.07 -6.53
N THR B 42 -2.47 -9.20 -5.90
CA THR B 42 -2.98 -10.42 -6.57
C THR B 42 -4.47 -10.27 -6.91
N THR B 43 -5.26 -9.81 -5.98
CA THR B 43 -6.72 -9.67 -6.25
C THR B 43 -6.98 -8.63 -7.35
N HIS B 44 -6.02 -8.36 -8.20
CA HIS B 44 -6.22 -7.34 -9.29
C HIS B 44 -5.92 -7.97 -10.66
N PRO B 45 -6.85 -8.76 -11.18
CA PRO B 45 -6.68 -9.38 -12.51
C PRO B 45 -6.44 -8.30 -13.57
N LYS B 46 -6.48 -7.05 -13.17
CA LYS B 46 -6.26 -5.93 -14.15
C LYS B 46 -4.83 -5.41 -13.99
N TYR B 47 -3.86 -6.28 -14.00
CA TYR B 47 -2.45 -5.82 -13.88
C TYR B 47 -2.20 -4.76 -14.96
N SER B 48 -0.99 -4.29 -15.09
CA SER B 48 -0.69 -3.26 -16.12
C SER B 48 0.73 -2.73 -15.89
N ASP B 49 1.71 -3.58 -15.92
CA ASP B 49 3.11 -3.12 -15.71
C ASP B 49 3.17 -2.21 -14.48
N ILE B 50 3.00 -2.76 -13.31
CA ILE B 50 3.06 -1.91 -12.08
C ILE B 50 4.49 -1.42 -11.87
N ASP B 51 4.99 -1.51 -10.67
CA ASP B 51 6.36 -1.06 -10.36
C ASP B 51 6.70 -1.53 -8.95
N VAL B 52 7.33 -2.65 -8.84
CA VAL B 52 7.67 -3.19 -7.50
C VAL B 52 8.93 -2.51 -6.97
N ASP B 53 9.79 -2.09 -7.85
CA ASP B 53 11.07 -1.44 -7.39
C ASP B 53 10.78 -0.11 -6.69
N GLY B 54 10.06 0.77 -7.33
CA GLY B 54 9.77 2.09 -6.68
C GLY B 54 8.87 1.87 -5.48
N LEU B 55 7.91 1.00 -5.57
CA LEU B 55 7.02 0.75 -4.42
C LEU B 55 7.88 0.19 -3.28
N CYS B 56 9.04 -0.30 -3.59
CA CYS B 56 9.93 -0.88 -2.53
C CYS B 56 10.55 0.23 -1.67
N SER B 57 11.12 1.25 -2.28
CA SER B 57 11.74 2.34 -1.47
C SER B 57 10.66 3.34 -1.01
N GLU B 58 9.45 3.13 -1.42
CA GLU B 58 8.34 4.03 -1.00
C GLU B 58 7.52 3.37 0.12
N LEU B 59 7.24 2.09 0.02
CA LEU B 59 6.43 1.42 1.09
C LEU B 59 7.36 0.93 2.21
N MET B 60 8.62 0.70 1.93
CA MET B 60 9.53 0.17 3.00
C MET B 60 9.94 1.27 3.98
N ALA B 61 9.92 2.53 3.59
CA ALA B 61 10.31 3.61 4.56
C ALA B 61 9.05 4.29 5.08
N LYS B 62 7.99 4.28 4.34
CA LYS B 62 6.75 4.87 4.90
C LYS B 62 6.26 3.90 5.98
N ALA B 63 6.90 2.76 6.01
CA ALA B 63 6.56 1.69 7.00
C ALA B 63 6.37 2.27 8.40
N LYS B 64 5.32 1.85 9.06
CA LYS B 64 5.05 2.32 10.46
C LYS B 64 5.55 1.23 11.40
N CYS B 65 6.80 1.28 11.77
CA CYS B 65 7.38 0.23 12.65
C CYS B 65 6.60 0.12 13.97
N SER B 66 6.25 -1.09 14.30
CA SER B 66 5.52 -1.40 15.57
C SER B 66 6.06 -2.71 16.11
N GLU B 67 5.83 -3.04 17.36
CA GLU B 67 6.37 -4.33 17.88
C GLU B 67 5.65 -5.49 17.18
N ARG B 68 4.44 -5.27 16.72
CA ARG B 68 3.72 -6.36 16.02
C ARG B 68 4.28 -6.46 14.60
N GLY B 69 4.97 -5.44 14.17
CA GLY B 69 5.56 -5.41 12.79
C GLY B 69 5.24 -4.06 12.16
N VAL B 70 5.60 -3.86 10.91
CA VAL B 70 5.30 -2.56 10.25
C VAL B 70 3.84 -2.53 9.81
N VAL B 71 3.31 -1.37 9.54
CA VAL B 71 1.89 -1.30 9.04
C VAL B 71 1.80 -0.18 8.00
N ILE B 72 1.16 -0.45 6.89
CA ILE B 72 1.06 0.56 5.79
C ILE B 72 -0.39 1.05 5.67
N ASN B 73 -0.59 2.34 5.51
CA ASN B 73 -1.98 2.86 5.34
C ASN B 73 -2.33 2.84 3.86
N ALA B 74 -3.49 2.36 3.51
CA ALA B 74 -3.90 2.26 2.08
C ALA B 74 -3.59 3.57 1.34
N GLU B 75 -3.28 4.62 2.04
CA GLU B 75 -3.00 5.92 1.37
C GLU B 75 -1.55 5.97 0.87
N ASP B 76 -0.66 5.18 1.40
CA ASP B 76 0.75 5.19 0.88
C ASP B 76 0.84 4.23 -0.30
N VAL B 77 0.32 3.05 -0.18
CA VAL B 77 0.37 2.11 -1.34
C VAL B 77 -0.44 2.72 -2.49
N GLN B 78 -1.66 3.10 -2.23
CA GLN B 78 -2.50 3.71 -3.31
C GLN B 78 -1.75 4.89 -3.92
N LEU B 79 -0.99 5.60 -3.13
CA LEU B 79 -0.22 6.76 -3.66
C LEU B 79 1.09 6.26 -4.25
N ALA B 80 1.61 5.15 -3.79
CA ALA B 80 2.88 4.62 -4.37
C ALA B 80 2.56 3.75 -5.58
N LEU B 81 1.42 3.11 -5.60
CA LEU B 81 1.07 2.25 -6.77
C LEU B 81 0.39 3.11 -7.84
N ASN B 82 -0.19 4.23 -7.48
CA ASN B 82 -0.87 5.08 -8.50
C ASN B 82 0.10 6.12 -9.08
N LYS B 83 1.25 6.28 -8.48
CA LYS B 83 2.24 7.28 -9.00
C LYS B 83 3.20 6.60 -9.97
N HIS B 84 3.14 5.28 -10.06
CA HIS B 84 4.06 4.53 -10.97
C HIS B 84 3.26 3.90 -12.11
N MET B 85 2.05 4.37 -12.34
CA MET B 85 1.23 3.80 -13.45
C MET B 85 1.36 4.69 -14.69
N ASN B 86 2.17 4.31 -15.63
CA ASN B 86 2.34 5.14 -16.85
C ASN B 86 1.03 5.19 -17.63
N ASN A 1 2.47 -19.72 12.53
CA ASN A 1 3.72 -19.98 11.77
C ASN A 1 4.84 -19.12 12.33
N LEU A 2 5.57 -19.61 13.30
CA LEU A 2 6.68 -18.82 13.88
C LEU A 2 7.81 -18.70 12.86
N ASP A 3 7.60 -17.92 11.83
CA ASP A 3 8.67 -17.76 10.79
C ASP A 3 9.89 -17.07 11.40
N SER A 4 10.83 -17.84 11.89
CA SER A 4 12.04 -17.23 12.51
C SER A 4 13.18 -18.24 12.49
N ASN A 5 13.98 -18.23 11.47
CA ASN A 5 15.12 -19.20 11.40
C ASN A 5 16.19 -18.65 10.44
N MET A 6 17.43 -19.01 10.66
CA MET A 6 18.51 -18.51 9.77
C MET A 6 18.30 -19.06 8.36
N PHE A 7 18.67 -18.30 7.36
CA PHE A 7 18.49 -18.78 5.96
C PHE A 7 19.35 -20.01 5.74
N SER A 8 19.22 -20.66 4.60
CA SER A 8 20.03 -21.87 4.31
C SER A 8 19.88 -22.86 5.48
N ASN A 9 19.05 -23.86 5.30
CA ASN A 9 18.84 -24.88 6.38
C ASN A 9 18.94 -26.28 5.78
N ASP A 10 20.13 -26.72 5.46
CA ASP A 10 20.29 -28.07 4.87
C ASP A 10 21.72 -28.56 5.11
N PHE A 11 22.65 -27.65 5.22
CA PHE A 11 24.06 -28.06 5.46
C PHE A 11 24.47 -29.12 4.43
N ASN A 12 24.29 -28.84 3.17
CA ASN A 12 24.66 -29.84 2.13
C ASN A 12 26.18 -29.85 1.95
N PHE A 13 26.91 -29.48 2.98
CA PHE A 13 28.39 -29.47 2.87
C PHE A 13 28.80 -28.66 1.64
N GLU A 14 28.14 -27.56 1.40
CA GLU A 14 28.50 -26.72 0.23
C GLU A 14 27.75 -25.38 0.32
N ASN A 15 26.67 -25.34 1.04
CA ASN A 15 25.91 -24.07 1.16
C ASN A 15 25.59 -23.53 -0.22
N GLN A 16 24.79 -24.24 -0.98
CA GLN A 16 24.44 -23.76 -2.35
C GLN A 16 23.41 -22.62 -2.24
N PHE A 17 22.99 -22.08 -3.36
CA PHE A 17 22.00 -20.97 -3.32
C PHE A 17 20.68 -21.49 -2.75
N ASP A 18 19.84 -20.62 -2.28
CA ASP A 18 18.53 -21.06 -1.71
C ASP A 18 17.55 -19.89 -1.74
N GLU A 19 17.11 -19.44 -0.60
CA GLU A 19 16.14 -18.30 -0.56
C GLU A 19 15.97 -17.83 0.88
N GLN A 20 16.01 -16.54 1.11
CA GLN A 20 15.84 -16.02 2.49
C GLN A 20 14.38 -16.12 2.91
N VAL A 21 13.49 -16.26 1.96
CA VAL A 21 12.05 -16.36 2.28
C VAL A 21 11.55 -15.06 2.85
N SER A 22 10.59 -14.50 2.19
CA SER A 22 10.02 -13.21 2.60
C SER A 22 11.12 -12.18 2.61
N GLU A 23 12.14 -12.38 1.81
CA GLU A 23 13.24 -11.36 1.72
C GLU A 23 12.55 -10.01 1.59
N PHE A 24 11.34 -10.07 1.11
CA PHE A 24 10.53 -8.85 0.94
C PHE A 24 10.11 -8.31 2.30
N CYS A 25 9.40 -9.09 3.07
CA CYS A 25 8.96 -8.61 4.41
C CYS A 25 10.14 -8.64 5.38
N SER A 26 10.93 -9.68 5.32
CA SER A 26 12.10 -9.79 6.24
C SER A 26 12.95 -8.52 6.18
N LYS A 27 12.97 -7.83 5.05
CA LYS A 27 13.77 -6.57 4.97
C LYS A 27 12.82 -5.39 5.16
N MET A 28 11.55 -5.62 5.08
CA MET A 28 10.61 -4.50 5.33
C MET A 28 10.59 -4.25 6.83
N ASN A 29 10.87 -5.26 7.62
CA ASN A 29 10.87 -5.04 9.09
C ASN A 29 12.21 -4.40 9.41
N GLN A 30 13.27 -4.90 8.78
CA GLN A 30 14.64 -4.33 8.98
C GLN A 30 14.55 -2.81 9.12
N VAL A 31 13.71 -2.18 8.33
CA VAL A 31 13.54 -0.70 8.44
C VAL A 31 13.40 -0.30 9.92
N CYS A 32 13.14 -1.27 10.76
CA CYS A 32 12.99 -1.01 12.21
C CYS A 32 14.36 -1.09 12.89
N GLY A 33 15.24 -1.90 12.37
CA GLY A 33 16.59 -2.03 12.99
C GLY A 33 17.24 -0.64 13.10
N THR A 34 17.49 -0.19 14.31
CA THR A 34 18.13 1.15 14.49
C THR A 34 19.65 1.00 14.53
N ARG A 35 20.36 1.92 13.92
CA ARG A 35 21.85 1.83 13.94
C ARG A 35 22.28 0.48 13.34
N ASN B 1 -31.40 32.26 -22.81
CA ASN B 1 -30.38 32.97 -23.63
C ASN B 1 -29.58 33.92 -22.72
N GLY B 2 -30.02 34.10 -21.50
CA GLY B 2 -29.28 35.00 -20.58
C GLY B 2 -27.90 34.41 -20.28
N SER B 3 -27.64 34.05 -19.05
CA SER B 3 -26.31 33.48 -18.70
C SER B 3 -26.34 32.95 -17.26
N SER B 4 -27.51 32.88 -16.68
CA SER B 4 -27.60 32.38 -15.28
C SER B 4 -27.54 30.85 -15.28
N LEU B 5 -27.58 30.25 -16.44
CA LEU B 5 -27.53 28.76 -16.51
C LEU B 5 -26.11 28.29 -16.12
N GLN B 6 -25.18 29.20 -16.05
CA GLN B 6 -23.79 28.81 -15.66
C GLN B 6 -23.81 28.17 -14.27
N ASN B 7 -23.46 26.92 -14.18
CA ASN B 7 -23.46 26.24 -12.85
C ASN B 7 -22.53 25.02 -12.91
N ALA B 8 -22.08 24.55 -11.78
CA ALA B 8 -21.17 23.38 -11.78
C ALA B 8 -21.96 22.12 -12.18
N ASP B 9 -23.25 22.12 -11.96
CA ASP B 9 -24.07 20.93 -12.33
C ASP B 9 -25.55 21.30 -12.25
N LYS B 10 -26.41 20.31 -12.19
CA LYS B 10 -27.86 20.60 -12.11
C LYS B 10 -28.18 21.27 -10.77
N ILE B 11 -28.73 20.54 -9.84
CA ILE B 11 -29.05 21.15 -8.52
C ILE B 11 -27.77 21.35 -7.72
N ASN B 12 -27.20 20.29 -7.20
CA ASN B 12 -25.95 20.43 -6.42
C ASN B 12 -25.36 19.04 -6.14
N ASN B 13 -24.86 18.38 -7.14
CA ASN B 13 -24.28 17.03 -6.94
C ASN B 13 -23.01 17.14 -6.10
N GLY B 14 -21.91 17.44 -6.72
CA GLY B 14 -20.62 17.56 -5.97
C GLY B 14 -20.21 16.18 -5.43
N ASN B 15 -20.74 15.14 -6.01
CA ASN B 15 -20.38 13.77 -5.52
C ASN B 15 -20.65 12.76 -6.64
N ASP B 16 -21.90 12.51 -6.93
CA ASP B 16 -22.22 11.53 -8.00
C ASP B 16 -21.72 12.07 -9.35
N ASN B 17 -22.62 12.38 -10.25
CA ASN B 17 -22.19 12.92 -11.57
C ASN B 17 -21.16 11.96 -12.19
N ASP B 18 -19.95 12.40 -12.34
CA ASP B 18 -18.90 11.52 -12.93
C ASP B 18 -18.65 10.33 -12.00
N ASN B 19 -17.60 9.59 -12.26
CA ASN B 19 -17.30 8.42 -11.39
C ASN B 19 -15.91 7.88 -11.74
N ASP B 20 -15.60 6.68 -11.32
CA ASP B 20 -14.26 6.11 -11.63
C ASP B 20 -14.30 4.59 -11.41
N ASN B 21 -15.07 3.89 -12.19
CA ASN B 21 -15.15 2.41 -12.03
C ASN B 21 -15.45 2.07 -10.58
N ASP B 22 -14.72 1.15 -10.00
CA ASP B 22 -14.97 0.78 -8.58
C ASP B 22 -14.87 2.02 -7.70
N VAL B 23 -14.80 1.85 -6.41
CA VAL B 23 -14.71 3.02 -5.50
C VAL B 23 -14.56 2.52 -4.07
N VAL B 24 -13.96 3.31 -3.23
CA VAL B 24 -13.76 2.93 -1.80
C VAL B 24 -14.74 3.73 -0.92
N PRO B 25 -15.14 3.19 0.21
CA PRO B 25 -16.06 3.91 1.12
C PRO B 25 -15.45 5.26 1.50
N SER B 26 -16.18 6.06 2.24
CA SER B 26 -15.64 7.38 2.65
C SER B 26 -14.68 7.19 3.82
N LYS B 27 -13.83 6.20 3.74
CA LYS B 27 -12.85 5.95 4.85
C LYS B 27 -11.78 4.97 4.36
N GLU B 28 -10.56 5.19 4.73
CA GLU B 28 -9.46 4.28 4.30
C GLU B 28 -8.19 4.63 5.06
N GLY B 29 -7.48 3.63 5.54
CA GLY B 29 -6.21 3.90 6.29
C GLY B 29 -6.02 2.83 7.35
N SER B 30 -6.39 1.61 7.05
CA SER B 30 -6.22 0.52 8.05
C SER B 30 -4.77 0.02 8.07
N LEU B 31 -4.42 -0.70 9.09
CA LEU B 31 -3.04 -1.25 9.20
C LEU B 31 -3.00 -2.62 8.52
N LEU B 32 -2.20 -2.76 7.49
CA LEU B 32 -2.10 -4.08 6.78
C LEU B 32 -0.63 -4.53 6.74
N ARG B 33 -0.41 -5.81 6.75
CA ARG B 33 0.99 -6.34 6.72
C ARG B 33 1.60 -6.18 5.31
N CYS B 34 2.78 -6.73 5.14
CA CYS B 34 3.50 -6.61 3.84
C CYS B 34 2.85 -7.45 2.74
N SER B 35 3.24 -8.69 2.62
CA SER B 35 2.68 -9.57 1.55
C SER B 35 1.16 -9.37 1.44
N GLU B 36 0.52 -8.98 2.50
CA GLU B 36 -0.94 -8.79 2.40
C GLU B 36 -1.21 -7.81 1.27
N ILE B 37 -0.24 -6.99 0.95
CA ILE B 37 -0.47 -6.03 -0.16
C ILE B 37 -0.45 -6.84 -1.45
N TRP B 38 0.39 -7.84 -1.50
CA TRP B 38 0.46 -8.70 -2.72
C TRP B 38 -0.96 -9.04 -3.11
N ASP B 39 -1.79 -9.21 -2.11
CA ASP B 39 -3.23 -9.49 -2.39
C ASP B 39 -3.86 -8.23 -2.98
N ARG B 40 -3.48 -7.07 -2.47
CA ARG B 40 -4.05 -5.79 -3.02
C ARG B 40 -3.73 -5.69 -4.51
N ILE B 41 -2.64 -6.30 -4.94
CA ILE B 41 -2.25 -6.24 -6.39
C ILE B 41 -2.95 -7.36 -7.18
N THR B 42 -2.98 -8.55 -6.67
CA THR B 42 -3.62 -9.67 -7.42
C THR B 42 -5.04 -9.27 -7.83
N THR B 43 -5.73 -8.53 -7.00
CA THR B 43 -7.12 -8.13 -7.35
C THR B 43 -7.09 -6.99 -8.37
N HIS B 44 -5.97 -6.78 -9.02
CA HIS B 44 -5.86 -5.68 -10.04
C HIS B 44 -5.37 -6.25 -11.38
N PRO B 45 -6.21 -6.28 -12.42
CA PRO B 45 -5.78 -6.82 -13.72
C PRO B 45 -4.57 -6.02 -14.23
N LYS B 46 -4.53 -4.74 -13.98
CA LYS B 46 -3.37 -3.94 -14.45
C LYS B 46 -2.13 -4.32 -13.63
N TYR B 47 -1.93 -5.59 -13.39
CA TYR B 47 -0.76 -6.04 -12.60
C TYR B 47 0.45 -6.24 -13.52
N SER B 48 0.30 -5.91 -14.78
CA SER B 48 1.43 -6.07 -15.74
C SER B 48 2.34 -4.84 -15.70
N ASP B 49 2.20 -4.02 -14.69
CA ASP B 49 3.07 -2.80 -14.62
C ASP B 49 3.11 -2.28 -13.17
N ILE B 50 2.41 -1.21 -12.89
CA ILE B 50 2.40 -0.65 -11.50
C ILE B 50 3.83 -0.43 -10.98
N ASP B 51 4.84 -0.76 -11.74
CA ASP B 51 6.23 -0.56 -11.25
C ASP B 51 6.39 -1.27 -9.90
N VAL B 52 6.75 -2.51 -9.93
CA VAL B 52 6.93 -3.26 -8.64
C VAL B 52 8.19 -2.76 -7.96
N ASP B 53 9.13 -2.26 -8.72
CA ASP B 53 10.40 -1.77 -8.11
C ASP B 53 10.17 -0.41 -7.45
N GLY B 54 9.40 0.44 -8.07
CA GLY B 54 9.15 1.78 -7.47
C GLY B 54 8.27 1.65 -6.23
N LEU B 55 7.20 0.90 -6.32
CA LEU B 55 6.33 0.76 -5.13
C LEU B 55 7.10 0.04 -4.03
N CYS B 56 8.16 -0.65 -4.40
CA CYS B 56 8.96 -1.38 -3.38
C CYS B 56 9.76 -0.39 -2.53
N SER B 57 10.45 0.53 -3.15
CA SER B 57 11.22 1.53 -2.36
C SER B 57 10.25 2.57 -1.79
N GLU B 58 9.00 2.45 -2.13
CA GLU B 58 7.97 3.38 -1.58
C GLU B 58 7.25 2.67 -0.43
N LEU B 59 6.62 1.55 -0.72
CA LEU B 59 5.89 0.80 0.35
C LEU B 59 6.88 0.35 1.43
N MET B 60 8.11 0.07 1.04
CA MET B 60 9.12 -0.43 2.03
C MET B 60 9.66 0.68 2.93
N ALA B 61 9.68 1.92 2.48
CA ALA B 61 10.21 3.03 3.35
C ALA B 61 9.04 3.83 3.93
N LYS B 62 7.86 3.72 3.39
CA LYS B 62 6.73 4.44 4.02
C LYS B 62 6.37 3.63 5.27
N ALA B 63 7.06 2.52 5.43
CA ALA B 63 6.83 1.61 6.58
C ALA B 63 6.67 2.37 7.90
N LYS B 64 5.70 2.00 8.69
CA LYS B 64 5.48 2.65 10.01
C LYS B 64 5.92 1.66 11.10
N CYS B 65 7.15 1.76 11.50
CA CYS B 65 7.69 0.81 12.52
C CYS B 65 6.88 0.86 13.82
N SER B 66 6.36 -0.28 14.19
CA SER B 66 5.57 -0.43 15.45
C SER B 66 5.90 -1.81 16.05
N GLU B 67 5.65 -2.03 17.31
CA GLU B 67 5.99 -3.37 17.88
C GLU B 67 5.11 -4.43 17.21
N ARG B 68 4.00 -4.05 16.63
CA ARG B 68 3.16 -5.05 15.93
C ARG B 68 3.79 -5.29 14.55
N GLY B 69 5.09 -5.22 14.50
CA GLY B 69 5.81 -5.40 13.21
C GLY B 69 5.57 -4.15 12.38
N VAL B 70 5.89 -4.14 11.12
CA VAL B 70 5.65 -2.93 10.29
C VAL B 70 4.18 -2.86 9.91
N VAL B 71 3.63 -1.68 9.76
CA VAL B 71 2.19 -1.56 9.35
C VAL B 71 2.07 -0.42 8.35
N ILE B 72 1.29 -0.61 7.30
CA ILE B 72 1.12 0.45 6.26
C ILE B 72 -0.32 0.94 6.27
N ASN B 73 -0.54 2.22 6.17
CA ASN B 73 -1.95 2.74 6.15
C ASN B 73 -2.45 2.63 4.71
N ALA B 74 -3.63 2.11 4.54
CA ALA B 74 -4.19 1.92 3.17
C ALA B 74 -3.98 3.18 2.32
N GLU B 75 -3.65 4.29 2.93
CA GLU B 75 -3.47 5.55 2.16
C GLU B 75 -2.05 5.63 1.59
N ASP B 76 -1.09 4.93 2.13
CA ASP B 76 0.29 5.01 1.54
C ASP B 76 0.35 4.00 0.38
N VAL B 77 -0.19 2.83 0.55
CA VAL B 77 -0.20 1.86 -0.58
C VAL B 77 -1.00 2.47 -1.72
N GLN B 78 -2.19 2.93 -1.46
CA GLN B 78 -3.01 3.56 -2.54
C GLN B 78 -2.19 4.64 -3.25
N LEU B 79 -1.35 5.33 -2.53
CA LEU B 79 -0.52 6.39 -3.17
C LEU B 79 0.69 5.75 -3.86
N ALA B 80 1.13 4.61 -3.40
CA ALA B 80 2.30 3.96 -4.07
C ALA B 80 1.81 3.08 -5.24
N LEU B 81 0.61 2.56 -5.17
CA LEU B 81 0.11 1.70 -6.30
C LEU B 81 -0.59 2.58 -7.34
N ASN B 82 -1.73 3.12 -7.01
CA ASN B 82 -2.49 3.97 -7.97
C ASN B 82 -1.55 4.99 -8.63
N LYS B 83 -0.38 5.20 -8.07
CA LYS B 83 0.56 6.19 -8.67
C LYS B 83 1.47 5.50 -9.69
N HIS B 84 2.11 6.28 -10.53
CA HIS B 84 3.00 5.69 -11.58
C HIS B 84 2.16 4.89 -12.57
N MET B 85 0.91 5.24 -12.74
CA MET B 85 0.04 4.49 -13.70
C MET B 85 0.02 5.22 -15.05
N ASN B 86 0.12 4.48 -16.12
CA ASN B 86 0.11 5.12 -17.47
C ASN B 86 -1.16 5.96 -17.62
N ASN A 1 -0.06 -18.65 -0.22
CA ASN A 1 -1.40 -18.46 0.43
C ASN A 1 -2.50 -18.97 -0.51
N LEU A 2 -2.33 -18.76 -1.79
CA LEU A 2 -3.37 -19.23 -2.76
C LEU A 2 -3.12 -20.71 -3.08
N ASP A 3 -2.16 -21.31 -2.44
CA ASP A 3 -1.87 -22.75 -2.71
C ASP A 3 -1.16 -23.35 -1.50
N SER A 4 -1.63 -23.08 -0.31
CA SER A 4 -0.97 -23.64 0.90
C SER A 4 -1.76 -23.21 2.14
N ASN A 5 -2.14 -21.97 2.21
CA ASN A 5 -2.91 -21.48 3.39
C ASN A 5 -2.11 -21.75 4.67
N MET A 6 -0.86 -22.09 4.52
CA MET A 6 -0.01 -22.36 5.72
C MET A 6 1.46 -22.09 5.37
N PHE A 7 2.32 -22.11 6.35
CA PHE A 7 3.76 -21.85 6.08
C PHE A 7 4.28 -22.88 5.07
N SER A 8 5.48 -22.70 4.59
CA SER A 8 6.04 -23.68 3.61
C SER A 8 6.16 -25.05 4.26
N ASN A 9 5.81 -25.14 5.52
CA ASN A 9 5.90 -26.46 6.22
C ASN A 9 4.98 -27.47 5.54
N ASP A 10 5.14 -28.73 5.83
CA ASP A 10 4.28 -29.76 5.18
C ASP A 10 4.51 -31.11 5.86
N PHE A 11 4.70 -31.12 7.16
CA PHE A 11 4.94 -32.40 7.87
C PHE A 11 6.09 -33.16 7.20
N ASN A 12 6.91 -32.47 6.46
CA ASN A 12 8.04 -33.16 5.78
C ASN A 12 9.14 -33.46 6.79
N PHE A 13 9.37 -32.57 7.73
CA PHE A 13 10.42 -32.79 8.77
C PHE A 13 11.80 -32.81 8.11
N GLU A 14 11.93 -33.45 6.99
CA GLU A 14 13.25 -33.50 6.30
C GLU A 14 13.74 -32.08 6.02
N ASN A 15 13.05 -31.36 5.17
CA ASN A 15 13.48 -29.98 4.84
C ASN A 15 13.10 -29.04 6.01
N GLN A 16 13.38 -27.77 5.86
CA GLN A 16 13.04 -26.81 6.96
C GLN A 16 13.07 -25.38 6.40
N PHE A 17 12.43 -25.16 5.29
CA PHE A 17 12.43 -23.78 4.70
C PHE A 17 12.07 -22.77 5.77
N ASP A 18 10.88 -22.86 6.32
CA ASP A 18 10.47 -21.89 7.38
C ASP A 18 10.59 -20.47 6.84
N GLU A 19 10.04 -20.20 5.69
CA GLU A 19 10.12 -18.84 5.12
C GLU A 19 11.59 -18.38 5.08
N GLN A 20 12.36 -18.95 4.19
CA GLN A 20 13.80 -18.56 4.08
C GLN A 20 13.94 -17.38 3.11
N VAL A 21 13.04 -17.27 2.17
CA VAL A 21 13.11 -16.15 1.19
C VAL A 21 12.35 -14.97 1.72
N SER A 22 11.32 -14.57 1.04
CA SER A 22 10.58 -13.37 1.51
C SER A 22 11.58 -12.24 1.65
N GLU A 23 12.72 -12.33 0.99
CA GLU A 23 13.75 -11.25 1.07
C GLU A 23 12.98 -9.94 0.96
N PHE A 24 11.87 -10.03 0.30
CA PHE A 24 10.99 -8.86 0.12
C PHE A 24 10.35 -8.51 1.45
N CYS A 25 9.54 -9.38 1.98
CA CYS A 25 8.89 -9.08 3.29
C CYS A 25 9.97 -9.08 4.38
N SER A 26 10.79 -10.10 4.41
CA SER A 26 11.84 -10.17 5.45
C SER A 26 12.61 -8.86 5.55
N LYS A 27 12.60 -8.06 4.51
CA LYS A 27 13.32 -6.73 4.58
C LYS A 27 12.30 -5.61 4.82
N MET A 28 11.04 -5.89 4.64
CA MET A 28 10.04 -4.83 4.92
C MET A 28 9.92 -4.72 6.43
N ASN A 29 10.25 -5.77 7.16
CA ASN A 29 10.18 -5.66 8.65
C ASN A 29 11.51 -5.09 9.10
N GLN A 30 12.58 -5.55 8.48
CA GLN A 30 13.97 -5.05 8.81
C GLN A 30 13.89 -3.56 9.13
N VAL A 31 13.09 -2.83 8.40
CA VAL A 31 12.96 -1.36 8.68
C VAL A 31 12.79 -1.15 10.18
N CYS A 32 12.48 -2.19 10.91
CA CYS A 32 12.30 -2.08 12.38
C CYS A 32 13.65 -2.28 13.07
N GLY A 33 14.45 -3.19 12.58
CA GLY A 33 15.78 -3.43 13.21
C GLY A 33 16.78 -2.38 12.70
N THR A 34 17.29 -1.57 13.60
CA THR A 34 18.28 -0.51 13.20
C THR A 34 19.63 -0.80 13.87
N ARG A 35 20.71 -0.48 13.20
CA ARG A 35 22.05 -0.73 13.80
C ARG A 35 22.37 0.37 14.81
N ASN B 1 -28.42 13.46 -46.40
CA ASN B 1 -28.21 14.81 -47.00
C ASN B 1 -26.86 15.37 -46.56
N GLY B 2 -26.65 15.46 -45.27
CA GLY B 2 -25.35 15.99 -44.77
C GLY B 2 -25.33 15.95 -43.24
N SER B 3 -26.48 16.06 -42.62
CA SER B 3 -26.53 16.03 -41.14
C SER B 3 -25.97 14.69 -40.64
N SER B 4 -24.73 14.67 -40.23
CA SER B 4 -24.13 13.39 -39.73
C SER B 4 -24.80 13.00 -38.41
N LEU B 5 -24.61 13.77 -37.38
CA LEU B 5 -25.23 13.43 -36.07
C LEU B 5 -25.06 14.61 -35.11
N GLN B 6 -23.89 15.21 -35.10
CA GLN B 6 -23.66 16.37 -34.20
C GLN B 6 -24.82 17.37 -34.31
N ASN B 7 -25.13 18.06 -33.25
CA ASN B 7 -26.25 19.04 -33.31
C ASN B 7 -26.28 19.85 -32.02
N ALA B 8 -25.79 19.30 -30.94
CA ALA B 8 -25.78 20.05 -29.65
C ALA B 8 -24.94 19.28 -28.62
N ASP B 9 -25.25 18.02 -28.42
CA ASP B 9 -24.47 17.23 -27.43
C ASP B 9 -24.83 15.75 -27.58
N LYS B 10 -25.17 15.33 -28.76
CA LYS B 10 -25.53 13.89 -28.98
C LYS B 10 -26.67 13.51 -28.02
N ILE B 11 -27.24 12.36 -28.21
CA ILE B 11 -28.35 11.93 -27.31
C ILE B 11 -27.77 11.38 -26.02
N ASN B 12 -26.51 11.61 -25.77
CA ASN B 12 -25.87 11.10 -24.53
C ASN B 12 -26.03 9.58 -24.46
N ASN B 13 -25.22 8.93 -23.67
CA ASN B 13 -25.31 7.44 -23.55
C ASN B 13 -26.43 7.07 -22.58
N GLY B 14 -26.81 8.00 -21.73
CA GLY B 14 -27.90 7.70 -20.76
C GLY B 14 -27.37 6.81 -19.64
N ASN B 15 -26.48 5.91 -19.96
CA ASN B 15 -25.91 5.02 -18.92
C ASN B 15 -25.07 5.84 -17.94
N ASP B 16 -24.63 5.25 -16.86
CA ASP B 16 -23.80 6.00 -15.89
C ASP B 16 -22.45 6.33 -16.52
N ASN B 17 -22.26 7.56 -16.92
CA ASN B 17 -20.97 7.95 -17.54
C ASN B 17 -19.89 8.08 -16.46
N ASP B 18 -20.24 8.70 -15.36
CA ASP B 18 -19.25 8.86 -14.26
C ASP B 18 -18.88 7.49 -13.70
N ASN B 19 -17.66 7.32 -13.26
CA ASN B 19 -17.24 6.01 -12.71
C ASN B 19 -17.84 5.83 -11.31
N ASP B 20 -18.55 4.76 -11.08
CA ASP B 20 -19.15 4.54 -9.74
C ASP B 20 -18.09 4.02 -8.77
N ASN B 21 -16.86 3.96 -9.20
CA ASN B 21 -15.78 3.46 -8.32
C ASN B 21 -15.55 4.46 -7.18
N ASP B 22 -15.08 5.64 -7.51
CA ASP B 22 -14.84 6.66 -6.44
C ASP B 22 -16.17 7.12 -5.86
N VAL B 23 -16.95 6.21 -5.33
CA VAL B 23 -18.27 6.59 -4.75
C VAL B 23 -18.05 7.21 -3.37
N VAL B 24 -16.89 7.00 -2.87
CA VAL B 24 -16.54 7.55 -1.52
C VAL B 24 -15.02 7.79 -1.45
N PRO B 25 -14.54 8.78 -2.18
CA PRO B 25 -13.11 9.10 -2.21
C PRO B 25 -12.65 9.52 -0.81
N SER B 26 -11.38 9.80 -0.65
CA SER B 26 -10.88 10.21 0.69
C SER B 26 -11.27 9.16 1.73
N LYS B 27 -11.28 7.92 1.35
CA LYS B 27 -11.66 6.84 2.31
C LYS B 27 -10.62 6.78 3.43
N GLU B 28 -10.91 6.09 4.49
CA GLU B 28 -9.95 5.99 5.61
C GLU B 28 -8.75 5.13 5.17
N GLY B 29 -7.99 4.63 6.11
CA GLY B 29 -6.81 3.79 5.76
C GLY B 29 -6.56 2.79 6.89
N SER B 30 -6.76 1.53 6.63
CA SER B 30 -6.55 0.51 7.69
C SER B 30 -5.06 0.17 7.80
N LEU B 31 -4.66 -0.37 8.93
CA LEU B 31 -3.25 -0.75 9.14
C LEU B 31 -2.98 -2.02 8.32
N LEU B 32 -2.03 -1.97 7.42
CA LEU B 32 -1.73 -3.16 6.56
C LEU B 32 -0.23 -3.49 6.64
N ARG B 33 0.11 -4.75 6.61
CA ARG B 33 1.56 -5.15 6.70
C ARG B 33 2.20 -5.16 5.32
N CYS B 34 3.13 -6.06 5.09
CA CYS B 34 3.84 -6.12 3.77
C CYS B 34 3.09 -7.08 2.81
N SER B 35 3.16 -8.36 3.03
CA SER B 35 2.45 -9.30 2.12
C SER B 35 0.99 -8.85 2.04
N GLU B 36 0.53 -8.22 3.08
CA GLU B 36 -0.86 -7.72 3.12
C GLU B 36 -1.15 -7.00 1.81
N ILE B 37 -0.18 -6.25 1.33
CA ILE B 37 -0.40 -5.49 0.08
C ILE B 37 -0.49 -6.49 -1.08
N TRP B 38 0.26 -7.57 -0.98
CA TRP B 38 0.23 -8.60 -2.06
C TRP B 38 -1.22 -8.82 -2.45
N ASP B 39 -2.08 -8.81 -1.47
CA ASP B 39 -3.53 -8.96 -1.77
C ASP B 39 -3.99 -7.69 -2.48
N ARG B 40 -3.52 -6.54 -2.03
CA ARG B 40 -3.91 -5.26 -2.71
C ARG B 40 -3.47 -5.30 -4.17
N ILE B 41 -2.51 -6.14 -4.51
CA ILE B 41 -2.03 -6.25 -5.92
C ILE B 41 -2.87 -7.26 -6.72
N THR B 42 -3.07 -8.44 -6.18
CA THR B 42 -3.84 -9.47 -6.91
C THR B 42 -5.14 -8.89 -7.48
N THR B 43 -5.83 -8.07 -6.72
CA THR B 43 -7.10 -7.49 -7.23
C THR B 43 -6.89 -6.90 -8.62
N HIS B 44 -5.85 -6.13 -8.82
CA HIS B 44 -5.59 -5.54 -10.16
C HIS B 44 -5.42 -6.67 -11.19
N PRO B 45 -6.32 -6.79 -12.17
CA PRO B 45 -6.19 -7.86 -13.16
C PRO B 45 -4.87 -7.70 -13.94
N LYS B 46 -4.73 -6.61 -14.65
CA LYS B 46 -3.48 -6.37 -15.43
C LYS B 46 -2.31 -6.18 -14.47
N TYR B 47 -2.00 -7.17 -13.69
CA TYR B 47 -0.88 -7.06 -12.70
C TYR B 47 0.45 -7.32 -13.44
N SER B 48 0.62 -6.74 -14.60
CA SER B 48 1.87 -6.95 -15.40
C SER B 48 2.46 -5.59 -15.81
N ASP B 49 2.15 -4.54 -15.10
CA ASP B 49 2.69 -3.20 -15.45
C ASP B 49 2.32 -2.19 -14.36
N ILE B 50 3.05 -2.20 -13.26
CA ILE B 50 2.74 -1.25 -12.14
C ILE B 50 4.06 -0.77 -11.52
N ASP B 51 5.18 -1.15 -12.08
CA ASP B 51 6.48 -0.71 -11.50
C ASP B 51 6.56 -1.22 -10.06
N VAL B 52 7.01 -2.43 -9.88
CA VAL B 52 7.11 -2.99 -8.51
C VAL B 52 8.38 -2.48 -7.83
N ASP B 53 9.35 -2.05 -8.59
CA ASP B 53 10.62 -1.55 -7.99
C ASP B 53 10.37 -0.20 -7.30
N GLY B 54 9.65 0.68 -7.93
CA GLY B 54 9.40 2.01 -7.30
C GLY B 54 8.46 1.85 -6.09
N LEU B 55 7.34 1.21 -6.29
CA LEU B 55 6.40 1.02 -5.16
C LEU B 55 7.13 0.32 -4.00
N CYS B 56 8.23 -0.33 -4.30
CA CYS B 56 8.98 -1.04 -3.22
C CYS B 56 9.73 -0.03 -2.34
N SER B 57 10.39 0.94 -2.92
CA SER B 57 11.12 1.95 -2.09
C SER B 57 10.13 2.98 -1.56
N GLU B 58 8.88 2.84 -1.89
CA GLU B 58 7.84 3.77 -1.38
C GLU B 58 7.26 3.23 -0.07
N LEU B 59 6.97 1.95 0.01
CA LEU B 59 6.40 1.40 1.27
C LEU B 59 7.52 1.02 2.26
N MET B 60 8.71 0.82 1.77
CA MET B 60 9.85 0.42 2.67
C MET B 60 10.13 1.50 3.72
N ALA B 61 9.98 2.76 3.39
CA ALA B 61 10.25 3.85 4.39
C ALA B 61 8.94 4.44 4.90
N LYS B 62 7.91 4.53 4.10
CA LYS B 62 6.63 5.05 4.67
C LYS B 62 6.23 4.07 5.78
N ALA B 63 6.91 2.95 5.82
CA ALA B 63 6.63 1.90 6.84
C ALA B 63 6.53 2.49 8.25
N LYS B 64 5.52 2.09 8.99
CA LYS B 64 5.34 2.57 10.39
C LYS B 64 5.75 1.41 11.32
N CYS B 65 7.00 1.38 11.71
CA CYS B 65 7.48 0.26 12.56
C CYS B 65 6.74 0.18 13.89
N SER B 66 6.42 -1.04 14.27
CA SER B 66 5.73 -1.30 15.56
C SER B 66 6.32 -2.58 16.15
N GLU B 67 6.12 -2.87 17.41
CA GLU B 67 6.73 -4.10 17.98
C GLU B 67 6.02 -5.35 17.42
N ARG B 68 4.75 -5.28 17.17
CA ARG B 68 4.04 -6.48 16.63
C ARG B 68 4.48 -6.70 15.18
N GLY B 69 5.06 -5.68 14.60
CA GLY B 69 5.53 -5.78 13.18
C GLY B 69 5.27 -4.45 12.48
N VAL B 70 5.59 -4.32 11.22
CA VAL B 70 5.35 -3.05 10.51
C VAL B 70 3.87 -2.93 10.12
N VAL B 71 3.42 -1.74 9.84
CA VAL B 71 2.00 -1.56 9.41
C VAL B 71 1.93 -0.34 8.50
N ILE B 72 1.11 -0.38 7.49
CA ILE B 72 0.99 0.78 6.54
C ILE B 72 -0.47 1.11 6.27
N ASN B 73 -0.78 2.37 6.09
CA ASN B 73 -2.20 2.76 5.82
C ASN B 73 -2.48 2.67 4.32
N ALA B 74 -3.58 2.06 3.98
CA ALA B 74 -3.95 1.90 2.54
C ALA B 74 -3.77 3.23 1.79
N GLU B 75 -3.57 4.32 2.48
CA GLU B 75 -3.38 5.62 1.78
C GLU B 75 -1.94 5.73 1.29
N ASP B 76 -1.03 4.99 1.84
CA ASP B 76 0.38 5.04 1.34
C ASP B 76 0.53 4.03 0.20
N VAL B 77 -0.29 3.01 0.20
CA VAL B 77 -0.21 2.00 -0.90
C VAL B 77 -1.11 2.44 -2.06
N GLN B 78 -2.20 3.10 -1.76
CA GLN B 78 -3.09 3.59 -2.84
C GLN B 78 -2.39 4.72 -3.58
N LEU B 79 -1.60 5.50 -2.89
CA LEU B 79 -0.86 6.61 -3.56
C LEU B 79 0.45 6.06 -4.13
N ALA B 80 0.90 4.93 -3.68
CA ALA B 80 2.15 4.34 -4.24
C ALA B 80 1.79 3.49 -5.46
N LEU B 81 0.63 2.88 -5.43
CA LEU B 81 0.20 2.05 -6.60
C LEU B 81 -0.48 2.92 -7.64
N ASN B 82 -1.04 4.03 -7.24
CA ASN B 82 -1.72 4.93 -8.24
C ASN B 82 -0.71 5.94 -8.78
N LYS B 83 0.44 6.03 -8.16
CA LYS B 83 1.47 7.00 -8.64
C LYS B 83 2.33 6.35 -9.74
N HIS B 84 2.20 5.06 -9.94
CA HIS B 84 3.00 4.37 -10.98
C HIS B 84 2.07 3.91 -12.12
N MET B 85 0.94 4.54 -12.26
CA MET B 85 -0.02 4.14 -13.35
C MET B 85 0.18 5.07 -14.55
N ASN B 86 0.83 4.60 -15.57
CA ASN B 86 1.06 5.45 -16.77
C ASN B 86 -0.28 5.69 -17.48
N ASN A 1 -9.21 -20.64 -11.93
CA ASN A 1 -7.86 -20.02 -12.08
C ASN A 1 -7.02 -20.32 -10.84
N LEU A 2 -7.58 -20.15 -9.67
CA LEU A 2 -6.80 -20.42 -8.43
C LEU A 2 -6.60 -21.94 -8.29
N ASP A 3 -5.81 -22.52 -9.13
CA ASP A 3 -5.56 -23.99 -9.06
C ASP A 3 -4.70 -24.30 -7.83
N SER A 4 -5.01 -23.70 -6.71
CA SER A 4 -4.21 -23.96 -5.48
C SER A 4 -2.73 -23.71 -5.78
N ASN A 5 -1.89 -23.83 -4.79
CA ASN A 5 -0.43 -23.60 -5.01
C ASN A 5 0.35 -24.04 -3.77
N MET A 6 0.98 -25.18 -3.83
CA MET A 6 1.76 -25.65 -2.65
C MET A 6 3.04 -24.82 -2.51
N PHE A 7 3.29 -24.29 -1.34
CA PHE A 7 4.52 -23.48 -1.15
C PHE A 7 5.76 -24.35 -1.37
N SER A 8 6.83 -23.77 -1.84
CA SER A 8 8.07 -24.58 -2.08
C SER A 8 8.55 -25.17 -0.75
N ASN A 9 9.68 -25.83 -0.77
CA ASN A 9 10.20 -26.43 0.49
C ASN A 9 10.38 -25.33 1.55
N ASP A 10 10.49 -25.71 2.80
CA ASP A 10 10.66 -24.69 3.87
C ASP A 10 11.01 -25.39 5.19
N PHE A 11 11.96 -26.28 5.17
CA PHE A 11 12.34 -27.00 6.43
C PHE A 11 13.76 -27.53 6.29
N ASN A 12 14.46 -27.15 5.25
CA ASN A 12 15.86 -27.64 5.07
C ASN A 12 16.73 -27.11 6.21
N PHE A 13 17.24 -25.92 6.07
CA PHE A 13 18.10 -25.35 7.14
C PHE A 13 18.12 -23.82 7.03
N GLU A 14 18.78 -23.30 6.02
CA GLU A 14 18.83 -21.82 5.85
C GLU A 14 19.48 -21.49 4.50
N ASN A 15 19.51 -22.43 3.60
CA ASN A 15 20.13 -22.17 2.28
C ASN A 15 19.28 -21.18 1.49
N GLN A 16 18.04 -21.53 1.23
CA GLN A 16 17.15 -20.60 0.48
C GLN A 16 15.71 -21.11 0.54
N PHE A 17 14.76 -20.22 0.42
CA PHE A 17 13.33 -20.64 0.47
C PHE A 17 12.47 -19.56 -0.18
N ASP A 18 11.62 -19.94 -1.10
CA ASP A 18 10.75 -18.95 -1.78
C ASP A 18 9.89 -18.22 -0.74
N GLU A 19 8.63 -18.59 -0.65
CA GLU A 19 7.74 -17.92 0.34
C GLU A 19 7.62 -16.43 0.01
N GLN A 20 6.44 -15.88 0.09
CA GLN A 20 6.26 -14.44 -0.22
C GLN A 20 6.69 -13.58 0.98
N VAL A 21 6.57 -14.12 2.17
CA VAL A 21 6.96 -13.35 3.39
C VAL A 21 8.40 -13.69 3.72
N SER A 22 9.32 -13.22 2.92
CA SER A 22 10.76 -13.52 3.12
C SER A 22 11.58 -12.23 3.04
N GLU A 23 12.64 -12.26 2.27
CA GLU A 23 13.50 -11.06 2.12
C GLU A 23 12.64 -9.82 1.89
N PHE A 24 11.55 -9.97 1.18
CA PHE A 24 10.67 -8.80 0.93
C PHE A 24 10.10 -8.28 2.24
N CYS A 25 9.47 -9.14 3.01
CA CYS A 25 8.87 -8.70 4.30
C CYS A 25 9.92 -8.71 5.41
N SER A 26 10.75 -9.71 5.46
CA SER A 26 11.78 -9.79 6.53
C SER A 26 12.75 -8.59 6.48
N LYS A 27 12.93 -7.99 5.32
CA LYS A 27 13.84 -6.81 5.25
C LYS A 27 13.01 -5.54 5.44
N MET A 28 11.77 -5.59 5.06
CA MET A 28 10.91 -4.41 5.28
C MET A 28 10.79 -4.21 6.78
N ASN A 29 11.09 -5.25 7.55
CA ASN A 29 11.01 -5.09 9.03
C ASN A 29 12.34 -4.47 9.44
N GLN A 30 13.40 -4.87 8.78
CA GLN A 30 14.77 -4.31 9.06
C GLN A 30 14.64 -2.83 9.41
N VAL A 31 13.75 -2.16 8.73
CA VAL A 31 13.53 -0.71 9.01
C VAL A 31 13.41 -0.48 10.53
N CYS A 32 13.27 -1.54 11.29
CA CYS A 32 13.18 -1.41 12.77
C CYS A 32 14.60 -1.46 13.35
N GLY A 33 15.19 -2.62 13.41
CA GLY A 33 16.57 -2.74 13.96
C GLY A 33 17.60 -2.47 12.86
N THR A 34 18.62 -1.71 13.14
CA THR A 34 19.65 -1.42 12.11
C THR A 34 20.63 -2.60 12.04
N ARG A 35 20.77 -3.19 10.89
CA ARG A 35 21.72 -4.34 10.76
C ARG A 35 23.16 -3.83 10.88
N ASN B 1 -16.28 41.27 9.49
CA ASN B 1 -15.36 40.75 8.44
C ASN B 1 -13.93 40.72 8.98
N GLY B 2 -12.97 40.50 8.12
CA GLY B 2 -11.55 40.45 8.59
C GLY B 2 -10.64 40.14 7.40
N SER B 3 -9.35 40.15 7.62
CA SER B 3 -8.41 39.86 6.50
C SER B 3 -7.01 39.59 7.08
N SER B 4 -6.83 38.46 7.71
CA SER B 4 -5.49 38.15 8.29
C SER B 4 -5.48 36.69 8.75
N LEU B 5 -4.48 35.94 8.34
CA LEU B 5 -4.40 34.51 8.76
C LEU B 5 -5.70 33.80 8.37
N GLN B 6 -6.42 34.32 7.40
CA GLN B 6 -7.69 33.68 6.99
C GLN B 6 -8.58 33.47 8.22
N ASN B 7 -9.29 34.48 8.62
CA ASN B 7 -10.18 34.34 9.82
C ASN B 7 -11.47 33.64 9.40
N ALA B 8 -12.38 34.36 8.80
CA ALA B 8 -13.66 33.74 8.37
C ALA B 8 -13.38 32.56 7.44
N ASP B 9 -13.89 31.40 7.75
CA ASP B 9 -13.65 30.21 6.88
C ASP B 9 -14.54 29.05 7.35
N LYS B 10 -15.79 29.06 6.97
CA LYS B 10 -16.70 27.96 7.38
C LYS B 10 -18.01 28.06 6.60
N ILE B 11 -18.32 29.23 6.10
CA ILE B 11 -19.59 29.40 5.34
C ILE B 11 -19.56 28.49 4.10
N ASN B 12 -18.39 28.15 3.63
CA ASN B 12 -18.30 27.27 2.42
C ASN B 12 -18.84 25.88 2.76
N ASN B 13 -20.13 25.71 2.71
CA ASN B 13 -20.72 24.38 3.03
C ASN B 13 -20.35 23.38 1.93
N GLY B 14 -20.53 22.12 2.18
CA GLY B 14 -20.18 21.10 1.15
C GLY B 14 -20.39 19.70 1.73
N ASN B 15 -21.45 19.50 2.46
CA ASN B 15 -21.72 18.16 3.04
C ASN B 15 -22.08 17.17 1.93
N ASP B 16 -22.31 17.67 0.74
CA ASP B 16 -22.68 16.77 -0.38
C ASP B 16 -21.40 16.13 -0.95
N ASN B 17 -20.50 16.94 -1.44
CA ASN B 17 -19.24 16.37 -2.01
C ASN B 17 -18.48 15.62 -0.92
N ASP B 18 -18.34 16.21 0.23
CA ASP B 18 -17.60 15.52 1.34
C ASP B 18 -16.23 15.08 0.83
N ASN B 19 -15.55 14.25 1.58
CA ASN B 19 -14.20 13.78 1.14
C ASN B 19 -14.35 12.90 -0.10
N ASP B 20 -14.21 13.47 -1.26
CA ASP B 20 -14.34 12.65 -2.50
C ASP B 20 -15.65 11.85 -2.45
N ASN B 21 -15.59 10.63 -1.97
CA ASN B 21 -16.83 9.80 -1.89
C ASN B 21 -16.64 8.72 -0.83
N ASP B 22 -16.89 9.04 0.41
CA ASP B 22 -16.73 8.03 1.49
C ASP B 22 -17.94 7.09 1.51
N VAL B 23 -18.00 6.17 0.58
CA VAL B 23 -19.16 5.23 0.54
C VAL B 23 -19.00 4.21 1.67
N VAL B 24 -18.11 4.47 2.58
CA VAL B 24 -17.88 3.54 3.71
C VAL B 24 -17.53 4.35 4.97
N PRO B 25 -18.50 5.08 5.50
CA PRO B 25 -18.27 5.90 6.70
C PRO B 25 -17.83 5.02 7.87
N SER B 26 -16.54 4.89 8.08
CA SER B 26 -16.05 4.04 9.20
C SER B 26 -14.54 4.24 9.35
N LYS B 27 -13.85 3.29 9.93
CA LYS B 27 -12.38 3.43 10.09
C LYS B 27 -11.72 3.53 8.72
N GLU B 28 -11.78 4.67 8.11
CA GLU B 28 -11.16 4.83 6.76
C GLU B 28 -9.66 4.60 6.86
N GLY B 29 -9.07 4.00 5.85
CA GLY B 29 -7.60 3.74 5.88
C GLY B 29 -7.30 2.62 6.87
N SER B 30 -7.25 1.40 6.41
CA SER B 30 -6.96 0.25 7.33
C SER B 30 -5.45 0.02 7.42
N LEU B 31 -5.05 -0.74 8.38
CA LEU B 31 -3.61 -1.05 8.57
C LEU B 31 -3.28 -2.37 7.88
N LEU B 32 -2.35 -2.34 6.94
CA LEU B 32 -1.96 -3.59 6.22
C LEU B 32 -0.44 -3.77 6.29
N ARG B 33 0.03 -4.99 6.27
CA ARG B 33 1.51 -5.23 6.36
C ARG B 33 2.14 -5.19 4.97
N CYS B 34 3.21 -5.92 4.77
CA CYS B 34 3.90 -5.92 3.45
C CYS B 34 3.21 -6.89 2.49
N SER B 35 3.65 -8.13 2.46
CA SER B 35 3.04 -9.12 1.53
C SER B 35 1.51 -9.01 1.58
N GLU B 36 1.00 -8.49 2.66
CA GLU B 36 -0.47 -8.33 2.79
C GLU B 36 -0.99 -7.67 1.52
N ILE B 37 -0.24 -6.71 1.02
CA ILE B 37 -0.67 -6.00 -0.19
C ILE B 37 -0.61 -6.97 -1.37
N TRP B 38 0.35 -7.87 -1.36
CA TRP B 38 0.47 -8.86 -2.47
C TRP B 38 -0.91 -9.41 -2.75
N ASP B 39 -1.68 -9.61 -1.72
CA ASP B 39 -3.07 -10.10 -1.94
C ASP B 39 -3.84 -8.99 -2.65
N ARG B 40 -3.66 -7.76 -2.23
CA ARG B 40 -4.37 -6.61 -2.89
C ARG B 40 -4.01 -6.60 -4.38
N ILE B 41 -2.77 -6.88 -4.68
CA ILE B 41 -2.27 -6.90 -6.09
C ILE B 41 -2.75 -8.15 -6.83
N THR B 42 -2.57 -9.30 -6.26
CA THR B 42 -2.99 -10.56 -6.96
C THR B 42 -4.51 -10.53 -7.23
N THR B 43 -5.30 -10.27 -6.23
CA THR B 43 -6.78 -10.23 -6.44
C THR B 43 -7.14 -9.20 -7.51
N HIS B 44 -6.58 -8.02 -7.43
CA HIS B 44 -6.91 -6.97 -8.43
C HIS B 44 -6.74 -7.53 -9.86
N PRO B 45 -7.83 -7.71 -10.61
CA PRO B 45 -7.71 -8.23 -11.99
C PRO B 45 -6.91 -7.22 -12.83
N LYS B 46 -6.45 -6.17 -12.23
CA LYS B 46 -5.68 -5.15 -12.99
C LYS B 46 -4.32 -5.74 -13.39
N TYR B 47 -3.25 -5.35 -12.73
CA TYR B 47 -1.91 -5.90 -13.10
C TYR B 47 -1.60 -5.54 -14.56
N SER B 48 -0.47 -4.94 -14.82
CA SER B 48 -0.14 -4.58 -16.23
C SER B 48 1.30 -4.07 -16.29
N ASP B 49 1.50 -2.84 -16.68
CA ASP B 49 2.89 -2.28 -16.75
C ASP B 49 3.19 -1.51 -15.47
N ILE B 50 3.25 -2.19 -14.36
CA ILE B 50 3.52 -1.50 -13.05
C ILE B 50 5.02 -1.62 -12.73
N ASP B 51 5.47 -0.95 -11.70
CA ASP B 51 6.91 -1.01 -11.29
C ASP B 51 6.98 -1.53 -9.85
N VAL B 52 7.51 -2.70 -9.66
CA VAL B 52 7.60 -3.25 -8.28
C VAL B 52 8.79 -2.62 -7.55
N ASP B 53 9.67 -2.02 -8.30
CA ASP B 53 10.88 -1.39 -7.67
C ASP B 53 10.51 -0.08 -6.97
N GLY B 54 9.67 0.71 -7.57
CA GLY B 54 9.30 2.01 -6.92
C GLY B 54 8.59 1.75 -5.60
N LEU B 55 7.72 0.77 -5.54
CA LEU B 55 7.04 0.50 -4.25
C LEU B 55 8.09 0.01 -3.27
N CYS B 56 9.16 -0.54 -3.79
CA CYS B 56 10.23 -1.04 -2.88
C CYS B 56 10.82 0.12 -2.08
N SER B 57 11.27 1.17 -2.73
CA SER B 57 11.87 2.32 -1.97
C SER B 57 10.79 3.30 -1.48
N GLU B 58 9.58 3.17 -1.95
CA GLU B 58 8.47 4.07 -1.47
C GLU B 58 7.62 3.34 -0.44
N LEU B 59 7.44 2.05 -0.59
CA LEU B 59 6.61 1.29 0.39
C LEU B 59 7.50 0.78 1.54
N MET B 60 8.79 0.66 1.32
CA MET B 60 9.69 0.12 2.40
C MET B 60 10.14 1.21 3.39
N ALA B 61 10.09 2.47 3.01
CA ALA B 61 10.53 3.56 3.97
C ALA B 61 9.32 4.26 4.56
N LYS B 62 8.14 3.99 4.07
CA LYS B 62 6.94 4.61 4.70
C LYS B 62 6.53 3.69 5.84
N ALA B 63 7.20 2.57 5.92
CA ALA B 63 6.93 1.54 6.96
C ALA B 63 6.69 2.19 8.34
N LYS B 64 5.73 1.69 9.06
CA LYS B 64 5.44 2.21 10.43
C LYS B 64 5.81 1.12 11.44
N CYS B 65 7.03 1.15 11.92
CA CYS B 65 7.50 0.10 12.87
C CYS B 65 6.56 0.00 14.10
N SER B 66 5.96 -1.15 14.23
CA SER B 66 5.06 -1.43 15.39
C SER B 66 5.27 -2.89 15.82
N GLU B 67 4.90 -3.27 17.01
CA GLU B 67 5.12 -4.68 17.42
C GLU B 67 4.27 -5.59 16.52
N ARG B 68 3.23 -5.08 15.94
CA ARG B 68 2.40 -5.90 15.02
C ARG B 68 3.12 -5.95 13.67
N GLY B 69 4.43 -5.96 13.71
CA GLY B 69 5.22 -5.98 12.44
C GLY B 69 5.05 -4.60 11.79
N VAL B 70 5.50 -4.43 10.58
CA VAL B 70 5.34 -3.11 9.91
C VAL B 70 3.90 -2.97 9.40
N VAL B 71 3.32 -1.79 9.49
CA VAL B 71 1.91 -1.62 8.98
C VAL B 71 1.86 -0.37 8.09
N ILE B 72 1.19 -0.48 6.97
CA ILE B 72 1.09 0.66 6.01
C ILE B 72 -0.36 1.15 5.95
N ASN B 73 -0.58 2.43 5.80
CA ASN B 73 -1.98 2.93 5.70
C ASN B 73 -2.40 2.90 4.23
N ALA B 74 -3.53 2.34 3.94
CA ALA B 74 -4.00 2.24 2.53
C ALA B 74 -3.83 3.59 1.80
N GLU B 75 -3.60 4.65 2.54
CA GLU B 75 -3.45 5.99 1.90
C GLU B 75 -2.03 6.19 1.36
N ASP B 76 -1.05 5.53 1.91
CA ASP B 76 0.34 5.70 1.36
C ASP B 76 0.50 4.77 0.16
N VAL B 77 0.20 3.51 0.32
CA VAL B 77 0.30 2.60 -0.86
C VAL B 77 -0.53 3.20 -2.00
N GLN B 78 -1.75 3.57 -1.75
CA GLN B 78 -2.59 4.18 -2.82
C GLN B 78 -1.84 5.36 -3.44
N LEU B 79 -1.05 6.06 -2.66
CA LEU B 79 -0.29 7.22 -3.22
C LEU B 79 0.98 6.70 -3.91
N ALA B 80 1.49 5.57 -3.51
CA ALA B 80 2.72 5.02 -4.18
C ALA B 80 2.30 4.19 -5.39
N LEU B 81 1.21 3.48 -5.32
CA LEU B 81 0.78 2.68 -6.51
C LEU B 81 0.21 3.64 -7.56
N ASN B 82 -0.92 4.22 -7.28
CA ASN B 82 -1.54 5.17 -8.27
C ASN B 82 -0.48 6.17 -8.76
N LYS B 83 0.67 6.20 -8.15
CA LYS B 83 1.72 7.17 -8.60
C LYS B 83 2.37 6.65 -9.88
N HIS B 84 3.30 5.74 -9.77
CA HIS B 84 4.01 5.22 -10.99
C HIS B 84 3.04 4.54 -11.96
N MET B 85 1.77 4.89 -11.95
CA MET B 85 0.81 4.25 -12.90
C MET B 85 0.69 5.11 -14.16
N ASN B 86 1.35 4.73 -15.21
CA ASN B 86 1.28 5.52 -16.47
C ASN B 86 1.61 6.98 -16.18
N ASN A 1 -3.04 -17.76 -13.30
CA ASN A 1 -1.63 -17.82 -12.86
C ASN A 1 -1.43 -19.00 -11.91
N LEU A 2 -0.33 -19.05 -11.21
CA LEU A 2 -0.05 -20.17 -10.26
C LEU A 2 0.31 -19.59 -8.89
N ASP A 3 1.52 -19.12 -8.74
CA ASP A 3 1.94 -18.55 -7.42
C ASP A 3 1.76 -19.60 -6.33
N SER A 4 1.39 -20.80 -6.70
CA SER A 4 1.19 -21.86 -5.68
C SER A 4 2.55 -22.44 -5.28
N ASN A 5 3.49 -21.60 -4.93
CA ASN A 5 4.84 -22.10 -4.54
C ASN A 5 4.69 -23.19 -3.48
N MET A 6 5.03 -24.42 -3.81
CA MET A 6 4.92 -25.52 -2.83
C MET A 6 6.10 -25.47 -1.86
N PHE A 7 5.93 -25.98 -0.67
CA PHE A 7 7.05 -25.95 0.32
C PHE A 7 8.17 -26.88 -0.17
N SER A 8 9.37 -26.36 -0.29
CA SER A 8 10.50 -27.21 -0.76
C SER A 8 10.12 -27.88 -2.08
N ASN A 9 11.00 -28.68 -2.62
CA ASN A 9 10.69 -29.36 -3.91
C ASN A 9 11.75 -30.43 -4.19
N ASP A 10 11.75 -31.49 -3.43
CA ASP A 10 12.77 -32.56 -3.65
C ASP A 10 12.41 -33.34 -4.93
N PHE A 11 11.15 -33.43 -5.24
CA PHE A 11 10.74 -34.19 -6.46
C PHE A 11 11.26 -33.48 -7.70
N ASN A 12 10.69 -32.35 -8.04
CA ASN A 12 11.15 -31.61 -9.24
C ASN A 12 10.50 -30.22 -9.27
N PHE A 13 10.58 -29.53 -10.36
CA PHE A 13 9.97 -28.18 -10.45
C PHE A 13 10.77 -27.22 -9.56
N GLU A 14 11.84 -26.68 -10.08
CA GLU A 14 12.67 -25.74 -9.28
C GLU A 14 12.09 -24.33 -9.40
N ASN A 15 10.86 -24.15 -9.04
CA ASN A 15 10.25 -22.79 -9.12
C ASN A 15 10.93 -21.87 -8.11
N GLN A 16 12.09 -21.34 -8.45
CA GLN A 16 12.80 -20.44 -7.52
C GLN A 16 12.92 -21.11 -6.15
N PHE A 17 13.57 -20.46 -5.21
CA PHE A 17 13.72 -21.07 -3.86
C PHE A 17 12.44 -20.86 -3.06
N ASP A 18 12.01 -21.85 -2.34
CA ASP A 18 10.76 -21.70 -1.53
C ASP A 18 11.05 -20.82 -0.30
N GLU A 19 11.46 -21.43 0.78
CA GLU A 19 11.77 -20.64 2.01
C GLU A 19 10.58 -19.73 2.34
N GLN A 20 9.38 -20.19 2.09
CA GLN A 20 8.17 -19.37 2.39
C GLN A 20 8.15 -18.09 1.53
N VAL A 21 9.27 -17.71 0.97
CA VAL A 21 9.30 -16.48 0.14
C VAL A 21 8.89 -15.29 0.99
N SER A 22 9.83 -14.41 1.19
CA SER A 22 9.56 -13.20 1.98
C SER A 22 10.81 -12.33 2.03
N GLU A 23 11.76 -12.53 1.16
CA GLU A 23 12.97 -11.66 1.19
C GLU A 23 12.44 -10.23 1.24
N PHE A 24 11.21 -10.09 0.83
CA PHE A 24 10.55 -8.76 0.86
C PHE A 24 10.10 -8.43 2.28
N CYS A 25 9.18 -9.18 2.81
CA CYS A 25 8.72 -8.91 4.19
C CYS A 25 9.92 -8.99 5.15
N SER A 26 10.76 -9.97 4.97
CA SER A 26 11.94 -10.13 5.86
C SER A 26 12.78 -8.84 5.90
N LYS A 27 12.84 -8.11 4.81
CA LYS A 27 13.60 -6.82 4.82
C LYS A 27 12.62 -5.67 4.99
N MET A 28 11.36 -5.91 4.80
CA MET A 28 10.38 -4.83 5.03
C MET A 28 10.24 -4.69 6.53
N ASN A 29 10.59 -5.71 7.28
CA ASN A 29 10.51 -5.60 8.77
C ASN A 29 11.79 -4.90 9.20
N GLN A 30 12.89 -5.30 8.60
CA GLN A 30 14.22 -4.67 8.90
C GLN A 30 14.02 -3.17 9.16
N VAL A 31 13.14 -2.56 8.39
CA VAL A 31 12.85 -1.10 8.60
C VAL A 31 12.68 -0.83 10.10
N CYS A 32 12.46 -1.86 10.88
CA CYS A 32 12.31 -1.70 12.35
C CYS A 32 13.69 -1.72 13.00
N GLY A 33 14.69 -1.27 12.29
CA GLY A 33 16.08 -1.26 12.88
C GLY A 33 16.29 0.04 13.66
N THR A 34 16.50 -0.04 14.93
CA THR A 34 16.71 1.19 15.76
C THR A 34 18.21 1.40 15.98
N ARG A 35 18.84 2.19 15.15
CA ARG A 35 20.30 2.42 15.31
C ARG A 35 21.03 1.08 15.51
N ASN B 1 -20.73 33.24 24.26
CA ASN B 1 -21.62 32.38 25.08
C ASN B 1 -20.78 31.38 25.87
N GLY B 2 -20.08 30.50 25.20
CA GLY B 2 -19.23 29.51 25.91
C GLY B 2 -18.68 28.50 24.91
N SER B 3 -19.52 27.90 24.11
CA SER B 3 -19.03 26.90 23.12
C SER B 3 -18.22 25.83 23.83
N SER B 4 -18.20 25.84 25.14
CA SER B 4 -17.43 24.82 25.89
C SER B 4 -18.24 23.52 25.95
N LEU B 5 -19.05 23.37 26.96
CA LEU B 5 -19.87 22.13 27.08
C LEU B 5 -20.94 22.34 28.16
N GLN B 6 -22.20 22.32 27.79
CA GLN B 6 -23.27 22.52 28.80
C GLN B 6 -24.57 21.89 28.28
N ASN B 7 -24.62 20.59 28.20
CA ASN B 7 -25.85 19.91 27.70
C ASN B 7 -25.88 18.47 28.21
N ALA B 8 -26.71 18.19 29.18
CA ALA B 8 -26.79 16.80 29.71
C ALA B 8 -28.01 16.67 30.62
N ASP B 9 -28.80 17.71 30.71
CA ASP B 9 -30.01 17.63 31.58
C ASP B 9 -30.98 16.57 31.03
N LYS B 10 -32.25 16.73 31.27
CA LYS B 10 -33.22 15.73 30.76
C LYS B 10 -32.82 14.33 31.22
N ILE B 11 -32.91 13.36 30.35
CA ILE B 11 -32.53 11.97 30.74
C ILE B 11 -32.00 11.22 29.51
N ASN B 12 -30.72 11.31 29.26
CA ASN B 12 -30.14 10.61 28.08
C ASN B 12 -30.27 9.11 28.26
N ASN B 13 -30.13 8.36 27.20
CA ASN B 13 -30.25 6.87 27.32
C ASN B 13 -29.55 6.22 26.12
N GLY B 14 -28.38 6.67 25.78
CA GLY B 14 -27.65 6.07 24.63
C GLY B 14 -26.37 6.86 24.37
N ASN B 15 -25.25 6.33 24.79
CA ASN B 15 -23.96 7.05 24.57
C ASN B 15 -22.80 6.04 24.62
N ASP B 16 -21.89 6.14 23.69
CA ASP B 16 -20.74 5.19 23.68
C ASP B 16 -19.81 5.49 24.87
N ASN B 17 -20.33 5.44 26.06
CA ASN B 17 -19.48 5.73 27.25
C ASN B 17 -18.77 7.08 27.06
N ASP B 18 -17.59 7.22 27.61
CA ASP B 18 -16.85 8.51 27.45
C ASP B 18 -16.62 8.79 25.97
N ASN B 19 -17.22 9.84 25.46
CA ASN B 19 -17.03 10.17 24.02
C ASN B 19 -15.63 10.74 23.81
N ASP B 20 -14.75 9.97 23.23
CA ASP B 20 -13.36 10.47 23.00
C ASP B 20 -13.39 11.63 22.01
N ASN B 21 -12.54 12.59 22.17
CA ASN B 21 -12.52 13.76 21.24
C ASN B 21 -12.18 13.28 19.83
N ASP B 22 -10.99 13.54 19.37
CA ASP B 22 -10.61 13.09 17.99
C ASP B 22 -9.11 13.33 17.78
N VAL B 23 -8.28 12.57 18.44
CA VAL B 23 -6.80 12.75 18.26
C VAL B 23 -6.12 11.38 18.35
N VAL B 24 -6.91 10.34 18.35
CA VAL B 24 -6.36 8.95 18.43
C VAL B 24 -6.60 8.16 17.12
N PRO B 25 -7.72 8.37 16.43
CA PRO B 25 -8.00 7.63 15.19
C PRO B 25 -7.03 8.06 14.09
N SER B 26 -6.29 7.14 13.54
CA SER B 26 -5.32 7.51 12.45
C SER B 26 -6.07 7.64 11.12
N LYS B 27 -5.39 7.46 10.03
CA LYS B 27 -6.06 7.58 8.70
C LYS B 27 -7.32 6.72 8.70
N GLU B 28 -8.28 7.03 7.86
CA GLU B 28 -9.53 6.23 7.83
C GLU B 28 -9.32 4.98 6.97
N GLY B 29 -8.10 4.56 6.81
CA GLY B 29 -7.81 3.34 6.00
C GLY B 29 -7.61 2.15 6.95
N SER B 30 -6.87 1.16 6.53
CA SER B 30 -6.62 -0.03 7.41
C SER B 30 -5.12 -0.24 7.58
N LEU B 31 -4.77 -0.99 8.58
CA LEU B 31 -3.34 -1.29 8.85
C LEU B 31 -2.89 -2.43 7.95
N LEU B 32 -1.93 -2.21 7.08
CA LEU B 32 -1.46 -3.31 6.17
C LEU B 32 0.05 -3.45 6.29
N ARG B 33 0.56 -4.66 6.13
CA ARG B 33 2.04 -4.91 6.29
C ARG B 33 2.71 -5.25 4.95
N CYS B 34 3.40 -6.37 4.90
CA CYS B 34 4.12 -6.76 3.64
C CYS B 34 3.21 -7.57 2.70
N SER B 35 3.32 -8.89 2.75
CA SER B 35 2.48 -9.74 1.84
C SER B 35 1.04 -9.22 1.84
N GLU B 36 0.67 -8.56 2.91
CA GLU B 36 -0.68 -7.99 3.00
C GLU B 36 -1.00 -7.25 1.70
N ILE B 37 -0.04 -6.55 1.17
CA ILE B 37 -0.28 -5.78 -0.07
C ILE B 37 -0.42 -6.77 -1.23
N TRP B 38 0.30 -7.87 -1.17
CA TRP B 38 0.21 -8.89 -2.26
C TRP B 38 -1.25 -9.09 -2.58
N ASP B 39 -2.09 -9.06 -1.58
CA ASP B 39 -3.54 -9.20 -1.84
C ASP B 39 -4.01 -7.91 -2.53
N ARG B 40 -3.55 -6.77 -2.08
CA ARG B 40 -3.96 -5.49 -2.74
C ARG B 40 -3.58 -5.55 -4.23
N ILE B 41 -2.53 -6.24 -4.56
CA ILE B 41 -2.08 -6.36 -5.98
C ILE B 41 -2.87 -7.46 -6.72
N THR B 42 -3.02 -8.61 -6.14
CA THR B 42 -3.76 -9.70 -6.83
C THR B 42 -5.10 -9.18 -7.35
N THR B 43 -5.77 -8.37 -6.59
CA THR B 43 -7.10 -7.84 -7.02
C THR B 43 -7.12 -7.50 -8.51
N HIS B 44 -6.31 -6.55 -8.94
CA HIS B 44 -6.32 -6.18 -10.38
C HIS B 44 -6.13 -7.45 -11.23
N PRO B 45 -6.83 -7.58 -12.35
CA PRO B 45 -6.67 -8.76 -13.21
C PRO B 45 -5.21 -8.83 -13.66
N LYS B 46 -4.48 -7.77 -13.45
CA LYS B 46 -3.05 -7.74 -13.85
C LYS B 46 -2.40 -6.47 -13.30
N TYR B 47 -1.22 -6.58 -12.76
CA TYR B 47 -0.52 -5.37 -12.20
C TYR B 47 -0.44 -4.25 -13.25
N SER B 48 -1.01 -4.44 -14.41
CA SER B 48 -0.95 -3.36 -15.45
C SER B 48 0.47 -2.83 -15.59
N ASP B 49 1.43 -3.70 -15.77
CA ASP B 49 2.84 -3.24 -15.94
C ASP B 49 3.21 -2.21 -14.87
N ILE B 50 3.03 -2.52 -13.61
CA ILE B 50 3.40 -1.57 -12.53
C ILE B 50 4.91 -1.72 -12.28
N ASP B 51 5.47 -0.89 -11.42
CA ASP B 51 6.93 -0.99 -11.11
C ASP B 51 7.06 -1.57 -9.70
N VAL B 52 7.49 -2.78 -9.58
CA VAL B 52 7.64 -3.37 -8.23
C VAL B 52 8.85 -2.77 -7.54
N ASP B 53 9.76 -2.22 -8.31
CA ASP B 53 10.99 -1.63 -7.71
C ASP B 53 10.67 -0.25 -7.14
N GLY B 54 9.94 0.56 -7.84
CA GLY B 54 9.60 1.91 -7.30
C GLY B 54 8.65 1.77 -6.11
N LEU B 55 7.55 1.11 -6.31
CA LEU B 55 6.59 0.93 -5.19
C LEU B 55 7.30 0.25 -4.02
N CYS B 56 8.40 -0.42 -4.27
CA CYS B 56 9.12 -1.10 -3.14
C CYS B 56 9.86 -0.06 -2.30
N SER B 57 10.52 0.90 -2.90
CA SER B 57 11.25 1.93 -2.10
C SER B 57 10.24 2.97 -1.59
N GLU B 58 8.99 2.80 -1.92
CA GLU B 58 7.94 3.74 -1.44
C GLU B 58 7.34 3.19 -0.14
N LEU B 59 7.05 1.91 -0.08
CA LEU B 59 6.44 1.34 1.17
C LEU B 59 7.56 0.95 2.17
N MET B 60 8.75 0.72 1.70
CA MET B 60 9.86 0.30 2.63
C MET B 60 10.18 1.41 3.64
N ALA B 61 10.05 2.66 3.29
CA ALA B 61 10.36 3.77 4.27
C ALA B 61 9.05 4.38 4.75
N LYS B 62 8.04 4.47 3.95
CA LYS B 62 6.77 5.02 4.47
C LYS B 62 6.32 4.09 5.60
N ALA B 63 6.95 2.94 5.66
CA ALA B 63 6.62 1.92 6.70
C ALA B 63 6.53 2.55 8.10
N LYS B 64 5.55 2.14 8.86
CA LYS B 64 5.38 2.65 10.26
C LYS B 64 5.77 1.51 11.21
N CYS B 65 7.01 1.45 11.60
CA CYS B 65 7.48 0.34 12.48
C CYS B 65 6.71 0.28 13.80
N SER B 66 6.36 -0.92 14.19
CA SER B 66 5.64 -1.17 15.48
C SER B 66 6.21 -2.45 16.07
N GLU B 67 6.00 -2.71 17.34
CA GLU B 67 6.59 -3.95 17.93
C GLU B 67 5.87 -5.19 17.39
N ARG B 68 4.58 -5.11 17.16
CA ARG B 68 3.86 -6.30 16.64
C ARG B 68 4.26 -6.51 15.17
N GLY B 69 4.83 -5.49 14.57
CA GLY B 69 5.27 -5.60 13.15
C GLY B 69 5.03 -4.25 12.46
N VAL B 70 5.36 -4.13 11.20
CA VAL B 70 5.14 -2.84 10.49
C VAL B 70 3.68 -2.71 10.09
N VAL B 71 3.24 -1.53 9.78
CA VAL B 71 1.83 -1.34 9.33
C VAL B 71 1.76 -0.12 8.40
N ILE B 72 0.97 -0.20 7.36
CA ILE B 72 0.85 0.95 6.40
C ILE B 72 -0.62 1.24 6.13
N ASN B 73 -0.99 2.48 6.03
CA ASN B 73 -2.41 2.83 5.77
C ASN B 73 -2.70 2.69 4.27
N ALA B 74 -3.78 2.03 3.95
CA ALA B 74 -4.15 1.84 2.52
C ALA B 74 -4.00 3.15 1.74
N GLU B 75 -3.82 4.26 2.42
CA GLU B 75 -3.69 5.56 1.69
C GLU B 75 -2.26 5.75 1.19
N ASP B 76 -1.28 5.10 1.77
CA ASP B 76 0.11 5.27 1.25
C ASP B 76 0.26 4.37 0.04
N VAL B 77 0.03 3.09 0.19
CA VAL B 77 0.11 2.18 -0.98
C VAL B 77 -0.74 2.76 -2.12
N GLN B 78 -1.99 3.05 -1.86
CA GLN B 78 -2.85 3.63 -2.94
C GLN B 78 -2.10 4.77 -3.64
N LEU B 79 -1.31 5.52 -2.91
CA LEU B 79 -0.53 6.61 -3.55
C LEU B 79 0.75 6.02 -4.16
N ALA B 80 1.16 4.86 -3.74
CA ALA B 80 2.37 4.24 -4.34
C ALA B 80 1.97 3.44 -5.57
N LEU B 81 0.81 2.85 -5.57
CA LEU B 81 0.37 2.07 -6.77
C LEU B 81 -0.31 2.99 -7.78
N ASN B 82 -0.84 4.10 -7.33
CA ASN B 82 -1.53 5.04 -8.28
C ASN B 82 -0.54 6.08 -8.82
N LYS B 83 0.57 6.26 -8.17
CA LYS B 83 1.57 7.27 -8.66
C LYS B 83 2.59 6.59 -9.57
N HIS B 84 2.61 5.28 -9.58
CA HIS B 84 3.58 4.54 -10.46
C HIS B 84 2.79 3.88 -11.60
N MET B 85 1.60 4.34 -11.86
CA MET B 85 0.78 3.75 -12.96
C MET B 85 0.93 4.61 -14.22
N ASN B 86 1.75 4.20 -15.13
CA ASN B 86 1.95 4.99 -16.38
C ASN B 86 0.65 4.99 -17.18
N ASN A 1 12.90 -42.81 4.54
CA ASN A 1 13.96 -41.93 5.09
C ASN A 1 15.22 -42.05 4.23
N LEU A 2 15.12 -42.70 3.10
CA LEU A 2 16.31 -42.86 2.22
C LEU A 2 16.70 -41.48 1.67
N ASP A 3 17.49 -40.74 2.40
CA ASP A 3 17.91 -39.39 1.91
C ASP A 3 16.67 -38.58 1.51
N SER A 4 15.55 -38.85 2.13
CA SER A 4 14.32 -38.10 1.80
C SER A 4 14.44 -36.66 2.32
N ASN A 5 15.03 -35.79 1.55
CA ASN A 5 15.18 -34.38 2.01
C ASN A 5 13.80 -33.71 2.05
N MET A 6 13.17 -33.71 3.19
CA MET A 6 11.82 -33.08 3.29
C MET A 6 11.98 -31.55 3.36
N PHE A 7 12.85 -31.01 2.56
CA PHE A 7 13.06 -29.53 2.58
C PHE A 7 13.94 -29.13 1.39
N SER A 8 14.33 -27.88 1.34
CA SER A 8 15.21 -27.44 0.21
C SER A 8 16.45 -28.31 0.14
N ASN A 9 16.74 -28.87 -1.01
CA ASN A 9 17.94 -29.73 -1.13
C ASN A 9 19.20 -28.90 -0.88
N ASP A 10 20.26 -29.51 -0.43
CA ASP A 10 21.51 -28.74 -0.17
C ASP A 10 22.10 -28.27 -1.51
N PHE A 11 23.12 -27.46 -1.46
CA PHE A 11 23.74 -26.96 -2.72
C PHE A 11 25.07 -26.28 -2.41
N ASN A 12 25.46 -26.26 -1.16
CA ASN A 12 26.74 -25.61 -0.79
C ASN A 12 26.77 -24.18 -1.31
N PHE A 13 27.75 -23.41 -0.93
CA PHE A 13 27.84 -22.01 -1.41
C PHE A 13 26.49 -21.32 -1.17
N GLU A 14 25.66 -21.87 -0.32
CA GLU A 14 24.33 -21.26 -0.04
C GLU A 14 24.04 -21.36 1.46
N ASN A 15 24.39 -22.46 2.06
CA ASN A 15 24.14 -22.63 3.52
C ASN A 15 22.68 -22.29 3.82
N GLN A 16 21.78 -22.58 2.91
CA GLN A 16 20.35 -22.27 3.15
C GLN A 16 19.83 -23.14 4.30
N PHE A 17 18.71 -22.79 4.87
CA PHE A 17 18.16 -23.61 5.99
C PHE A 17 16.67 -23.32 6.16
N ASP A 18 15.82 -24.25 5.82
CA ASP A 18 14.36 -24.03 5.96
C ASP A 18 13.97 -22.74 5.24
N GLU A 19 13.53 -22.84 4.01
CA GLU A 19 13.14 -21.62 3.25
C GLU A 19 12.11 -20.83 4.07
N GLN A 20 11.56 -19.78 3.52
CA GLN A 20 10.57 -18.98 4.28
C GLN A 20 9.95 -17.92 3.36
N VAL A 21 10.51 -17.73 2.19
CA VAL A 21 9.98 -16.71 1.21
C VAL A 21 9.48 -15.49 1.95
N SER A 22 10.33 -14.52 2.03
CA SER A 22 9.98 -13.24 2.68
C SER A 22 11.14 -12.29 2.62
N GLU A 23 12.00 -12.40 1.63
CA GLU A 23 13.12 -11.42 1.55
C GLU A 23 12.46 -10.05 1.60
N PHE A 24 11.18 -10.04 1.35
CA PHE A 24 10.41 -8.77 1.39
C PHE A 24 10.16 -8.39 2.85
N CYS A 25 9.38 -9.17 3.56
CA CYS A 25 9.11 -8.85 4.99
C CYS A 25 10.44 -8.86 5.76
N SER A 26 11.36 -9.67 5.31
CA SER A 26 12.68 -9.77 6.01
C SER A 26 13.40 -8.41 6.04
N LYS A 27 13.33 -7.63 4.98
CA LYS A 27 14.02 -6.30 5.00
C LYS A 27 13.00 -5.18 5.22
N MET A 28 11.75 -5.43 4.97
CA MET A 28 10.74 -4.37 5.25
C MET A 28 10.65 -4.24 6.77
N ASN A 29 10.99 -5.28 7.50
CA ASN A 29 10.92 -5.19 8.99
C ASN A 29 12.28 -4.64 9.45
N GLN A 30 13.34 -5.12 8.82
CA GLN A 30 14.73 -4.64 9.17
C GLN A 30 14.68 -3.16 9.55
N VAL A 31 13.84 -2.42 8.88
CA VAL A 31 13.71 -0.96 9.20
C VAL A 31 13.62 -0.78 10.72
N CYS A 32 13.39 -1.85 11.45
CA CYS A 32 13.29 -1.76 12.93
C CYS A 32 14.70 -1.92 13.53
N GLY A 33 15.72 -1.76 12.73
CA GLY A 33 17.10 -1.90 13.26
C GLY A 33 17.31 -0.95 14.44
N THR A 34 17.84 -1.45 15.52
CA THR A 34 18.08 -0.58 16.73
C THR A 34 19.52 -0.77 17.21
N ARG A 35 20.27 0.29 17.33
CA ARG A 35 21.68 0.18 17.79
C ARG A 35 22.24 1.57 18.09
N ASN B 1 -33.15 45.57 -14.11
CA ASN B 1 -31.99 44.85 -13.50
C ASN B 1 -30.69 45.29 -14.18
N GLY B 2 -30.70 46.44 -14.80
CA GLY B 2 -29.47 46.93 -15.48
C GLY B 2 -29.16 46.01 -16.67
N SER B 3 -28.77 44.80 -16.41
CA SER B 3 -28.44 43.86 -17.52
C SER B 3 -28.29 42.44 -16.98
N SER B 4 -28.15 41.48 -17.84
CA SER B 4 -27.99 40.07 -17.37
C SER B 4 -26.65 39.93 -16.65
N LEU B 5 -26.63 40.12 -15.37
CA LEU B 5 -25.35 39.99 -14.61
C LEU B 5 -24.88 38.54 -14.64
N GLN B 6 -25.71 37.63 -14.21
CA GLN B 6 -25.32 36.19 -14.21
C GLN B 6 -26.56 35.33 -13.93
N ASN B 7 -27.68 35.69 -14.51
CA ASN B 7 -28.91 34.89 -14.27
C ASN B 7 -28.85 33.60 -15.09
N ALA B 8 -28.69 33.73 -16.38
CA ALA B 8 -28.62 32.52 -17.24
C ALA B 8 -27.35 31.72 -16.88
N ASP B 9 -26.96 30.79 -17.71
CA ASP B 9 -25.75 30.00 -17.43
C ASP B 9 -25.40 29.12 -18.63
N LYS B 10 -25.93 27.94 -18.69
CA LYS B 10 -25.63 27.02 -19.84
C LYS B 10 -26.81 26.07 -20.05
N ILE B 11 -27.66 26.38 -21.00
CA ILE B 11 -28.84 25.49 -21.26
C ILE B 11 -29.65 25.30 -19.97
N ASN B 12 -29.24 24.39 -19.13
CA ASN B 12 -29.99 24.16 -17.87
C ASN B 12 -29.01 23.67 -16.78
N ASN B 13 -28.14 24.54 -16.33
CA ASN B 13 -27.16 24.13 -15.28
C ASN B 13 -26.38 22.90 -15.76
N GLY B 14 -25.34 22.54 -15.07
CA GLY B 14 -24.53 21.37 -15.49
C GLY B 14 -23.15 21.43 -14.83
N ASN B 15 -22.86 22.49 -14.13
CA ASN B 15 -21.54 22.61 -13.46
C ASN B 15 -21.52 21.73 -12.21
N ASP B 16 -22.25 20.65 -12.22
CA ASP B 16 -22.27 19.74 -11.05
C ASP B 16 -20.87 19.15 -10.82
N ASN B 17 -20.17 18.86 -11.88
CA ASN B 17 -18.80 18.28 -11.74
C ASN B 17 -17.89 19.30 -11.06
N ASP B 18 -17.93 20.53 -11.50
CA ASP B 18 -17.06 21.57 -10.89
C ASP B 18 -17.47 21.77 -9.43
N ASN B 19 -16.55 22.19 -8.60
CA ASN B 19 -16.88 22.41 -7.16
C ASN B 19 -15.72 23.14 -6.47
N ASP B 20 -15.77 23.27 -5.18
CA ASP B 20 -14.68 23.96 -4.45
C ASP B 20 -13.41 23.10 -4.50
N ASN B 21 -12.98 22.72 -5.67
CA ASN B 21 -11.76 21.89 -5.78
C ASN B 21 -11.90 20.65 -4.89
N ASP B 22 -10.85 20.29 -4.19
CA ASP B 22 -10.92 19.10 -3.29
C ASP B 22 -11.22 17.85 -4.13
N VAL B 23 -10.63 16.73 -3.78
CA VAL B 23 -10.86 15.47 -4.53
C VAL B 23 -10.75 14.31 -3.54
N VAL B 24 -11.48 13.26 -3.79
CA VAL B 24 -11.44 12.09 -2.88
C VAL B 24 -11.86 12.52 -1.46
N PRO B 25 -13.12 12.85 -1.30
CA PRO B 25 -13.64 13.28 0.01
C PRO B 25 -13.47 12.17 1.04
N SER B 26 -13.87 12.39 2.25
CA SER B 26 -13.73 11.34 3.30
C SER B 26 -12.26 10.95 3.42
N LYS B 27 -11.98 9.78 3.93
CA LYS B 27 -10.57 9.35 4.07
C LYS B 27 -10.52 7.87 4.48
N GLU B 28 -9.58 7.12 3.95
CA GLU B 28 -9.48 5.68 4.31
C GLU B 28 -8.00 5.25 4.26
N GLY B 29 -7.61 4.40 5.17
CA GLY B 29 -6.19 3.95 5.18
C GLY B 29 -6.04 2.80 6.19
N SER B 30 -6.21 1.58 5.76
CA SER B 30 -6.08 0.44 6.70
C SER B 30 -4.61 0.12 6.93
N LEU B 31 -4.35 -0.65 7.94
CA LEU B 31 -2.94 -1.03 8.27
C LEU B 31 -2.61 -2.36 7.57
N LEU B 32 -1.62 -2.36 6.69
CA LEU B 32 -1.24 -3.62 5.98
C LEU B 32 0.27 -3.84 6.15
N ARG B 33 0.73 -5.07 6.00
CA ARG B 33 2.19 -5.37 6.18
C ARG B 33 2.91 -5.50 4.83
N CYS B 34 3.85 -6.41 4.74
CA CYS B 34 4.65 -6.58 3.48
C CYS B 34 3.82 -7.26 2.38
N SER B 35 4.06 -8.54 2.14
CA SER B 35 3.30 -9.27 1.08
C SER B 35 1.81 -8.93 1.19
N GLU B 36 1.42 -8.39 2.31
CA GLU B 36 0.01 -8.00 2.50
C GLU B 36 -0.50 -7.29 1.25
N ILE B 37 0.33 -6.44 0.70
CA ILE B 37 -0.09 -5.68 -0.51
C ILE B 37 -0.17 -6.67 -1.67
N TRP B 38 0.69 -7.67 -1.67
CA TRP B 38 0.67 -8.68 -2.77
C TRP B 38 -0.78 -9.07 -3.02
N ASP B 39 -1.55 -9.16 -1.99
CA ASP B 39 -2.99 -9.47 -2.17
C ASP B 39 -3.65 -8.25 -2.84
N ARG B 40 -3.33 -7.07 -2.37
CA ARG B 40 -3.92 -5.84 -3.01
C ARG B 40 -3.59 -5.86 -4.51
N ILE B 41 -2.38 -6.21 -4.84
CA ILE B 41 -1.95 -6.29 -6.27
C ILE B 41 -2.60 -7.50 -6.95
N THR B 42 -2.57 -8.64 -6.33
CA THR B 42 -3.18 -9.84 -6.95
C THR B 42 -4.67 -9.60 -7.20
N THR B 43 -5.38 -9.15 -6.20
CA THR B 43 -6.85 -8.92 -6.37
C THR B 43 -7.13 -7.87 -7.45
N HIS B 44 -6.14 -7.50 -8.22
CA HIS B 44 -6.40 -6.49 -9.29
C HIS B 44 -7.29 -7.15 -10.35
N PRO B 45 -8.10 -6.40 -11.05
CA PRO B 45 -8.98 -7.00 -12.08
C PRO B 45 -8.11 -7.73 -13.10
N LYS B 46 -6.94 -7.20 -13.36
CA LYS B 46 -6.02 -7.84 -14.34
C LYS B 46 -4.67 -7.11 -14.28
N TYR B 47 -3.58 -7.83 -14.22
CA TYR B 47 -2.25 -7.18 -14.16
C TYR B 47 -2.10 -6.24 -15.35
N SER B 48 -0.93 -5.73 -15.59
CA SER B 48 -0.72 -4.81 -16.74
C SER B 48 0.74 -4.38 -16.80
N ASP B 49 1.14 -3.42 -16.02
CA ASP B 49 2.56 -2.97 -16.04
C ASP B 49 2.81 -1.97 -14.90
N ILE B 50 2.97 -2.46 -13.70
CA ILE B 50 3.22 -1.54 -12.54
C ILE B 50 4.73 -1.48 -12.26
N ASP B 51 5.13 -0.72 -11.27
CA ASP B 51 6.58 -0.60 -10.91
C ASP B 51 6.76 -1.11 -9.48
N VAL B 52 7.32 -2.27 -9.33
CA VAL B 52 7.52 -2.81 -7.96
C VAL B 52 8.77 -2.18 -7.35
N ASP B 53 9.60 -1.57 -8.15
CA ASP B 53 10.84 -0.94 -7.63
C ASP B 53 10.51 0.34 -6.85
N GLY B 54 9.69 1.19 -7.39
CA GLY B 54 9.35 2.45 -6.68
C GLY B 54 8.50 2.12 -5.45
N LEU B 55 7.56 1.23 -5.58
CA LEU B 55 6.70 0.87 -4.43
C LEU B 55 7.58 0.27 -3.33
N CYS B 56 8.74 -0.23 -3.69
CA CYS B 56 9.65 -0.83 -2.66
C CYS B 56 10.30 0.25 -1.81
N SER B 57 10.86 1.27 -2.41
CA SER B 57 11.51 2.35 -1.60
C SER B 57 10.44 3.31 -1.07
N GLU B 58 9.21 3.05 -1.39
CA GLU B 58 8.10 3.91 -0.91
C GLU B 58 7.44 3.28 0.33
N LEU B 59 7.10 2.01 0.30
CA LEU B 59 6.46 1.39 1.50
C LEU B 59 7.53 0.91 2.49
N MET B 60 8.74 0.73 2.02
CA MET B 60 9.82 0.22 2.93
C MET B 60 10.28 1.30 3.92
N ALA B 61 10.22 2.56 3.55
CA ALA B 61 10.67 3.65 4.51
C ALA B 61 9.44 4.34 5.11
N LYS B 62 8.26 4.02 4.66
CA LYS B 62 7.05 4.62 5.28
C LYS B 62 6.67 3.69 6.43
N ALA B 63 7.32 2.56 6.48
CA ALA B 63 7.06 1.53 7.54
C ALA B 63 6.91 2.18 8.91
N LYS B 64 5.99 1.69 9.70
CA LYS B 64 5.78 2.23 11.08
C LYS B 64 5.99 1.09 12.09
N CYS B 65 7.19 0.96 12.57
CA CYS B 65 7.53 -0.15 13.52
C CYS B 65 6.54 -0.21 14.69
N SER B 66 5.84 -1.31 14.79
CA SER B 66 4.88 -1.54 15.90
C SER B 66 4.96 -3.03 16.27
N GLU B 67 4.56 -3.41 17.46
CA GLU B 67 4.65 -4.86 17.81
C GLU B 67 3.76 -5.68 16.89
N ARG B 68 2.74 -5.08 16.32
CA ARG B 68 1.88 -5.85 15.38
C ARG B 68 2.62 -5.95 14.04
N GLY B 69 3.92 -6.04 14.10
CA GLY B 69 4.73 -6.12 12.84
C GLY B 69 4.73 -4.72 12.23
N VAL B 70 5.24 -4.55 11.04
CA VAL B 70 5.24 -3.20 10.42
C VAL B 70 3.85 -2.89 9.91
N VAL B 71 3.38 -1.67 10.05
CA VAL B 71 2.02 -1.31 9.54
C VAL B 71 2.08 0.01 8.77
N ILE B 72 1.44 0.05 7.64
CA ILE B 72 1.43 1.28 6.79
C ILE B 72 -0.01 1.57 6.35
N ASN B 73 -0.30 2.79 6.00
CA ASN B 73 -1.70 3.13 5.59
C ASN B 73 -1.89 2.88 4.08
N ALA B 74 -2.89 2.11 3.74
CA ALA B 74 -3.20 1.82 2.31
C ALA B 74 -3.23 3.14 1.52
N GLU B 75 -3.20 4.25 2.18
CA GLU B 75 -3.21 5.55 1.45
C GLU B 75 -1.83 5.80 0.85
N ASP B 76 -0.80 5.11 1.29
CA ASP B 76 0.55 5.30 0.68
C ASP B 76 0.68 4.34 -0.52
N VAL B 77 0.22 3.11 -0.39
CA VAL B 77 0.31 2.15 -1.53
C VAL B 77 -0.69 2.58 -2.62
N GLN B 78 -1.81 3.12 -2.23
CA GLN B 78 -2.83 3.56 -3.23
C GLN B 78 -2.31 4.79 -3.98
N LEU B 79 -1.64 5.69 -3.31
CA LEU B 79 -1.11 6.89 -4.00
C LEU B 79 0.25 6.53 -4.63
N ALA B 80 0.88 5.49 -4.19
CA ALA B 80 2.17 5.07 -4.81
C ALA B 80 1.85 4.18 -6.02
N LEU B 81 1.09 3.15 -5.81
CA LEU B 81 0.72 2.26 -6.94
C LEU B 81 0.05 3.09 -8.04
N ASN B 82 -1.14 3.58 -7.82
CA ASN B 82 -1.83 4.38 -8.89
C ASN B 82 -0.88 5.43 -9.48
N LYS B 83 0.26 5.64 -8.89
CA LYS B 83 1.22 6.66 -9.43
C LYS B 83 2.32 5.97 -10.24
N HIS B 84 3.17 6.75 -10.86
CA HIS B 84 4.26 6.16 -11.68
C HIS B 84 3.67 5.22 -12.71
N MET B 85 2.37 5.23 -12.85
CA MET B 85 1.67 4.33 -13.82
C MET B 85 1.45 5.07 -15.14
N ASN B 86 1.56 4.38 -16.25
CA ASN B 86 1.36 5.04 -17.56
C ASN B 86 0.92 3.99 -18.59
#